data_8WFM
#
_entry.id   8WFM
#
_cell.length_a   55.410
_cell.length_b   172.490
_cell.length_c   487.640
_cell.angle_alpha   90.00
_cell.angle_beta   90.00
_cell.angle_gamma   90.00
#
_symmetry.space_group_name_H-M   'C 2 2 21'
#
loop_
_entity.id
_entity.type
_entity.pdbx_description
1 polymer 'T11 scFv'
2 polymer 'Spike protein S1'
#
loop_
_entity_poly.entity_id
_entity_poly.type
_entity_poly.pdbx_seq_one_letter_code
_entity_poly.pdbx_strand_id
1 'polypeptide(L)'
;QVQLVESGAEVKKPGSSVKVSCKAPGGTFSSYAISWVRQAPGQGLEWMGGIIPIFGTPNYAQKFQGRVTITADESTSTAY
MELSSLRSEDTAVYYCARGYCGGDCYSLELVWYFDLWGRGTLVTVSSGGGGSGGGGSGGGGSQVVLTQPPSVSGAPGQRV
TISCTGSSSNIGAGYDVQWYQQLPGTAPKLLIYGNSNRPSGVPDRFSGSKSGTSASLAITGLQAEDEADYYCQSYDSSLS
GWVFGGGTKLTVLAA
;
A,C,E,G
2 'polypeptide(L)'
;RVQPTESIVRFPNITNLCPFDEVFNATRFASVYAWNRKRISNCVADYSVLYNLAPFFTFKCYGVSPTKLNDLCFTNVYAD
SFVIRGDEVRQIAPGQTGNIADYNYKLPDDFTGCVIAWNSNKLDSKVSGNYNYLYRLFRKSNLKPFERDISTEIYQAGNK
PCNGVAGFNCYFPLRSYSFRPTYGVGHQPYRVVVLSFELLHAPATVCGPKKSTNLVKNKCVNF
;
B,D,F,H
#
# COMPACT_ATOMS: atom_id res chain seq x y z
N VAL A 2 -30.19 30.20 28.55
CA VAL A 2 -29.01 30.45 29.38
C VAL A 2 -28.61 31.91 29.24
N GLN A 3 -28.29 32.57 30.36
CA GLN A 3 -27.85 33.96 30.34
C GLN A 3 -27.01 34.21 31.59
N LEU A 4 -25.83 34.82 31.42
CA LEU A 4 -24.95 35.07 32.57
C LEU A 4 -25.59 36.08 33.54
N VAL A 5 -25.65 35.70 34.82
CA VAL A 5 -26.29 36.49 35.85
C VAL A 5 -25.23 36.99 36.81
N GLU A 6 -25.20 38.30 37.04
CA GLU A 6 -24.15 38.93 37.81
C GLU A 6 -24.72 39.53 39.09
N SER A 7 -23.81 39.96 39.96
CA SER A 7 -24.23 40.59 41.20
C SER A 7 -24.69 42.02 40.93
N GLY A 8 -25.32 42.63 41.97
CA GLY A 8 -25.92 43.93 41.85
C GLY A 8 -24.93 45.08 41.98
N ALA A 9 -25.41 46.27 41.60
CA ALA A 9 -24.56 47.46 41.58
C ALA A 9 -24.06 47.77 42.98
N GLU A 10 -22.95 48.49 43.02
CA GLU A 10 -22.26 48.78 44.27
C GLU A 10 -21.80 50.23 44.23
N VAL A 11 -21.90 50.87 45.38
CA VAL A 11 -21.31 52.18 45.62
C VAL A 11 -20.19 51.93 46.64
N LYS A 12 -18.93 52.12 46.21
CA LYS A 12 -17.79 51.83 47.07
C LYS A 12 -16.96 53.09 47.30
N LYS A 13 -16.39 53.21 48.53
CA LYS A 13 -15.47 54.27 48.90
C LYS A 13 -14.10 54.07 48.25
N PRO A 14 -13.38 55.15 47.96
CA PRO A 14 -12.02 54.98 47.42
C PRO A 14 -11.16 54.18 48.40
N GLY A 15 -10.39 53.23 47.86
CA GLY A 15 -9.55 52.35 48.65
C GLY A 15 -10.11 50.96 48.89
N SER A 16 -11.43 50.76 48.72
CA SER A 16 -12.07 49.47 49.01
C SER A 16 -11.82 48.45 47.90
N SER A 17 -12.51 47.32 48.00
CA SER A 17 -12.46 46.27 47.00
C SER A 17 -13.89 45.79 46.68
N VAL A 18 -14.15 45.52 45.40
CA VAL A 18 -15.40 44.87 44.96
C VAL A 18 -15.08 43.43 44.63
N LYS A 19 -15.98 42.53 44.99
CA LYS A 19 -15.97 41.18 44.45
C LYS A 19 -17.26 41.04 43.66
N VAL A 20 -17.14 40.99 42.33
CA VAL A 20 -18.29 40.82 41.45
C VAL A 20 -18.44 39.36 41.09
N SER A 21 -19.62 38.81 41.37
CA SER A 21 -19.96 37.45 41.03
C SER A 21 -20.44 37.36 39.59
N CYS A 22 -20.45 36.12 39.07
CA CYS A 22 -20.94 35.86 37.71
C CYS A 22 -21.21 34.37 37.58
N LYS A 23 -22.47 34.01 37.29
CA LYS A 23 -22.94 32.64 37.35
C LYS A 23 -23.59 32.26 36.02
N ALA A 24 -23.35 31.00 35.59
CA ALA A 24 -24.02 30.42 34.43
C ALA A 24 -25.19 29.56 34.90
N PRO A 25 -26.45 30.00 34.72
CA PRO A 25 -27.63 29.36 35.35
C PRO A 25 -28.04 28.09 34.62
N PHE A 29 -19.86 25.33 32.56
CA PHE A 29 -18.88 26.38 32.30
C PHE A 29 -17.44 25.88 32.43
N SER A 30 -17.23 24.58 32.71
CA SER A 30 -15.85 24.10 32.84
C SER A 30 -15.17 23.96 31.47
N SER A 31 -15.97 23.86 30.41
CA SER A 31 -15.52 23.81 29.03
C SER A 31 -15.25 25.19 28.42
N TYR A 32 -15.60 26.27 29.10
CA TYR A 32 -15.61 27.61 28.52
C TYR A 32 -14.51 28.46 29.14
N ALA A 33 -14.30 29.65 28.59
CA ALA A 33 -13.39 30.63 29.18
C ALA A 33 -14.21 31.73 29.83
N ILE A 34 -13.87 32.09 31.06
CA ILE A 34 -14.44 33.29 31.66
C ILE A 34 -13.49 34.45 31.42
N SER A 35 -14.03 35.55 30.88
CA SER A 35 -13.29 36.76 30.58
C SER A 35 -14.00 37.95 31.21
N TRP A 36 -13.24 38.84 31.86
CA TRP A 36 -13.78 39.99 32.55
C TRP A 36 -13.37 41.27 31.81
N VAL A 37 -14.35 42.09 31.40
CA VAL A 37 -14.09 43.34 30.69
C VAL A 37 -14.93 44.46 31.28
N ARG A 38 -14.34 45.66 31.37
CA ARG A 38 -15.06 46.81 31.90
C ARG A 38 -15.15 47.96 30.89
N GLN A 39 -16.06 48.89 31.20
CA GLN A 39 -16.37 50.03 30.34
C GLN A 39 -16.70 51.19 31.26
N ALA A 40 -15.75 52.10 31.45
CA ALA A 40 -16.00 53.29 32.27
C ALA A 40 -16.92 54.25 31.55
N PRO A 41 -17.76 55.02 32.27
CA PRO A 41 -18.87 55.72 31.62
C PRO A 41 -18.43 56.57 30.45
N GLY A 42 -18.93 56.27 29.26
CA GLY A 42 -18.60 57.00 28.05
C GLY A 42 -17.40 56.51 27.30
N GLN A 43 -16.74 55.44 27.75
CA GLN A 43 -15.49 54.97 27.18
C GLN A 43 -15.66 53.62 26.50
N GLY A 44 -14.56 53.08 25.99
CA GLY A 44 -14.60 51.82 25.27
C GLY A 44 -14.48 50.65 26.22
N LEU A 45 -14.40 49.45 25.63
CA LEU A 45 -14.22 48.24 26.41
C LEU A 45 -12.76 48.05 26.72
N GLU A 46 -12.47 47.60 27.93
CA GLU A 46 -11.13 47.26 28.40
C GLU A 46 -11.13 45.81 28.84
N TRP A 47 -10.15 45.02 28.39
CA TRP A 47 -10.04 43.65 28.88
C TRP A 47 -9.31 43.65 30.22
N MET A 48 -9.92 43.04 31.22
CA MET A 48 -9.28 42.97 32.52
C MET A 48 -8.48 41.69 32.71
N GLY A 49 -8.95 40.57 32.22
CA GLY A 49 -8.29 39.31 32.47
C GLY A 49 -9.27 38.17 32.32
N GLY A 50 -8.79 36.97 32.55
CA GLY A 50 -9.63 35.81 32.31
C GLY A 50 -9.05 34.56 32.93
N ILE A 51 -9.90 33.54 33.03
CA ILE A 51 -9.47 32.26 33.57
C ILE A 51 -10.18 31.13 32.83
N ILE A 52 -9.51 29.98 32.76
CA ILE A 52 -10.16 28.74 32.36
C ILE A 52 -10.54 28.03 33.66
N PRO A 53 -11.83 27.87 33.96
CA PRO A 53 -12.24 27.22 35.21
C PRO A 53 -11.60 25.85 35.39
N ILE A 54 -11.18 25.59 36.63
CA ILE A 54 -10.72 24.28 37.13
C ILE A 54 -9.27 24.03 36.74
N PHE A 55 -8.95 24.24 35.47
CA PHE A 55 -7.67 23.83 34.91
C PHE A 55 -6.78 25.02 34.55
N GLY A 56 -7.02 26.17 35.18
CA GLY A 56 -6.46 27.41 34.66
C GLY A 56 -5.74 28.20 35.73
N THR A 57 -4.68 28.87 35.29
CA THR A 57 -4.16 29.95 36.09
C THR A 57 -4.73 31.27 35.56
N PRO A 58 -5.20 32.15 36.45
CA PRO A 58 -5.79 33.41 36.00
C PRO A 58 -4.78 34.29 35.28
N ASN A 59 -5.28 34.99 34.25
CA ASN A 59 -4.47 35.80 33.35
C ASN A 59 -5.01 37.23 33.38
N TYR A 60 -4.12 38.21 33.61
CA TYR A 60 -4.53 39.58 33.85
C TYR A 60 -3.81 40.54 32.91
N ALA A 61 -4.47 41.66 32.63
CA ALA A 61 -3.86 42.75 31.87
C ALA A 61 -2.91 43.52 32.78
N GLN A 62 -1.83 44.05 32.19
CA GLN A 62 -0.79 44.65 33.04
C GLN A 62 -1.32 45.85 33.80
N LYS A 63 -2.30 46.57 33.26
CA LYS A 63 -2.93 47.67 34.00
C LYS A 63 -3.42 47.21 35.36
N PHE A 64 -3.91 45.97 35.46
CA PHE A 64 -4.66 45.48 36.60
C PHE A 64 -3.92 44.39 37.35
N GLN A 65 -2.59 44.33 37.21
CA GLN A 65 -1.85 43.13 37.58
C GLN A 65 -1.90 42.86 39.09
N GLY A 66 -1.58 43.87 39.91
CA GLY A 66 -1.57 43.57 41.34
C GLY A 66 -2.89 43.84 42.06
N ARG A 67 -3.90 44.35 41.36
CA ARG A 67 -5.13 44.77 41.99
C ARG A 67 -6.29 43.82 41.75
N VAL A 68 -6.20 42.96 40.74
CA VAL A 68 -7.31 42.09 40.37
C VAL A 68 -6.96 40.65 40.69
N THR A 69 -7.97 39.90 41.11
CA THR A 69 -7.88 38.48 41.39
C THR A 69 -9.11 37.81 40.80
N ILE A 70 -8.92 36.99 39.78
CA ILE A 70 -10.01 36.30 39.11
C ILE A 70 -10.08 34.88 39.64
N THR A 71 -11.23 34.50 40.19
CA THR A 71 -11.38 33.18 40.77
C THR A 71 -12.54 32.46 40.13
N ALA A 72 -12.53 31.15 40.21
CA ALA A 72 -13.68 30.38 39.77
C ALA A 72 -13.94 29.29 40.78
N ASP A 73 -15.19 29.16 41.18
CA ASP A 73 -15.61 28.09 42.07
C ASP A 73 -16.46 27.12 41.26
N GLU A 74 -15.99 25.86 41.19
CA GLU A 74 -16.73 24.82 40.47
C GLU A 74 -18.01 24.45 41.19
N SER A 75 -17.94 24.35 42.53
CA SER A 75 -19.10 23.94 43.31
C SER A 75 -20.26 24.89 43.11
N THR A 76 -20.06 26.17 43.42
CA THR A 76 -21.12 27.18 43.37
C THR A 76 -21.43 27.67 41.96
N SER A 77 -20.62 27.28 40.96
CA SER A 77 -20.82 27.60 39.53
C SER A 77 -20.66 29.09 39.22
N THR A 78 -19.82 29.78 39.98
CA THR A 78 -19.70 31.23 39.89
C THR A 78 -18.24 31.62 39.68
N ALA A 79 -18.07 32.68 38.91
CA ALA A 79 -16.77 33.26 38.69
C ALA A 79 -16.71 34.63 39.35
N TYR A 80 -15.57 34.95 39.93
CA TYR A 80 -15.42 36.16 40.71
C TYR A 80 -14.29 37.01 40.17
N MET A 81 -14.54 38.33 40.13
CA MET A 81 -13.50 39.32 39.91
C MET A 81 -13.44 40.18 41.16
N GLU A 82 -12.26 40.25 41.79
CA GLU A 82 -12.02 41.13 42.94
C GLU A 82 -11.01 42.19 42.57
N LEU A 83 -11.48 43.43 42.43
CA LEU A 83 -10.64 44.59 42.14
C LEU A 83 -10.46 45.36 43.45
N SER A 84 -9.22 45.58 43.86
CA SER A 84 -8.94 46.21 45.14
C SER A 84 -8.26 47.56 44.95
N SER A 85 -8.15 48.30 46.07
CA SER A 85 -7.60 49.66 46.09
C SER A 85 -8.26 50.54 45.04
N LEU A 86 -9.58 50.70 45.19
CA LEU A 86 -10.37 51.39 44.17
C LEU A 86 -10.07 52.89 44.12
N ARG A 87 -10.02 53.43 42.92
CA ARG A 87 -9.99 54.87 42.73
C ARG A 87 -11.26 55.32 42.02
N SER A 88 -11.40 56.63 41.82
CA SER A 88 -12.54 57.11 41.06
C SER A 88 -12.51 56.56 39.65
N GLU A 89 -11.31 56.31 39.11
CA GLU A 89 -11.16 55.84 37.73
C GLU A 89 -11.83 54.49 37.53
N ASP A 90 -11.76 53.60 38.52
CA ASP A 90 -12.41 52.31 38.37
C ASP A 90 -13.93 52.41 38.33
N THR A 91 -14.60 53.57 38.39
CA THR A 91 -16.03 53.56 38.16
C THR A 91 -16.27 53.11 36.73
N ALA A 92 -17.12 52.08 36.56
CA ALA A 92 -17.41 51.52 35.25
C ALA A 92 -18.51 50.47 35.41
N VAL A 93 -18.92 49.92 34.26
CA VAL A 93 -19.71 48.69 34.23
C VAL A 93 -18.76 47.53 34.06
N TYR A 94 -18.97 46.46 34.83
CA TYR A 94 -18.17 45.24 34.79
C TYR A 94 -18.98 44.08 34.21
N TYR A 95 -18.52 43.54 33.08
CA TYR A 95 -19.15 42.44 32.37
C TYR A 95 -18.30 41.19 32.52
N CYS A 96 -18.94 40.03 32.59
CA CYS A 96 -18.24 38.77 32.40
C CYS A 96 -18.73 38.14 31.11
N ALA A 97 -17.83 37.47 30.40
CA ALA A 97 -18.14 36.93 29.08
C ALA A 97 -17.62 35.52 28.95
N ARG A 98 -18.47 34.65 28.41
CA ARG A 98 -18.12 33.26 28.19
C ARG A 98 -17.54 33.08 26.79
N GLY A 99 -16.40 32.42 26.69
CA GLY A 99 -15.76 32.17 25.41
C GLY A 99 -15.86 30.69 25.02
N TYR A 100 -16.28 30.45 23.77
CA TYR A 100 -16.34 29.12 23.17
C TYR A 100 -15.02 28.82 22.47
N CYS A 101 -14.56 27.57 22.62
CA CYS A 101 -13.36 27.08 21.93
C CYS A 101 -13.71 25.86 21.08
N GLY A 102 -15.00 25.64 20.83
CA GLY A 102 -15.48 24.40 20.24
C GLY A 102 -15.25 23.16 21.09
N GLY A 103 -15.98 22.99 22.17
CA GLY A 103 -15.61 21.90 23.08
C GLY A 103 -14.96 22.38 24.37
N ASP A 104 -13.65 22.14 24.54
CA ASP A 104 -12.95 22.49 25.78
C ASP A 104 -11.80 23.44 25.51
N CYS A 105 -11.60 24.38 26.42
CA CYS A 105 -10.65 25.46 26.22
C CYS A 105 -9.35 25.10 26.89
N TYR A 106 -8.35 24.78 26.09
CA TYR A 106 -7.00 24.61 26.60
C TYR A 106 -6.52 25.90 27.27
N SER A 107 -6.65 27.02 26.58
CA SER A 107 -6.15 28.28 27.05
C SER A 107 -7.07 29.37 26.58
N LEU A 108 -6.88 30.57 27.16
CA LEU A 108 -7.65 31.73 26.74
C LEU A 108 -7.29 32.19 25.34
N GLU A 109 -6.15 31.73 24.80
CA GLU A 109 -5.73 32.13 23.47
C GLU A 109 -6.61 31.52 22.41
N LEU A 110 -7.23 30.38 22.70
CA LEU A 110 -7.91 29.64 21.65
C LEU A 110 -9.38 29.95 21.59
N VAL A 111 -9.83 31.02 22.22
CA VAL A 111 -11.25 31.33 22.24
C VAL A 111 -11.69 31.78 20.87
N TRP A 112 -12.79 31.21 20.37
CA TRP A 112 -13.29 31.61 19.08
C TRP A 112 -14.08 32.91 19.20
N TYR A 113 -14.97 33.00 20.18
CA TYR A 113 -15.79 34.17 20.37
C TYR A 113 -16.30 34.22 21.80
N PHE A 114 -16.58 35.42 22.27
CA PHE A 114 -17.26 35.58 23.56
C PHE A 114 -18.72 35.85 23.21
N ASP A 115 -19.50 34.76 23.16
CA ASP A 115 -20.86 34.80 22.64
C ASP A 115 -21.86 35.24 23.69
N LEU A 116 -21.75 34.73 24.91
CA LEU A 116 -22.68 35.05 26.01
C LEU A 116 -22.06 36.07 26.95
N TRP A 117 -22.62 37.28 26.99
CA TRP A 117 -22.15 38.30 27.92
C TRP A 117 -23.10 38.40 29.09
N GLY A 118 -22.61 38.94 30.19
CA GLY A 118 -23.40 39.11 31.38
C GLY A 118 -24.36 40.29 31.32
N ARG A 119 -24.73 40.77 32.50
CA ARG A 119 -25.51 41.97 32.69
C ARG A 119 -24.54 43.16 32.69
N GLY A 120 -24.87 44.23 33.35
CA GLY A 120 -23.76 45.02 33.80
C GLY A 120 -23.73 45.09 35.30
N THR A 121 -22.61 44.72 35.93
CA THR A 121 -22.45 45.17 37.33
C THR A 121 -21.81 46.55 37.30
N LEU A 122 -22.57 47.56 37.70
CA LEU A 122 -22.08 48.92 37.72
C LEU A 122 -21.42 49.19 39.06
N VAL A 123 -20.14 49.52 39.04
CA VAL A 123 -19.42 49.84 40.27
C VAL A 123 -19.04 51.31 40.20
N THR A 124 -19.63 52.10 41.10
CA THR A 124 -19.36 53.54 41.21
C THR A 124 -18.53 53.78 42.45
N VAL A 125 -17.38 54.42 42.26
CA VAL A 125 -16.43 54.71 43.33
C VAL A 125 -16.41 56.21 43.57
N SER A 126 -17.08 56.64 44.64
CA SER A 126 -17.02 58.03 45.15
C SER A 126 -15.56 58.55 45.25
N VAL A 145 -2.70 47.78 21.78
CA VAL A 145 -4.00 48.40 21.43
C VAL A 145 -4.20 48.46 19.90
N LEU A 146 -5.45 48.18 19.51
CA LEU A 146 -5.90 48.27 18.12
C LEU A 146 -6.62 49.59 17.94
N THR A 147 -6.37 50.25 16.82
CA THR A 147 -6.85 51.60 16.55
C THR A 147 -8.06 51.55 15.64
N GLN A 148 -9.10 52.27 16.00
CA GLN A 148 -10.30 52.32 15.19
C GLN A 148 -10.65 53.78 14.94
N PRO A 149 -11.27 54.09 13.81
CA PRO A 149 -11.86 55.41 13.63
C PRO A 149 -12.77 55.71 14.79
N PRO A 150 -12.56 56.80 15.53
CA PRO A 150 -13.50 57.08 16.65
C PRO A 150 -14.92 57.29 16.17
N SER A 151 -15.09 57.90 15.00
CA SER A 151 -16.41 58.22 14.45
C SER A 151 -16.44 57.92 12.95
N VAL A 152 -17.52 57.26 12.49
CA VAL A 152 -17.78 57.00 11.06
C VAL A 152 -19.21 57.37 10.72
N SER A 153 -19.39 58.16 9.66
CA SER A 153 -20.73 58.53 9.18
C SER A 153 -21.10 57.71 7.94
N GLY A 154 -22.32 57.20 7.89
CA GLY A 154 -22.75 56.39 6.76
C GLY A 154 -24.05 56.83 6.09
N ALA A 155 -24.10 56.64 4.77
CA ALA A 155 -25.29 56.94 3.97
C ALA A 155 -26.29 55.78 4.01
N PRO A 156 -27.56 56.01 4.38
CA PRO A 156 -28.53 54.91 4.46
C PRO A 156 -28.75 54.23 3.12
N GLY A 157 -28.71 52.90 3.13
CA GLY A 157 -28.82 52.16 1.89
C GLY A 157 -27.51 51.99 1.17
N GLN A 158 -26.41 52.46 1.74
CA GLN A 158 -25.09 52.36 1.14
C GLN A 158 -24.16 51.57 2.07
N ARG A 159 -22.91 51.43 1.64
CA ARG A 159 -21.93 50.63 2.36
C ARG A 159 -20.98 51.51 3.17
N VAL A 160 -20.79 51.17 4.45
CA VAL A 160 -19.71 51.71 5.27
C VAL A 160 -18.69 50.62 5.62
N THR A 161 -17.48 51.06 5.91
CA THR A 161 -16.45 50.21 6.48
C THR A 161 -15.94 50.85 7.77
N ILE A 162 -15.58 49.97 8.71
CA ILE A 162 -14.88 50.35 9.92
C ILE A 162 -13.55 49.60 9.94
N SER A 163 -12.43 50.33 10.05
CA SER A 163 -11.09 49.74 10.10
C SER A 163 -10.74 49.29 11.51
N CYS A 164 -9.92 48.26 11.59
CA CYS A 164 -9.24 47.86 12.82
C CYS A 164 -7.80 47.64 12.43
N THR A 165 -6.89 48.45 12.97
CA THR A 165 -5.48 48.31 12.63
C THR A 165 -4.67 47.86 13.83
N GLY A 166 -3.96 46.74 13.66
CA GLY A 166 -3.11 46.19 14.70
C GLY A 166 -1.66 46.07 14.32
N SER A 167 -0.99 45.12 14.95
CA SER A 167 0.44 44.96 14.88
C SER A 167 0.80 43.52 14.49
N SER A 168 2.10 43.26 14.47
CA SER A 168 2.63 41.94 14.29
C SER A 168 2.57 41.11 15.56
N SER A 169 2.09 41.67 16.67
CA SER A 169 1.92 40.87 17.87
C SER A 169 0.50 40.36 17.98
N ASN A 170 -0.42 40.83 17.13
CA ASN A 170 -1.81 40.40 17.23
C ASN A 170 -2.37 40.01 15.87
N ILE A 171 -3.08 40.93 15.20
CA ILE A 171 -3.71 40.57 13.94
C ILE A 171 -2.69 39.93 13.00
N GLY A 172 -1.50 40.53 12.89
CA GLY A 172 -0.44 40.01 12.05
C GLY A 172 0.32 38.81 12.57
N ALA A 173 0.10 38.38 13.81
CA ALA A 173 0.66 37.16 14.34
C ALA A 173 -0.18 35.93 14.03
N GLY A 174 -1.20 36.07 13.19
CA GLY A 174 -2.12 34.99 12.91
C GLY A 174 -3.28 34.83 13.88
N TYR A 175 -3.72 35.90 14.53
CA TYR A 175 -4.90 35.85 15.38
C TYR A 175 -6.05 36.50 14.65
N ASP A 176 -7.25 35.95 14.87
CA ASP A 176 -8.44 36.40 14.16
C ASP A 176 -9.08 37.58 14.87
N VAL A 177 -9.75 38.41 14.09
CA VAL A 177 -10.46 39.56 14.58
C VAL A 177 -11.90 39.18 14.86
N GLN A 178 -12.39 39.48 16.05
CA GLN A 178 -13.81 39.51 16.28
C GLN A 178 -14.29 40.94 16.34
N TRP A 179 -15.57 41.14 15.99
CA TRP A 179 -16.24 42.41 16.02
C TRP A 179 -17.45 42.29 16.92
N TYR A 180 -17.73 43.35 17.67
CA TYR A 180 -18.86 43.40 18.60
C TYR A 180 -19.68 44.64 18.34
N GLN A 181 -20.97 44.54 18.60
CA GLN A 181 -21.88 45.68 18.49
C GLN A 181 -22.36 46.07 19.88
N GLN A 182 -22.44 47.36 20.16
CA GLN A 182 -23.05 47.79 21.42
C GLN A 182 -24.07 48.88 21.11
N LEU A 183 -25.38 48.52 21.29
CA LEU A 183 -26.37 49.58 21.28
C LEU A 183 -26.41 50.22 22.67
N PRO A 184 -26.92 51.45 22.77
CA PRO A 184 -26.98 52.11 24.08
C PRO A 184 -27.74 51.33 25.16
N GLY A 185 -27.03 51.03 26.25
CA GLY A 185 -27.63 50.44 27.41
C GLY A 185 -27.41 48.96 27.55
N THR A 186 -27.08 48.28 26.44
CA THR A 186 -26.89 46.84 26.48
C THR A 186 -25.40 46.47 26.60
N ALA A 187 -25.16 45.20 26.68
CA ALA A 187 -23.85 44.60 26.61
C ALA A 187 -23.47 44.42 25.16
N PRO A 188 -22.17 44.35 24.86
CA PRO A 188 -21.79 44.02 23.49
C PRO A 188 -22.49 42.75 22.99
N LYS A 189 -22.65 42.65 21.68
CA LYS A 189 -23.23 41.49 21.02
C LYS A 189 -22.23 41.03 19.97
N LEU A 190 -22.02 39.72 19.86
CA LEU A 190 -21.04 39.25 18.89
C LEU A 190 -21.57 39.42 17.48
N LEU A 191 -20.70 39.93 16.59
CA LEU A 191 -21.12 40.27 15.24
C LEU A 191 -20.38 39.49 14.16
N ILE A 192 -19.05 39.43 14.20
CA ILE A 192 -18.30 38.48 13.40
C ILE A 192 -17.13 37.97 14.25
N TYR A 193 -16.91 36.66 14.21
CA TYR A 193 -15.73 35.99 14.74
C TYR A 193 -15.06 35.40 13.52
N GLY A 194 -14.00 34.64 13.72
CA GLY A 194 -13.27 34.25 12.53
C GLY A 194 -12.65 35.53 12.07
N ASN A 195 -12.46 35.71 10.80
CA ASN A 195 -12.17 37.08 10.45
C ASN A 195 -13.38 37.69 9.76
N SER A 196 -14.34 36.86 9.41
CA SER A 196 -15.28 37.12 8.35
C SER A 196 -16.55 36.33 8.61
N ASN A 197 -16.52 35.43 9.62
CA ASN A 197 -17.62 34.51 9.93
C ASN A 197 -18.76 35.19 10.67
N ARG A 198 -19.97 35.05 10.16
CA ARG A 198 -21.15 35.53 10.85
C ARG A 198 -21.67 34.47 11.81
N PRO A 199 -21.93 34.81 13.08
CA PRO A 199 -22.66 33.91 13.97
C PRO A 199 -24.08 33.74 13.49
N SER A 200 -24.84 32.91 14.20
CA SER A 200 -26.25 32.71 13.87
C SER A 200 -27.02 33.94 14.34
N GLY A 201 -27.91 34.44 13.48
CA GLY A 201 -28.72 35.58 13.79
C GLY A 201 -28.23 36.87 13.16
N VAL A 202 -26.97 36.92 12.72
CA VAL A 202 -26.36 38.13 12.19
C VAL A 202 -26.62 38.16 10.69
N PRO A 203 -27.32 39.17 10.17
CA PRO A 203 -27.72 39.17 8.76
C PRO A 203 -26.52 39.24 7.82
N ASP A 204 -26.79 38.94 6.56
CA ASP A 204 -25.74 38.99 5.54
C ASP A 204 -25.19 40.40 5.33
N ARG A 205 -25.88 41.46 5.75
CA ARG A 205 -25.39 42.80 5.47
C ARG A 205 -24.05 43.06 6.14
N PHE A 206 -23.75 42.34 7.22
CA PHE A 206 -22.47 42.48 7.90
C PHE A 206 -21.45 41.52 7.30
N SER A 207 -20.25 42.03 7.04
CA SER A 207 -19.15 41.23 6.52
C SER A 207 -17.90 41.54 7.30
N GLY A 208 -16.95 40.61 7.27
CA GLY A 208 -15.67 40.82 7.90
C GLY A 208 -14.55 40.46 6.93
N SER A 209 -13.42 41.12 7.12
CA SER A 209 -12.28 40.87 6.26
C SER A 209 -11.03 41.16 7.09
N LYS A 210 -9.95 40.45 6.76
CA LYS A 210 -8.64 40.63 7.40
C LYS A 210 -7.53 40.51 6.38
N SER A 211 -6.59 41.44 6.43
CA SER A 211 -5.44 41.49 5.52
C SER A 211 -4.26 42.04 6.29
N GLY A 212 -3.21 41.24 6.43
CA GLY A 212 -1.99 41.70 7.07
C GLY A 212 -2.16 42.07 8.53
N THR A 213 -2.01 43.35 8.83
CA THR A 213 -2.14 43.84 10.20
C THR A 213 -3.42 44.64 10.40
N SER A 214 -4.35 44.57 9.46
CA SER A 214 -5.59 45.32 9.53
C SER A 214 -6.79 44.43 9.24
N ALA A 215 -7.93 44.85 9.75
CA ALA A 215 -9.16 44.10 9.61
C ALA A 215 -10.28 45.09 9.40
N SER A 216 -11.41 44.60 8.91
CA SER A 216 -12.46 45.52 8.52
C SER A 216 -13.83 44.90 8.69
N LEU A 217 -14.75 45.68 9.23
CA LEU A 217 -16.15 45.33 9.25
C LEU A 217 -16.84 46.18 8.18
N ALA A 218 -17.70 45.57 7.39
CA ALA A 218 -18.47 46.30 6.40
C ALA A 218 -19.95 46.10 6.64
N ILE A 219 -20.73 47.18 6.50
CA ILE A 219 -22.18 47.04 6.53
C ILE A 219 -22.73 47.56 5.21
N THR A 220 -23.54 46.75 4.54
CA THR A 220 -24.18 47.19 3.31
C THR A 220 -25.66 47.46 3.60
N GLY A 221 -26.25 48.32 2.77
CA GLY A 221 -27.64 48.67 2.92
C GLY A 221 -27.91 49.19 4.32
N LEU A 222 -27.21 50.27 4.69
CA LEU A 222 -27.24 50.80 6.03
C LEU A 222 -28.63 51.22 6.48
N GLN A 223 -28.98 50.88 7.72
CA GLN A 223 -30.29 51.11 8.29
C GLN A 223 -30.12 51.96 9.54
N ALA A 224 -31.16 52.69 9.89
CA ALA A 224 -31.08 53.51 11.10
C ALA A 224 -30.82 52.69 12.34
N GLU A 225 -31.18 51.40 12.33
CA GLU A 225 -30.96 50.58 13.51
C GLU A 225 -29.49 50.22 13.68
N ASP A 226 -28.73 50.21 12.59
CA ASP A 226 -27.31 49.91 12.67
C ASP A 226 -26.52 50.96 13.43
N GLU A 227 -27.13 52.06 13.84
CA GLU A 227 -26.42 53.12 14.55
C GLU A 227 -26.01 52.63 15.94
N ALA A 228 -24.75 52.29 16.11
CA ALA A 228 -24.28 51.76 17.36
C ALA A 228 -22.77 51.94 17.44
N ASP A 229 -22.19 51.49 18.56
CA ASP A 229 -20.75 51.44 18.72
C ASP A 229 -20.27 50.07 18.27
N TYR A 230 -19.12 50.04 17.61
CA TYR A 230 -18.55 48.79 17.12
C TYR A 230 -17.14 48.66 17.67
N TYR A 231 -16.81 47.49 18.21
CA TYR A 231 -15.47 47.25 18.73
C TYR A 231 -14.89 46.02 18.09
N CYS A 232 -13.62 46.10 17.69
CA CYS A 232 -12.92 44.90 17.26
C CYS A 232 -12.11 44.36 18.43
N GLN A 233 -11.65 43.12 18.26
CA GLN A 233 -10.93 42.43 19.32
C GLN A 233 -10.03 41.39 18.70
N SER A 234 -8.86 41.19 19.30
CA SER A 234 -7.91 40.16 18.91
C SER A 234 -7.10 39.70 20.10
N TYR A 235 -6.34 38.64 19.90
CA TYR A 235 -5.36 38.19 20.87
C TYR A 235 -4.02 38.83 20.51
N ASP A 236 -3.25 39.20 21.51
CA ASP A 236 -1.90 39.70 21.33
C ASP A 236 -0.97 38.74 22.06
N SER A 237 0.02 38.18 21.34
CA SER A 237 0.92 37.22 21.96
C SER A 237 2.07 37.84 22.74
N SER A 238 2.35 39.13 22.50
CA SER A 238 3.42 39.75 23.26
C SER A 238 2.95 40.18 24.63
N LEU A 239 1.71 40.62 24.75
CA LEU A 239 1.15 40.83 26.07
C LEU A 239 0.30 39.65 26.58
N SER A 240 0.13 38.62 25.77
CA SER A 240 -0.52 37.35 26.18
C SER A 240 -1.92 37.58 26.77
N GLY A 241 -2.74 38.33 26.03
CA GLY A 241 -4.13 38.52 26.42
C GLY A 241 -4.97 39.03 25.26
N TRP A 242 -6.24 39.32 25.58
CA TRP A 242 -7.15 39.89 24.58
C TRP A 242 -7.06 41.40 24.58
N VAL A 243 -7.19 42.00 23.41
CA VAL A 243 -7.16 43.45 23.30
C VAL A 243 -8.31 43.90 22.42
N PHE A 244 -8.85 45.05 22.78
CA PHE A 244 -10.00 45.63 22.14
C PHE A 244 -9.58 46.88 21.36
N GLY A 245 -10.34 47.21 20.37
CA GLY A 245 -10.16 48.49 19.72
C GLY A 245 -10.72 49.64 20.54
N GLY A 246 -10.45 50.85 20.05
CA GLY A 246 -10.93 52.01 20.76
C GLY A 246 -12.42 52.20 20.68
N GLY A 247 -13.08 51.55 19.72
CA GLY A 247 -14.49 51.74 19.51
C GLY A 247 -14.79 52.72 18.38
N THR A 248 -15.88 52.49 17.66
CA THR A 248 -16.29 53.32 16.53
C THR A 248 -17.76 53.67 16.70
N LYS A 249 -18.07 54.96 16.70
CA LYS A 249 -19.46 55.37 16.77
C LYS A 249 -19.97 55.56 15.35
N LEU A 250 -20.65 54.53 14.82
CA LEU A 250 -21.27 54.65 13.51
C LEU A 250 -22.56 55.43 13.67
N THR A 251 -22.75 56.44 12.82
CA THR A 251 -23.96 57.25 12.82
C THR A 251 -24.56 57.14 11.44
N VAL A 252 -25.86 56.94 11.36
CA VAL A 252 -26.50 56.82 10.06
C VAL A 252 -27.11 58.18 9.73
N LEU A 253 -26.77 58.69 8.54
CA LEU A 253 -27.20 60.02 8.09
C LEU A 253 -28.62 59.94 7.56
N ALA A 254 -29.06 61.02 6.90
CA ALA A 254 -30.34 61.10 6.23
C ALA A 254 -30.12 61.28 4.73
N ALA A 255 -31.15 60.97 3.93
CA ALA A 255 -31.03 61.16 2.46
C ALA A 255 -31.42 62.56 2.01
N ASN B 16 17.90 24.40 38.08
CA ASN B 16 17.22 23.33 38.82
C ASN B 16 16.94 22.14 37.91
N LEU B 17 15.81 21.48 38.15
CA LEU B 17 15.39 20.34 37.36
C LEU B 17 14.41 20.79 36.28
N CYS B 18 14.49 20.14 35.12
CA CYS B 18 13.59 20.51 34.03
C CYS B 18 12.14 20.12 34.36
N PRO B 19 11.14 21.01 33.97
CA PRO B 19 9.72 20.82 34.28
C PRO B 19 9.01 19.81 33.37
N PHE B 20 9.60 18.63 33.19
CA PHE B 20 9.08 17.68 32.22
C PHE B 20 7.86 16.93 32.74
N ASP B 21 7.65 16.91 34.05
CA ASP B 21 6.40 16.36 34.54
C ASP B 21 5.23 17.24 34.18
N GLU B 22 5.48 18.44 33.68
CA GLU B 22 4.43 19.35 33.23
C GLU B 22 4.19 19.26 31.74
N VAL B 23 5.11 18.65 30.98
CA VAL B 23 4.86 18.37 29.57
C VAL B 23 4.05 17.07 29.43
N PHE B 24 4.65 15.94 29.80
CA PHE B 24 3.88 14.71 30.07
C PHE B 24 3.19 14.88 31.42
N ASN B 25 2.15 14.09 31.70
CA ASN B 25 1.36 14.31 32.92
C ASN B 25 0.94 15.77 33.10
N ALA B 26 0.66 16.45 31.99
CA ALA B 26 -0.05 17.70 32.06
C ALA B 26 -1.52 17.38 32.25
N THR B 27 -2.22 18.22 33.01
CA THR B 27 -3.63 17.96 33.28
C THR B 27 -4.38 17.77 31.96
N ARG B 28 -4.01 18.54 30.94
CA ARG B 28 -4.67 18.55 29.65
C ARG B 28 -3.68 18.75 28.52
N PHE B 29 -4.01 18.17 27.37
CA PHE B 29 -3.25 18.28 26.13
C PHE B 29 -4.07 19.05 25.12
N ALA B 30 -3.39 19.81 24.26
CA ALA B 30 -4.05 20.63 23.26
C ALA B 30 -4.44 19.83 22.02
N SER B 31 -5.43 20.34 21.28
CA SER B 31 -5.64 19.91 19.91
C SER B 31 -4.38 20.13 19.08
N VAL B 32 -4.18 19.26 18.08
CA VAL B 32 -2.99 19.35 17.24
C VAL B 32 -2.97 20.65 16.44
N TYR B 33 -4.14 21.13 16.03
CA TYR B 33 -4.16 22.42 15.32
C TYR B 33 -3.65 23.55 16.21
N ALA B 34 -3.79 23.43 17.54
CA ALA B 34 -3.30 24.46 18.46
C ALA B 34 -2.15 23.96 19.32
N TRP B 35 -1.17 23.30 18.71
CA TRP B 35 -0.16 22.58 19.47
C TRP B 35 0.61 23.49 20.42
N ASN B 36 0.89 22.95 21.61
CA ASN B 36 1.50 23.72 22.70
C ASN B 36 3.01 23.64 22.64
N ARG B 37 3.66 24.78 22.81
CA ARG B 37 5.12 24.85 22.89
C ARG B 37 5.50 25.36 24.26
N LYS B 38 6.44 24.66 24.87
CA LYS B 38 6.96 25.02 26.17
C LYS B 38 8.48 24.98 26.06
N ARG B 39 9.16 26.00 26.56
CA ARG B 39 10.60 26.02 26.49
C ARG B 39 11.21 25.37 27.74
N ILE B 40 12.20 24.52 27.50
CA ILE B 40 13.03 23.93 28.54
C ILE B 40 14.41 24.52 28.31
N SER B 41 14.90 25.32 29.27
CA SER B 41 15.98 26.26 29.00
C SER B 41 17.31 25.92 29.65
N ASN B 42 17.34 25.57 30.94
CA ASN B 42 18.64 25.55 31.61
C ASN B 42 18.65 24.60 32.80
N CYS B 43 18.70 23.30 32.54
CA CYS B 43 18.41 22.34 33.59
C CYS B 43 18.89 20.96 33.16
N VAL B 44 18.79 20.01 34.08
CA VAL B 44 19.09 18.61 33.83
C VAL B 44 17.78 17.84 33.82
N ALA B 45 17.73 16.77 33.01
CA ALA B 45 16.46 16.14 32.68
C ALA B 45 16.34 14.75 33.31
N ASP B 46 15.12 14.42 33.76
CA ASP B 46 14.75 13.07 34.15
C ASP B 46 13.44 12.71 33.47
N TYR B 47 13.49 11.67 32.63
CA TYR B 47 12.32 11.22 31.87
C TYR B 47 11.63 10.03 32.52
N SER B 48 11.79 9.88 33.85
CA SER B 48 11.21 8.77 34.60
C SER B 48 9.69 8.75 34.49
N VAL B 49 9.08 9.94 34.43
CA VAL B 49 7.63 10.07 34.37
C VAL B 49 7.07 9.30 33.18
N LEU B 50 7.90 9.06 32.16
CA LEU B 50 7.44 8.38 30.96
C LEU B 50 7.09 6.92 31.21
N TYR B 51 7.76 6.27 32.16
CA TYR B 51 7.44 4.89 32.48
C TYR B 51 6.14 4.76 33.26
N ASN B 52 5.76 5.82 33.99
CA ASN B 52 4.60 5.79 34.87
C ASN B 52 3.33 6.31 34.21
N LEU B 53 3.47 7.01 33.09
CA LEU B 53 2.35 7.41 32.29
C LEU B 53 2.07 6.39 31.21
N ALA B 54 3.12 5.92 30.56
CA ALA B 54 3.00 5.09 29.37
C ALA B 54 3.73 3.77 29.55
N PRO B 55 3.03 2.66 29.73
CA PRO B 55 3.75 1.38 29.85
C PRO B 55 4.60 1.12 28.64
N PHE B 56 4.01 1.22 27.45
CA PHE B 56 4.71 1.08 26.19
C PHE B 56 4.61 2.42 25.50
N PHE B 57 5.75 3.07 25.32
CA PHE B 57 5.81 4.31 24.57
C PHE B 57 6.85 4.15 23.47
N THR B 58 7.17 5.27 22.84
CA THR B 58 8.04 5.34 21.67
C THR B 58 8.86 6.60 21.81
N PHE B 59 10.13 6.50 21.54
CA PHE B 59 11.04 7.61 21.70
C PHE B 59 11.94 7.55 20.47
N LYS B 60 11.55 8.26 19.42
CA LYS B 60 12.19 8.15 18.12
C LYS B 60 12.98 9.43 17.85
N CYS B 61 14.30 9.33 17.90
CA CYS B 61 15.17 10.45 17.65
C CYS B 61 15.80 10.38 16.26
N TYR B 62 15.92 11.54 15.62
CA TYR B 62 16.50 11.68 14.29
C TYR B 62 17.75 12.54 14.42
N GLY B 63 18.89 11.98 14.05
CA GLY B 63 20.13 12.74 14.01
C GLY B 63 20.70 13.17 15.36
N VAL B 64 20.13 12.66 16.43
CA VAL B 64 20.60 13.01 17.77
C VAL B 64 20.55 11.75 18.64
N SER B 65 21.52 11.62 19.51
CA SER B 65 21.36 10.61 20.54
C SER B 65 20.34 11.12 21.53
N PRO B 66 19.51 10.26 22.09
CA PRO B 66 18.60 10.73 23.14
C PRO B 66 19.32 10.97 24.45
N THR B 67 20.59 10.57 24.54
CA THR B 67 21.45 10.96 25.64
C THR B 67 21.87 12.41 25.57
N LYS B 68 21.77 13.04 24.39
CA LYS B 68 21.93 14.48 24.30
C LYS B 68 20.76 15.21 24.92
N LEU B 69 19.61 14.56 25.02
CA LEU B 69 18.51 15.19 25.70
C LEU B 69 18.61 15.01 27.20
N ASN B 70 19.69 14.39 27.67
CA ASN B 70 19.84 14.25 29.11
C ASN B 70 20.53 15.46 29.73
N ASP B 71 21.56 16.00 29.09
CA ASP B 71 22.15 17.27 29.54
C ASP B 71 21.77 18.41 28.63
N LEU B 72 21.00 19.36 29.17
CA LEU B 72 20.60 20.53 28.42
C LEU B 72 20.78 21.77 29.27
N CYS B 73 21.88 21.80 30.04
CA CYS B 73 22.20 22.92 30.91
C CYS B 73 22.61 24.17 30.14
N PHE B 74 23.14 24.01 28.92
CA PHE B 74 23.57 25.13 28.09
C PHE B 74 22.89 25.08 26.72
N THR B 75 21.74 24.40 26.64
CA THR B 75 20.99 24.21 25.41
C THR B 75 19.53 24.58 25.66
N ASN B 76 18.83 24.96 24.60
CA ASN B 76 17.43 25.37 24.65
C ASN B 76 16.58 24.41 23.83
N VAL B 77 15.58 23.80 24.47
CA VAL B 77 14.77 22.73 23.88
C VAL B 77 13.32 23.16 23.80
N TYR B 78 12.67 22.88 22.65
CA TYR B 78 11.24 23.16 22.47
C TYR B 78 10.43 21.87 22.58
N ALA B 79 9.46 21.85 23.50
CA ALA B 79 8.60 20.68 23.69
C ALA B 79 7.21 20.97 23.14
N ASP B 80 6.88 20.37 22.01
CA ASP B 80 5.56 20.54 21.40
C ASP B 80 4.69 19.36 21.75
N SER B 81 3.46 19.63 22.14
CA SER B 81 2.61 18.61 22.68
C SER B 81 1.22 18.76 22.08
N PHE B 82 0.55 17.64 21.85
CA PHE B 82 -0.78 17.62 21.23
C PHE B 82 -1.31 16.19 21.31
N VAL B 83 -2.55 16.00 20.86
CA VAL B 83 -3.20 14.69 20.78
C VAL B 83 -3.65 14.48 19.35
N ILE B 84 -3.19 13.41 18.73
CA ILE B 84 -3.66 12.91 17.45
C ILE B 84 -4.02 11.44 17.61
N ARG B 85 -4.39 10.82 16.51
CA ARG B 85 -4.68 9.40 16.53
C ARG B 85 -3.52 8.58 15.95
N GLY B 86 -3.47 7.28 16.31
CA GLY B 86 -2.26 6.49 16.09
C GLY B 86 -1.84 6.31 14.63
N ASP B 87 -2.82 6.11 13.73
CA ASP B 87 -2.53 6.14 12.30
C ASP B 87 -1.77 7.38 11.88
N GLU B 88 -1.84 8.46 12.65
CA GLU B 88 -1.24 9.72 12.26
C GLU B 88 0.10 9.98 12.92
N VAL B 89 0.49 9.22 13.94
CA VAL B 89 1.80 9.41 14.56
C VAL B 89 2.90 9.25 13.54
N ARG B 90 2.68 8.41 12.52
CA ARG B 90 3.63 8.34 11.42
C ARG B 90 3.77 9.64 10.67
N GLN B 91 2.84 10.57 10.82
CA GLN B 91 3.03 11.85 10.14
C GLN B 91 3.85 12.84 10.95
N ILE B 92 4.13 12.55 12.22
CA ILE B 92 4.95 13.44 13.02
C ILE B 92 6.38 12.97 12.91
N ALA B 93 6.93 13.08 11.71
CA ALA B 93 8.23 12.54 11.36
C ALA B 93 8.69 13.26 10.11
N PRO B 94 10.00 13.36 9.90
CA PRO B 94 10.50 14.20 8.79
C PRO B 94 10.13 13.61 7.44
N GLY B 95 9.86 14.50 6.48
CA GLY B 95 9.44 14.11 5.14
C GLY B 95 8.12 13.36 4.99
N GLN B 96 7.09 13.66 5.78
CA GLN B 96 5.83 12.93 5.65
C GLN B 96 4.67 13.82 5.19
N THR B 97 3.61 13.17 4.69
CA THR B 97 2.44 13.88 4.14
C THR B 97 1.15 13.20 4.57
N GLY B 98 0.11 14.00 4.71
CA GLY B 98 -1.09 13.57 5.40
C GLY B 98 -1.89 14.81 5.73
N ASN B 99 -2.77 14.76 6.71
CA ASN B 99 -3.51 15.96 7.06
C ASN B 99 -2.95 16.58 8.30
N ILE B 100 -2.25 15.79 9.09
CA ILE B 100 -1.63 16.32 10.29
C ILE B 100 -0.32 16.97 9.94
N ALA B 101 0.43 16.36 9.02
CA ALA B 101 1.65 17.00 8.55
C ALA B 101 1.32 18.21 7.68
N ASP B 102 0.34 18.07 6.79
CA ASP B 102 0.09 19.13 5.84
C ASP B 102 -0.57 20.35 6.48
N TYR B 103 -1.51 20.12 7.39
CA TYR B 103 -2.39 21.19 7.84
C TYR B 103 -2.30 21.48 9.33
N ASN B 104 -1.43 20.83 10.08
CA ASN B 104 -1.59 20.87 11.54
C ASN B 104 -0.26 21.01 12.25
N TYR B 105 0.63 20.05 12.07
CA TYR B 105 1.98 20.12 12.64
C TYR B 105 2.96 19.56 11.62
N LYS B 106 3.90 20.39 11.14
CA LYS B 106 4.84 19.98 10.10
C LYS B 106 6.27 19.98 10.61
N LEU B 107 6.90 18.81 10.62
CA LEU B 107 8.32 18.71 10.93
C LEU B 107 9.15 18.97 9.67
N PRO B 108 10.28 19.66 9.78
CA PRO B 108 11.14 19.89 8.60
C PRO B 108 11.69 18.58 8.06
N ASP B 109 12.29 18.65 6.87
CA ASP B 109 12.99 17.49 6.32
C ASP B 109 14.39 17.30 6.90
N ASP B 110 15.01 18.38 7.40
CA ASP B 110 16.28 18.32 8.10
C ASP B 110 16.12 18.13 9.59
N PHE B 111 15.01 17.53 10.03
CA PHE B 111 14.66 17.54 11.45
C PHE B 111 15.70 16.84 12.31
N THR B 112 16.14 17.53 13.36
CA THR B 112 16.96 16.96 14.41
C THR B 112 16.20 17.13 15.71
N GLY B 113 15.98 16.02 16.40
CA GLY B 113 15.16 16.04 17.60
C GLY B 113 14.44 14.72 17.76
N CYS B 114 13.52 14.69 18.73
CA CYS B 114 12.85 13.44 19.07
C CYS B 114 11.33 13.58 19.06
N VAL B 115 10.65 12.45 18.85
CA VAL B 115 9.18 12.39 18.80
C VAL B 115 8.73 11.29 19.76
N ILE B 116 8.05 11.68 20.84
CA ILE B 116 7.54 10.77 21.87
C ILE B 116 6.03 10.59 21.71
N ALA B 117 5.57 9.35 21.81
CA ALA B 117 4.16 9.06 21.55
C ALA B 117 3.70 7.90 22.42
N TRP B 118 2.45 7.97 22.89
CA TRP B 118 1.93 6.88 23.69
C TRP B 118 0.41 6.87 23.66
N ASN B 119 -0.16 5.67 23.80
CA ASN B 119 -1.60 5.48 23.77
C ASN B 119 -2.24 6.14 24.99
N SER B 120 -3.26 6.96 24.75
CA SER B 120 -3.98 7.63 25.82
C SER B 120 -5.47 7.40 25.66
N ASN B 121 -5.84 6.21 25.18
CA ASN B 121 -7.23 5.79 25.10
C ASN B 121 -7.89 5.77 26.48
N LYS B 122 -7.11 5.64 27.54
CA LYS B 122 -7.68 5.55 28.87
C LYS B 122 -7.99 6.92 29.48
N LEU B 123 -7.32 7.98 29.03
CA LEU B 123 -7.64 9.32 29.49
C LEU B 123 -8.50 10.10 28.50
N ASP B 124 -8.32 9.85 27.19
CA ASP B 124 -8.84 10.72 26.14
C ASP B 124 -9.99 10.13 25.34
N SER B 125 -10.53 8.98 25.72
CA SER B 125 -11.70 8.40 25.05
C SER B 125 -12.89 8.37 26.02
N LYS B 126 -14.09 8.44 25.46
CA LYS B 126 -15.33 8.37 26.25
C LYS B 126 -16.34 7.51 25.50
N VAL B 127 -17.07 6.69 26.26
CA VAL B 127 -18.07 5.78 25.66
C VAL B 127 -19.01 6.54 24.75
N SER B 128 -19.42 7.74 25.17
CA SER B 128 -20.23 8.59 24.31
C SER B 128 -19.40 9.14 23.14
N GLY B 129 -18.12 9.42 23.37
CA GLY B 129 -17.25 9.96 22.34
C GLY B 129 -16.72 11.28 22.86
N ASN B 130 -15.42 11.45 22.74
CA ASN B 130 -14.77 12.68 23.13
C ASN B 130 -14.62 13.55 21.89
N TYR B 131 -15.44 14.59 21.79
CA TYR B 131 -15.34 15.49 20.66
C TYR B 131 -14.54 16.74 20.99
N ASN B 132 -13.73 16.70 22.06
CA ASN B 132 -13.09 17.93 22.50
C ASN B 132 -11.76 18.21 21.81
N TYR B 133 -11.20 17.25 21.07
CA TYR B 133 -9.93 17.45 20.39
C TYR B 133 -10.19 17.64 18.90
N LEU B 134 -9.55 18.63 18.29
CA LEU B 134 -9.85 18.98 16.91
C LEU B 134 -8.60 18.95 16.06
N TYR B 135 -8.81 18.79 14.75
CA TYR B 135 -7.75 18.88 13.76
C TYR B 135 -8.26 19.75 12.61
N ARG B 136 -7.34 20.44 11.95
CA ARG B 136 -7.70 21.26 10.79
C ARG B 136 -7.82 20.34 9.58
N LEU B 137 -8.96 20.43 8.91
CA LEU B 137 -9.24 19.52 7.79
C LEU B 137 -9.00 20.17 6.44
N PHE B 138 -9.14 21.49 6.35
CA PHE B 138 -9.08 22.24 5.10
C PHE B 138 -8.09 23.39 5.21
N ARG B 139 -7.26 23.57 4.19
CA ARG B 139 -6.36 24.70 4.14
C ARG B 139 -6.00 24.95 2.68
N LYS B 140 -5.58 26.19 2.38
CA LYS B 140 -5.26 26.53 0.99
C LYS B 140 -3.83 26.15 0.63
N SER B 141 -2.91 26.32 1.56
CA SER B 141 -1.53 25.93 1.38
C SER B 141 -1.16 24.95 2.49
N ASN B 142 -0.07 24.22 2.26
CA ASN B 142 0.46 23.37 3.32
C ASN B 142 1.26 24.18 4.33
N LEU B 143 1.22 23.72 5.57
CA LEU B 143 1.92 24.39 6.65
C LEU B 143 3.42 24.27 6.41
N LYS B 144 4.14 25.38 6.62
CA LYS B 144 5.60 25.34 6.63
C LYS B 144 6.07 24.74 7.94
N PRO B 145 7.29 24.23 7.99
CA PRO B 145 7.77 23.59 9.22
C PRO B 145 7.71 24.48 10.46
N PHE B 146 6.95 24.01 11.48
CA PHE B 146 6.90 24.60 12.82
C PHE B 146 5.94 25.79 12.86
N GLU B 147 4.95 25.75 11.98
CA GLU B 147 3.93 26.77 11.81
C GLU B 147 2.66 26.39 12.56
N ARG B 148 1.88 27.40 12.96
CA ARG B 148 0.69 27.16 13.76
C ARG B 148 -0.45 28.01 13.22
N ASP B 149 -1.48 27.39 12.68
CA ASP B 149 -2.64 28.09 12.15
C ASP B 149 -3.81 27.85 13.10
N ILE B 150 -4.16 28.84 13.91
CA ILE B 150 -5.26 28.60 14.84
C ILE B 150 -6.50 29.35 14.39
N SER B 151 -6.52 29.80 13.14
CA SER B 151 -7.67 30.51 12.57
C SER B 151 -8.92 29.61 12.48
N THR B 152 -10.11 30.23 12.53
CA THR B 152 -11.37 29.52 12.31
C THR B 152 -12.15 30.08 11.11
N GLU B 153 -11.50 30.83 10.24
CA GLU B 153 -12.18 31.39 9.09
C GLU B 153 -12.68 30.33 8.13
N ILE B 154 -13.96 30.42 7.74
CA ILE B 154 -14.56 29.48 6.80
C ILE B 154 -13.69 29.33 5.56
N TYR B 155 -13.49 28.08 5.14
CA TYR B 155 -12.73 27.68 3.96
C TYR B 155 -13.60 27.63 2.71
N GLN B 156 -13.13 28.26 1.63
CA GLN B 156 -13.87 28.30 0.36
C GLN B 156 -13.40 27.16 -0.54
N ALA B 157 -14.18 26.09 -0.65
CA ALA B 157 -13.78 25.01 -1.54
C ALA B 157 -14.33 25.16 -2.94
N GLY B 158 -15.28 26.08 -3.15
CA GLY B 158 -15.88 26.28 -4.44
C GLY B 158 -15.42 27.57 -5.09
N ASN B 159 -16.06 27.87 -6.23
CA ASN B 159 -15.85 29.08 -7.00
C ASN B 159 -16.76 30.21 -6.57
N LYS B 160 -17.60 29.99 -5.57
CA LYS B 160 -18.48 31.06 -5.10
C LYS B 160 -18.08 31.52 -3.69
N PRO B 161 -18.20 32.81 -3.38
CA PRO B 161 -17.85 33.29 -2.04
C PRO B 161 -18.70 32.64 -0.94
N CYS B 162 -18.11 32.57 0.26
CA CYS B 162 -18.79 31.85 1.33
C CYS B 162 -19.66 32.75 2.20
N ASN B 163 -19.39 34.06 2.22
CA ASN B 163 -20.26 35.05 2.85
C ASN B 163 -20.38 34.87 4.34
N GLY B 164 -19.29 34.43 4.98
CA GLY B 164 -19.23 34.32 6.42
C GLY B 164 -19.88 33.08 7.02
N VAL B 165 -20.35 32.15 6.20
CA VAL B 165 -21.21 31.08 6.69
C VAL B 165 -20.80 29.80 5.99
N ALA B 166 -20.80 28.69 6.72
CA ALA B 166 -20.51 27.43 6.05
C ALA B 166 -21.75 26.97 5.24
N GLY B 167 -21.58 25.92 4.47
CA GLY B 167 -22.60 25.46 3.56
C GLY B 167 -21.96 24.72 2.41
N PHE B 168 -22.71 24.59 1.31
CA PHE B 168 -22.21 23.93 0.10
C PHE B 168 -20.87 24.52 -0.32
N ASN B 169 -19.83 23.69 -0.29
CA ASN B 169 -18.46 24.03 -0.68
C ASN B 169 -17.81 25.06 0.24
N CYS B 170 -18.31 25.22 1.45
CA CYS B 170 -17.77 26.17 2.40
C CYS B 170 -17.69 25.45 3.74
N TYR B 171 -16.48 25.29 4.27
CA TYR B 171 -16.26 24.34 5.36
C TYR B 171 -15.67 25.05 6.57
N PHE B 172 -16.35 24.97 7.70
CA PHE B 172 -15.74 25.42 8.92
C PHE B 172 -14.47 24.61 9.14
N PRO B 173 -13.29 25.23 9.24
CA PRO B 173 -12.05 24.50 8.93
C PRO B 173 -11.63 23.50 9.99
N LEU B 174 -12.12 23.56 11.21
CA LEU B 174 -11.73 22.54 12.17
C LEU B 174 -12.85 21.50 12.35
N ARG B 175 -12.43 20.25 12.62
CA ARG B 175 -13.33 19.11 12.86
C ARG B 175 -12.88 18.37 14.12
N SER B 176 -13.83 17.75 14.83
CA SER B 176 -13.57 16.98 16.05
C SER B 176 -13.13 15.54 15.74
N TYR B 177 -12.62 14.86 16.78
CA TYR B 177 -11.91 13.62 16.55
C TYR B 177 -12.70 12.35 16.90
N SER B 178 -13.83 12.45 17.61
CA SER B 178 -14.71 11.30 17.82
C SER B 178 -14.15 10.15 18.66
N PHE B 179 -13.13 10.36 19.50
CA PHE B 179 -12.44 9.29 20.24
C PHE B 179 -13.33 8.52 21.21
N ARG B 180 -13.46 7.20 20.99
CA ARG B 180 -14.19 6.22 21.80
C ARG B 180 -13.29 5.05 22.17
N PRO B 181 -13.51 4.41 23.34
CA PRO B 181 -12.67 3.25 23.73
C PRO B 181 -12.87 2.01 22.85
N THR B 182 -14.07 1.79 22.31
CA THR B 182 -14.35 0.65 21.43
C THR B 182 -13.59 0.73 20.08
N TYR B 183 -12.90 1.84 19.79
CA TYR B 183 -12.18 2.01 18.53
C TYR B 183 -10.94 1.11 18.48
N GLY B 184 -10.37 1.03 17.29
CA GLY B 184 -9.15 0.26 17.10
C GLY B 184 -7.91 1.02 17.54
N VAL B 185 -6.85 0.27 17.87
CA VAL B 185 -5.63 0.88 18.34
C VAL B 185 -5.20 2.01 17.41
N GLY B 186 -5.46 1.85 16.11
CA GLY B 186 -5.16 2.90 15.17
C GLY B 186 -6.01 4.13 15.44
N HIS B 187 -7.31 3.96 15.46
CA HIS B 187 -8.20 5.10 15.58
C HIS B 187 -8.27 5.68 17.02
N GLN B 188 -7.40 5.29 17.99
CA GLN B 188 -7.37 5.65 19.40
C GLN B 188 -6.46 6.84 19.65
N PRO B 189 -6.79 7.67 20.66
CA PRO B 189 -6.02 8.92 20.88
C PRO B 189 -4.62 8.63 21.38
N TYR B 190 -3.63 9.28 20.77
CA TYR B 190 -2.25 9.22 21.20
C TYR B 190 -1.80 10.61 21.60
N ARG B 191 -1.09 10.72 22.72
CA ARG B 191 -0.41 11.95 23.08
C ARG B 191 0.99 11.89 22.46
N VAL B 192 1.44 13.04 21.97
CA VAL B 192 2.68 13.16 21.24
C VAL B 192 3.42 14.36 21.78
N VAL B 193 4.73 14.24 21.90
CA VAL B 193 5.61 15.31 22.39
C VAL B 193 6.81 15.39 21.46
N VAL B 194 6.98 16.51 20.78
CA VAL B 194 8.12 16.67 19.88
C VAL B 194 9.13 17.58 20.58
N LEU B 195 10.32 17.02 20.83
CA LEU B 195 11.46 17.74 21.39
C LEU B 195 12.32 18.25 20.26
N SER B 196 12.72 19.52 20.32
CA SER B 196 13.38 20.23 19.23
C SER B 196 14.51 21.04 19.86
N PHE B 197 15.42 21.54 19.03
CA PHE B 197 16.51 22.38 19.51
C PHE B 197 16.43 23.78 18.91
N GLU B 198 16.82 24.78 19.70
CA GLU B 198 16.74 26.18 19.28
C GLU B 198 18.12 26.77 18.94
N VAL C 2 -31.10 39.92 -8.61
CA VAL C 2 -31.84 39.26 -9.68
C VAL C 2 -33.29 39.05 -9.20
N GLN C 3 -34.28 39.31 -10.06
CA GLN C 3 -35.68 39.08 -9.76
C GLN C 3 -36.42 38.73 -11.05
N LEU C 4 -37.28 37.71 -11.01
CA LEU C 4 -37.93 37.23 -12.23
C LEU C 4 -39.15 38.11 -12.57
N VAL C 5 -39.15 38.63 -13.80
CA VAL C 5 -40.11 39.63 -14.29
C VAL C 5 -41.04 38.93 -15.26
N GLU C 6 -42.27 38.67 -14.81
CA GLU C 6 -43.27 37.93 -15.57
C GLU C 6 -44.07 38.88 -16.44
N SER C 7 -44.79 38.31 -17.42
CA SER C 7 -45.59 39.13 -18.31
C SER C 7 -46.72 39.81 -17.52
N GLY C 8 -47.59 40.54 -18.24
CA GLY C 8 -48.66 41.28 -17.63
C GLY C 8 -49.98 40.52 -17.60
N ALA C 9 -50.86 40.97 -16.69
CA ALA C 9 -52.13 40.30 -16.43
C ALA C 9 -53.02 40.34 -17.66
N GLU C 10 -53.65 39.20 -17.94
CA GLU C 10 -54.47 39.05 -19.14
C GLU C 10 -55.90 38.64 -18.76
N VAL C 11 -56.87 39.09 -19.54
CA VAL C 11 -58.22 38.53 -19.51
C VAL C 11 -58.44 37.82 -20.84
N LYS C 12 -58.80 36.54 -20.78
CA LYS C 12 -58.87 35.67 -21.95
C LYS C 12 -60.22 34.95 -22.01
N LYS C 13 -60.70 34.69 -23.24
CA LYS C 13 -62.00 34.10 -23.59
C LYS C 13 -61.90 32.57 -23.55
N PRO C 14 -62.97 31.90 -23.06
CA PRO C 14 -62.92 30.43 -22.96
C PRO C 14 -62.61 29.76 -24.27
N GLY C 15 -61.49 29.03 -24.33
CA GLY C 15 -61.04 28.40 -25.55
C GLY C 15 -59.80 29.01 -26.19
N SER C 16 -59.36 30.18 -25.74
CA SER C 16 -58.14 30.84 -26.23
C SER C 16 -56.89 30.14 -25.70
N SER C 17 -55.75 30.80 -25.89
CA SER C 17 -54.48 30.41 -25.28
C SER C 17 -53.79 31.64 -24.72
N VAL C 18 -52.93 31.43 -23.71
CA VAL C 18 -52.04 32.46 -23.19
C VAL C 18 -50.62 31.94 -23.35
N LYS C 19 -49.70 32.86 -23.63
CA LYS C 19 -48.28 32.62 -23.49
C LYS C 19 -47.79 33.53 -22.37
N VAL C 20 -47.33 32.94 -21.29
CA VAL C 20 -46.77 33.70 -20.18
C VAL C 20 -45.26 33.74 -20.34
N SER C 21 -44.68 34.93 -20.25
CA SER C 21 -43.25 35.16 -20.32
C SER C 21 -42.67 35.26 -18.90
N CYS C 22 -41.38 34.98 -18.78
CA CYS C 22 -40.65 35.06 -17.48
C CYS C 22 -39.19 35.33 -17.78
N LYS C 23 -38.56 36.34 -17.16
CA LYS C 23 -37.18 36.68 -17.59
C LYS C 23 -36.28 37.24 -16.49
N ALA C 24 -35.00 36.82 -16.44
CA ALA C 24 -33.96 37.38 -15.53
C ALA C 24 -32.70 36.52 -15.59
N PRO C 25 -31.61 36.94 -16.26
CA PRO C 25 -30.36 36.20 -16.26
C PRO C 25 -29.32 36.83 -15.32
N PHE C 29 -29.16 31.62 -16.60
CA PHE C 29 -30.37 30.82 -16.35
C PHE C 29 -30.20 29.48 -17.04
N SER C 30 -29.13 29.33 -17.81
CA SER C 30 -28.83 28.04 -18.43
C SER C 30 -28.46 26.97 -17.41
N SER C 31 -27.98 27.37 -16.25
CA SER C 31 -27.51 26.48 -15.21
C SER C 31 -28.63 26.05 -14.28
N TYR C 32 -29.82 26.63 -14.44
CA TYR C 32 -30.95 26.53 -13.52
C TYR C 32 -32.08 25.74 -14.14
N ALA C 33 -33.04 25.37 -13.31
CA ALA C 33 -34.29 24.80 -13.79
C ALA C 33 -35.37 25.88 -13.80
N ILE C 34 -36.22 25.86 -14.84
CA ILE C 34 -37.41 26.69 -14.85
C ILE C 34 -38.60 25.79 -14.52
N SER C 35 -39.33 26.11 -13.46
CA SER C 35 -40.59 25.45 -13.20
C SER C 35 -41.70 26.49 -13.22
N TRP C 36 -42.90 26.02 -13.51
CA TRP C 36 -44.08 26.82 -13.77
C TRP C 36 -45.16 26.30 -12.84
N VAL C 37 -45.57 27.09 -11.85
CA VAL C 37 -46.59 26.64 -10.89
C VAL C 37 -47.73 27.65 -10.87
N ARG C 38 -48.94 27.15 -10.73
CA ARG C 38 -50.12 27.98 -10.74
C ARG C 38 -50.92 27.76 -9.47
N GLN C 39 -51.75 28.76 -9.17
CA GLN C 39 -52.61 28.78 -7.99
C GLN C 39 -53.91 29.46 -8.37
N ALA C 40 -55.02 28.73 -8.27
CA ALA C 40 -56.32 29.34 -8.46
C ALA C 40 -56.66 30.24 -7.27
N PRO C 41 -57.55 31.21 -7.45
CA PRO C 41 -57.99 32.01 -6.32
C PRO C 41 -58.34 31.18 -5.09
N GLY C 42 -57.73 31.54 -3.97
CA GLY C 42 -58.09 30.97 -2.69
C GLY C 42 -57.66 29.54 -2.48
N GLN C 43 -57.00 28.95 -3.46
CA GLN C 43 -56.66 27.55 -3.50
C GLN C 43 -55.16 27.36 -3.28
N GLY C 44 -54.71 26.11 -3.38
CA GLY C 44 -53.32 25.77 -3.19
C GLY C 44 -52.56 25.73 -4.49
N LEU C 45 -51.25 25.47 -4.36
CA LEU C 45 -50.29 25.48 -5.45
C LEU C 45 -50.38 24.20 -6.28
N GLU C 46 -50.09 24.33 -7.58
CA GLU C 46 -50.15 23.21 -8.51
C GLU C 46 -48.96 23.33 -9.44
N TRP C 47 -48.09 22.33 -9.40
CA TRP C 47 -46.94 22.25 -10.31
C TRP C 47 -47.44 21.96 -11.72
N MET C 48 -47.09 22.80 -12.66
CA MET C 48 -47.55 22.54 -14.01
C MET C 48 -46.52 21.79 -14.82
N GLY C 49 -45.26 22.09 -14.63
CA GLY C 49 -44.21 21.46 -15.39
C GLY C 49 -42.96 22.29 -15.33
N GLY C 50 -42.02 21.97 -16.19
CA GLY C 50 -40.76 22.67 -16.18
C GLY C 50 -39.81 22.16 -17.24
N ILE C 51 -38.75 22.93 -17.44
CA ILE C 51 -37.74 22.63 -18.43
C ILE C 51 -36.38 23.02 -17.88
N ILE C 52 -35.36 22.23 -18.19
CA ILE C 52 -33.98 22.65 -18.02
C ILE C 52 -33.61 23.39 -19.32
N PRO C 53 -33.28 24.67 -19.26
CA PRO C 53 -33.07 25.41 -20.49
C PRO C 53 -31.96 24.78 -21.33
N ILE C 54 -32.16 24.81 -22.65
CA ILE C 54 -31.15 24.44 -23.65
C ILE C 54 -31.08 22.93 -23.85
N PHE C 55 -30.66 22.18 -22.82
CA PHE C 55 -30.47 20.75 -22.97
C PHE C 55 -31.70 19.90 -22.67
N GLY C 56 -32.61 20.35 -21.81
CA GLY C 56 -33.71 19.52 -21.36
C GLY C 56 -34.90 19.51 -22.31
N THR C 57 -35.56 18.32 -22.42
CA THR C 57 -36.91 18.30 -22.97
C THR C 57 -37.88 18.74 -21.88
N PRO C 58 -38.99 19.40 -22.26
CA PRO C 58 -39.98 19.81 -21.25
C PRO C 58 -40.45 18.61 -20.45
N ASN C 59 -40.98 18.90 -19.26
CA ASN C 59 -41.64 17.89 -18.45
C ASN C 59 -42.90 18.50 -17.87
N TYR C 60 -44.06 17.87 -18.13
CA TYR C 60 -45.38 18.38 -17.73
C TYR C 60 -46.04 17.43 -16.75
N ALA C 61 -46.93 17.97 -15.92
CA ALA C 61 -47.83 17.16 -15.09
C ALA C 61 -48.94 16.56 -15.96
N GLN C 62 -49.65 15.55 -15.41
CA GLN C 62 -50.59 14.84 -16.27
C GLN C 62 -51.86 15.63 -16.55
N LYS C 63 -52.35 16.40 -15.56
CA LYS C 63 -53.47 17.31 -15.78
C LYS C 63 -53.31 18.16 -17.04
N PHE C 64 -52.06 18.56 -17.35
CA PHE C 64 -51.79 19.59 -18.35
C PHE C 64 -51.09 19.05 -19.58
N GLN C 65 -51.10 17.72 -19.77
CA GLN C 65 -50.18 17.09 -20.70
C GLN C 65 -50.41 17.55 -22.15
N GLY C 66 -51.66 17.45 -22.64
CA GLY C 66 -51.94 17.89 -23.99
C GLY C 66 -52.20 19.37 -24.20
N ARG C 67 -52.15 20.19 -23.15
CA ARG C 67 -52.57 21.59 -23.25
C ARG C 67 -51.46 22.61 -23.00
N VAL C 68 -50.38 22.22 -22.32
CA VAL C 68 -49.27 23.11 -22.05
C VAL C 68 -48.09 22.75 -22.94
N THR C 69 -47.33 23.79 -23.27
CA THR C 69 -46.04 23.73 -23.96
C THR C 69 -45.11 24.68 -23.21
N ILE C 70 -44.07 24.16 -22.56
CA ILE C 70 -43.10 25.00 -21.87
C ILE C 70 -41.87 25.12 -22.77
N THR C 71 -41.43 26.36 -23.00
CA THR C 71 -40.31 26.61 -23.89
C THR C 71 -39.38 27.64 -23.25
N ALA C 72 -38.07 27.45 -23.46
CA ALA C 72 -37.06 28.45 -23.12
C ALA C 72 -36.39 28.90 -24.41
N ASP C 73 -36.14 30.22 -24.52
CA ASP C 73 -35.34 30.80 -25.59
C ASP C 73 -34.05 31.32 -24.98
N GLU C 74 -32.94 30.66 -25.32
CA GLU C 74 -31.65 31.04 -24.77
C GLU C 74 -31.29 32.46 -25.18
N SER C 75 -31.41 32.75 -26.48
CA SER C 75 -31.21 34.05 -27.10
C SER C 75 -31.66 35.21 -26.21
N THR C 76 -32.98 35.36 -26.07
CA THR C 76 -33.61 36.46 -25.35
C THR C 76 -33.65 36.29 -23.84
N SER C 77 -33.23 35.13 -23.31
CA SER C 77 -33.21 34.83 -21.86
C SER C 77 -34.62 34.85 -21.25
N THR C 78 -35.58 34.18 -21.90
CA THR C 78 -36.96 34.14 -21.44
C THR C 78 -37.50 32.72 -21.46
N ALA C 79 -38.33 32.40 -20.47
CA ALA C 79 -39.07 31.14 -20.40
C ALA C 79 -40.55 31.39 -20.69
N TYR C 80 -41.18 30.44 -21.37
CA TYR C 80 -42.55 30.59 -21.83
C TYR C 80 -43.41 29.38 -21.50
N MET C 81 -44.55 29.63 -20.88
CA MET C 81 -45.57 28.62 -20.67
C MET C 81 -46.78 29.03 -21.50
N GLU C 82 -47.30 28.09 -22.30
CA GLU C 82 -48.43 28.30 -23.20
C GLU C 82 -49.51 27.27 -22.91
N LEU C 83 -50.54 27.71 -22.19
CA LEU C 83 -51.71 26.89 -21.90
C LEU C 83 -52.79 27.18 -22.96
N SER C 84 -53.32 26.13 -23.58
CA SER C 84 -54.35 26.25 -24.62
C SER C 84 -55.67 25.64 -24.14
N SER C 85 -56.69 25.76 -25.00
CA SER C 85 -58.10 25.43 -24.66
C SER C 85 -58.44 25.87 -23.25
N LEU C 86 -58.30 27.18 -23.03
CA LEU C 86 -58.59 27.77 -21.72
C LEU C 86 -60.05 27.54 -21.33
N ARG C 87 -60.26 27.15 -20.07
CA ARG C 87 -61.57 26.98 -19.47
C ARG C 87 -61.63 27.82 -18.20
N SER C 88 -62.83 27.91 -17.60
CA SER C 88 -63.01 28.76 -16.41
C SER C 88 -62.17 28.31 -15.22
N GLU C 89 -61.80 27.03 -15.17
CA GLU C 89 -60.99 26.45 -14.09
C GLU C 89 -59.50 26.77 -14.25
N ASP C 90 -59.10 27.47 -15.30
CA ASP C 90 -57.71 27.88 -15.45
C ASP C 90 -57.46 29.27 -14.90
N THR C 91 -58.50 30.01 -14.53
CA THR C 91 -58.33 31.28 -13.87
C THR C 91 -57.46 31.06 -12.65
N ALA C 92 -56.22 31.51 -12.74
CA ALA C 92 -55.26 31.31 -11.68
C ALA C 92 -54.13 32.30 -11.89
N VAL C 93 -53.25 32.38 -10.90
CA VAL C 93 -52.05 33.19 -10.93
C VAL C 93 -50.90 32.27 -11.30
N TYR C 94 -50.08 32.68 -12.27
CA TYR C 94 -49.08 31.79 -12.87
C TYR C 94 -47.68 32.26 -12.48
N TYR C 95 -47.04 31.51 -11.59
CA TYR C 95 -45.67 31.77 -11.17
C TYR C 95 -44.67 30.99 -12.03
N CYS C 96 -43.51 31.59 -12.23
CA CYS C 96 -42.31 30.88 -12.63
C CYS C 96 -41.30 30.97 -11.49
N ALA C 97 -40.62 29.85 -11.21
CA ALA C 97 -39.62 29.76 -10.18
C ALA C 97 -38.34 29.27 -10.82
N ARG C 98 -37.21 29.65 -10.22
CA ARG C 98 -35.91 29.14 -10.64
C ARG C 98 -35.43 28.07 -9.67
N GLY C 99 -34.99 26.94 -10.21
CA GLY C 99 -34.38 25.88 -9.42
C GLY C 99 -32.86 25.88 -9.47
N TYR C 100 -32.25 25.69 -8.29
CA TYR C 100 -30.81 25.56 -8.10
C TYR C 100 -30.45 24.09 -7.82
N CYS C 101 -29.38 23.60 -8.46
CA CYS C 101 -28.90 22.22 -8.33
C CYS C 101 -27.46 22.14 -7.85
N GLY C 102 -26.95 23.25 -7.30
CA GLY C 102 -25.55 23.37 -6.97
C GLY C 102 -24.57 23.45 -8.12
N GLY C 103 -24.97 23.96 -9.27
CA GLY C 103 -23.98 24.02 -10.33
C GLY C 103 -24.54 24.05 -11.73
N ASP C 104 -25.13 22.94 -12.15
CA ASP C 104 -25.79 22.79 -13.44
C ASP C 104 -26.78 21.66 -13.29
N CYS C 105 -27.99 21.88 -13.76
CA CYS C 105 -29.07 20.95 -13.53
C CYS C 105 -29.09 19.88 -14.61
N TYR C 106 -28.81 18.64 -14.23
CA TYR C 106 -28.92 17.55 -15.19
C TYR C 106 -30.38 17.31 -15.58
N SER C 107 -31.26 17.30 -14.57
CA SER C 107 -32.67 16.91 -14.70
C SER C 107 -33.46 17.77 -13.71
N LEU C 108 -34.79 17.84 -13.91
CA LEU C 108 -35.61 18.55 -12.93
C LEU C 108 -35.64 17.82 -11.61
N GLU C 109 -35.24 16.55 -11.60
CA GLU C 109 -35.22 15.80 -10.36
C GLU C 109 -34.22 16.39 -9.37
N LEU C 110 -33.11 16.93 -9.88
CA LEU C 110 -31.98 17.21 -9.01
C LEU C 110 -32.05 18.57 -8.37
N VAL C 111 -33.17 19.26 -8.49
CA VAL C 111 -33.25 20.58 -7.89
C VAL C 111 -33.25 20.43 -6.38
N TRP C 112 -32.52 21.33 -5.70
CA TRP C 112 -32.48 21.42 -4.26
C TRP C 112 -33.61 22.30 -3.74
N TYR C 113 -33.76 23.50 -4.30
CA TYR C 113 -34.81 24.43 -3.90
C TYR C 113 -35.15 25.36 -5.06
N PHE C 114 -36.32 25.98 -4.94
CA PHE C 114 -36.78 27.04 -5.83
C PHE C 114 -36.73 28.35 -5.04
N ASP C 115 -35.62 29.06 -5.16
CA ASP C 115 -35.38 30.22 -4.29
C ASP C 115 -35.99 31.47 -4.88
N LEU C 116 -35.79 31.71 -6.17
CA LEU C 116 -36.22 32.93 -6.84
C LEU C 116 -37.52 32.65 -7.58
N TRP C 117 -38.61 33.23 -7.10
CA TRP C 117 -39.90 33.18 -7.77
C TRP C 117 -40.18 34.52 -8.43
N GLY C 118 -40.90 34.49 -9.55
CA GLY C 118 -41.49 35.69 -10.08
C GLY C 118 -42.53 36.25 -9.13
N ARG C 119 -43.08 37.41 -9.49
CA ARG C 119 -44.36 37.79 -8.90
C ARG C 119 -45.41 36.93 -9.60
N GLY C 120 -46.68 37.11 -9.31
CA GLY C 120 -47.66 36.35 -10.06
C GLY C 120 -48.00 37.03 -11.37
N THR C 121 -48.41 36.23 -12.36
CA THR C 121 -49.17 36.77 -13.49
C THR C 121 -50.60 36.21 -13.40
N LEU C 122 -51.57 37.13 -13.27
CA LEU C 122 -52.98 36.73 -13.14
C LEU C 122 -53.58 36.58 -14.53
N VAL C 123 -54.05 35.37 -14.84
CA VAL C 123 -54.74 35.06 -16.07
C VAL C 123 -56.19 34.76 -15.70
N THR C 124 -57.10 35.67 -16.04
CA THR C 124 -58.53 35.42 -15.83
C THR C 124 -59.16 34.93 -17.13
N VAL C 125 -59.94 33.85 -17.02
CA VAL C 125 -60.68 33.26 -18.12
C VAL C 125 -62.18 33.45 -17.86
N SER C 126 -62.83 34.30 -18.67
CA SER C 126 -64.24 34.68 -18.45
C SER C 126 -65.29 33.64 -18.89
N VAL C 145 -50.22 13.43 -4.90
CA VAL C 145 -50.50 14.47 -3.91
C VAL C 145 -49.89 14.09 -2.53
N LEU C 146 -49.45 15.10 -1.77
CA LEU C 146 -48.99 14.91 -0.40
C LEU C 146 -49.96 15.57 0.55
N THR C 147 -50.29 14.89 1.64
CA THR C 147 -51.38 15.36 2.50
C THR C 147 -50.85 16.22 3.64
N GLN C 148 -51.52 17.35 3.85
CA GLN C 148 -51.25 18.32 4.91
C GLN C 148 -52.53 18.60 5.70
N PRO C 149 -52.39 18.97 6.97
CA PRO C 149 -53.53 19.50 7.72
C PRO C 149 -54.06 20.75 7.05
N PRO C 150 -55.38 20.98 7.07
CA PRO C 150 -55.92 22.16 6.36
C PRO C 150 -55.67 23.45 7.09
N SER C 151 -55.40 23.36 8.40
CA SER C 151 -55.33 24.52 9.28
C SER C 151 -54.70 24.09 10.59
N VAL C 152 -53.86 24.94 11.13
CA VAL C 152 -53.21 24.76 12.42
C VAL C 152 -53.30 26.10 13.15
N SER C 153 -53.45 26.03 14.47
CA SER C 153 -53.74 27.20 15.27
C SER C 153 -52.66 27.33 16.34
N GLY C 154 -52.40 28.55 16.75
CA GLY C 154 -51.17 28.72 17.48
C GLY C 154 -51.19 29.76 18.57
N ALA C 155 -50.87 29.27 19.77
CA ALA C 155 -50.63 29.99 21.01
C ALA C 155 -49.38 30.87 20.89
N PRO C 156 -49.54 32.18 20.70
CA PRO C 156 -48.38 33.05 20.43
C PRO C 156 -47.27 32.89 21.46
N GLY C 157 -46.03 32.71 20.97
CA GLY C 157 -44.90 32.33 21.78
C GLY C 157 -44.76 30.84 22.04
N GLN C 158 -45.61 30.01 21.45
CA GLN C 158 -45.52 28.57 21.61
C GLN C 158 -45.05 27.91 20.32
N ARG C 159 -44.89 26.59 20.39
CA ARG C 159 -44.51 25.79 19.25
C ARG C 159 -45.76 25.36 18.49
N VAL C 160 -45.63 25.18 17.18
CA VAL C 160 -46.66 24.58 16.34
C VAL C 160 -45.96 23.73 15.29
N THR C 161 -46.64 22.65 14.85
CA THR C 161 -46.08 21.72 13.88
C THR C 161 -47.06 21.52 12.75
N ILE C 162 -46.52 21.23 11.56
CA ILE C 162 -47.30 20.89 10.37
C ILE C 162 -46.73 19.61 9.76
N SER C 163 -47.57 18.62 9.53
CA SER C 163 -47.17 17.36 8.95
C SER C 163 -47.36 17.38 7.44
N CYS C 164 -46.50 16.65 6.76
CA CYS C 164 -46.55 16.47 5.32
C CYS C 164 -46.32 14.99 5.06
N THR C 165 -47.37 14.25 4.70
CA THR C 165 -47.27 12.80 4.55
C THR C 165 -47.32 12.38 3.09
N GLY C 166 -46.36 11.54 2.69
CA GLY C 166 -46.26 11.09 1.32
C GLY C 166 -46.35 9.59 1.15
N SER C 167 -45.93 9.07 0.02
CA SER C 167 -45.95 7.64 -0.22
C SER C 167 -44.52 7.11 -0.51
N SER C 168 -44.42 5.84 -0.87
CA SER C 168 -43.12 5.27 -1.20
C SER C 168 -42.57 5.79 -2.52
N SER C 169 -43.30 6.67 -3.22
CA SER C 169 -42.89 7.15 -4.53
C SER C 169 -42.37 8.58 -4.52
N ASN C 170 -42.51 9.29 -3.39
CA ASN C 170 -41.92 10.61 -3.24
C ASN C 170 -41.06 10.63 -1.98
N ILE C 171 -41.62 11.13 -0.85
CA ILE C 171 -40.85 11.25 0.39
C ILE C 171 -40.20 9.92 0.78
N GLY C 172 -40.95 8.82 0.64
CA GLY C 172 -40.46 7.49 0.97
C GLY C 172 -39.45 6.90 0.01
N ALA C 173 -39.40 7.42 -1.22
CA ALA C 173 -38.38 7.09 -2.18
C ALA C 173 -37.09 7.89 -2.01
N GLY C 174 -36.91 8.55 -0.87
CA GLY C 174 -35.68 9.29 -0.59
C GLY C 174 -35.65 10.75 -0.99
N TYR C 175 -36.72 11.28 -1.56
CA TYR C 175 -36.71 12.67 -2.01
C TYR C 175 -36.90 13.60 -0.82
N ASP C 176 -36.12 14.68 -0.81
CA ASP C 176 -36.18 15.63 0.28
C ASP C 176 -37.42 16.47 0.17
N VAL C 177 -37.87 16.95 1.33
CA VAL C 177 -39.04 17.81 1.41
C VAL C 177 -38.59 19.26 1.53
N GLN C 178 -39.14 20.12 0.67
CA GLN C 178 -39.00 21.57 0.82
C GLN C 178 -40.30 22.20 1.32
N TRP C 179 -40.15 23.32 2.04
CA TRP C 179 -41.29 24.02 2.59
C TRP C 179 -41.32 25.44 2.05
N TYR C 180 -42.53 25.94 1.78
CA TYR C 180 -42.75 27.29 1.27
C TYR C 180 -43.75 28.01 2.19
N GLN C 181 -43.45 29.26 2.51
CA GLN C 181 -44.36 30.15 3.22
C GLN C 181 -44.96 31.12 2.21
N GLN C 182 -46.27 31.36 2.32
CA GLN C 182 -47.00 32.31 1.46
C GLN C 182 -47.89 33.20 2.33
N LEU C 183 -47.36 34.38 2.69
CA LEU C 183 -48.20 35.46 3.20
C LEU C 183 -49.19 35.88 2.13
N PRO C 184 -50.33 36.45 2.53
CA PRO C 184 -51.38 36.76 1.56
C PRO C 184 -50.88 37.69 0.46
N GLY C 185 -51.23 37.36 -0.79
CA GLY C 185 -50.85 38.14 -1.95
C GLY C 185 -49.37 38.15 -2.32
N THR C 186 -48.49 37.56 -1.52
CA THR C 186 -47.10 37.40 -1.96
C THR C 186 -46.99 36.13 -2.81
N ALA C 187 -45.81 35.90 -3.39
CA ALA C 187 -45.43 34.62 -3.97
C ALA C 187 -44.79 33.76 -2.89
N PRO C 188 -44.81 32.43 -3.06
CA PRO C 188 -44.30 31.54 -2.01
C PRO C 188 -42.81 31.81 -1.75
N LYS C 189 -42.40 31.67 -0.49
CA LYS C 189 -41.03 31.99 -0.10
C LYS C 189 -40.44 30.73 0.52
N LEU C 190 -39.36 30.23 -0.08
CA LEU C 190 -38.63 29.08 0.44
C LEU C 190 -38.29 29.27 1.91
N LEU C 191 -38.56 28.22 2.69
CA LEU C 191 -38.42 28.16 4.14
C LEU C 191 -37.50 27.04 4.63
N ILE C 192 -37.61 25.85 4.05
CA ILE C 192 -36.79 24.69 4.39
C ILE C 192 -36.56 23.95 3.08
N TYR C 193 -35.31 23.54 2.83
CA TYR C 193 -35.00 22.61 1.76
C TYR C 193 -34.17 21.48 2.39
N GLY C 194 -33.61 20.61 1.56
CA GLY C 194 -33.14 19.37 2.19
C GLY C 194 -34.33 18.84 2.95
N ASN C 195 -34.13 18.38 4.17
CA ASN C 195 -35.35 18.12 4.92
C ASN C 195 -35.45 19.03 6.11
N SER C 196 -34.37 19.68 6.41
CA SER C 196 -34.17 20.43 7.64
C SER C 196 -33.26 21.63 7.41
N ASN C 197 -32.74 21.83 6.20
CA ASN C 197 -31.84 22.96 5.92
C ASN C 197 -32.60 24.28 5.86
N ARG C 198 -32.07 25.33 6.65
CA ARG C 198 -32.60 26.69 6.55
C ARG C 198 -31.87 27.46 5.45
N PRO C 199 -32.61 28.04 4.49
CA PRO C 199 -32.03 29.00 3.55
C PRO C 199 -31.47 30.18 4.29
N SER C 200 -30.81 31.08 3.56
CA SER C 200 -30.22 32.27 4.16
C SER C 200 -31.30 33.25 4.56
N GLY C 201 -31.16 33.81 5.76
CA GLY C 201 -32.15 34.72 6.31
C GLY C 201 -33.40 34.09 6.91
N VAL C 202 -33.49 32.76 7.00
CA VAL C 202 -34.62 32.14 7.68
C VAL C 202 -34.22 31.86 9.13
N PRO C 203 -34.98 32.37 10.11
CA PRO C 203 -34.57 32.24 11.52
C PRO C 203 -34.55 30.79 12.01
N ASP C 204 -33.86 30.62 13.13
CA ASP C 204 -33.74 29.33 13.80
C ASP C 204 -35.05 28.84 14.39
N ARG C 205 -36.11 29.66 14.42
CA ARG C 205 -37.41 29.22 14.93
C ARG C 205 -38.13 28.29 13.97
N PHE C 206 -37.77 28.30 12.69
CA PHE C 206 -38.29 27.35 11.74
C PHE C 206 -37.32 26.18 11.66
N SER C 207 -37.81 24.99 11.96
CA SER C 207 -37.03 23.76 11.80
C SER C 207 -37.78 22.83 10.88
N GLY C 208 -37.07 21.78 10.45
CA GLY C 208 -37.66 20.75 9.61
C GLY C 208 -37.19 19.35 9.93
N SER C 209 -38.08 18.37 9.79
CA SER C 209 -37.73 16.97 9.96
C SER C 209 -38.37 16.17 8.83
N LYS C 210 -37.76 15.00 8.56
CA LYS C 210 -38.38 13.97 7.75
C LYS C 210 -38.07 12.65 8.42
N SER C 211 -39.05 11.74 8.43
CA SER C 211 -38.81 10.36 8.86
C SER C 211 -39.67 9.43 8.01
N GLY C 212 -39.03 8.58 7.22
CA GLY C 212 -39.79 7.68 6.39
C GLY C 212 -40.61 8.35 5.31
N THR C 213 -41.94 8.34 5.45
CA THR C 213 -42.84 8.87 4.43
C THR C 213 -43.51 10.16 4.87
N SER C 214 -43.10 10.70 6.00
CA SER C 214 -43.65 11.94 6.52
C SER C 214 -42.53 12.89 6.88
N ALA C 215 -42.86 14.18 6.78
CA ALA C 215 -42.02 15.28 7.15
C ALA C 215 -42.83 16.23 8.01
N SER C 216 -42.14 17.12 8.74
CA SER C 216 -42.74 18.09 9.64
C SER C 216 -41.97 19.41 9.63
N LEU C 217 -42.71 20.51 9.63
CA LEU C 217 -42.21 21.84 9.93
C LEU C 217 -42.66 22.29 11.31
N ALA C 218 -41.73 22.82 12.10
CA ALA C 218 -42.00 23.24 13.46
C ALA C 218 -41.61 24.69 13.63
N ILE C 219 -42.59 25.52 13.96
CA ILE C 219 -42.40 26.94 14.27
C ILE C 219 -42.46 27.10 15.80
N THR C 220 -41.32 27.45 16.40
CA THR C 220 -41.25 27.80 17.82
C THR C 220 -41.24 29.32 17.97
N GLY C 221 -41.61 29.77 19.17
CA GLY C 221 -41.71 31.18 19.47
C GLY C 221 -42.69 31.89 18.58
N LEU C 222 -43.86 31.29 18.38
CA LEU C 222 -44.81 31.77 17.37
C LEU C 222 -45.10 33.27 17.50
N GLN C 223 -44.90 33.99 16.39
CA GLN C 223 -45.16 35.41 16.27
C GLN C 223 -46.31 35.67 15.32
N ALA C 224 -46.98 36.82 15.51
CA ALA C 224 -48.17 37.14 14.72
C ALA C 224 -47.88 37.30 13.24
N GLU C 225 -46.65 37.67 12.87
CA GLU C 225 -46.28 37.78 11.46
C GLU C 225 -46.10 36.43 10.77
N ASP C 226 -45.92 35.36 11.56
CA ASP C 226 -45.87 34.00 11.05
C ASP C 226 -47.19 33.56 10.44
N GLU C 227 -48.28 34.27 10.70
CA GLU C 227 -49.58 33.90 10.15
C GLU C 227 -49.48 33.94 8.63
N ALA C 228 -49.54 32.76 8.00
CA ALA C 228 -49.45 32.63 6.55
C ALA C 228 -49.87 31.22 6.16
N ASP C 229 -49.89 30.95 4.85
CA ASP C 229 -50.11 29.60 4.32
C ASP C 229 -48.77 28.91 4.12
N TYR C 230 -48.72 27.60 4.38
CA TYR C 230 -47.49 26.81 4.36
C TYR C 230 -47.65 25.60 3.47
N TYR C 231 -46.77 25.44 2.48
CA TYR C 231 -46.87 24.30 1.58
C TYR C 231 -45.59 23.45 1.66
N CYS C 232 -45.75 22.13 1.57
CA CYS C 232 -44.59 21.27 1.38
C CYS C 232 -44.50 20.84 -0.07
N GLN C 233 -43.34 20.28 -0.42
CA GLN C 233 -43.05 19.95 -1.82
C GLN C 233 -42.01 18.85 -1.86
N SER C 234 -42.25 17.83 -2.66
CA SER C 234 -41.26 16.82 -2.93
C SER C 234 -41.34 16.46 -4.40
N TYR C 235 -40.49 15.53 -4.81
CA TYR C 235 -40.44 15.05 -6.17
C TYR C 235 -40.95 13.62 -6.16
N ASP C 236 -41.58 13.21 -7.23
CA ASP C 236 -42.21 11.90 -7.28
C ASP C 236 -41.60 11.11 -8.43
N SER C 237 -41.12 9.91 -8.15
CA SER C 237 -40.52 9.13 -9.24
C SER C 237 -41.56 8.39 -10.05
N SER C 238 -42.79 8.21 -9.52
CA SER C 238 -43.81 7.48 -10.26
C SER C 238 -44.52 8.37 -11.27
N LEU C 239 -44.77 9.62 -10.92
CA LEU C 239 -45.26 10.53 -11.95
C LEU C 239 -44.16 11.41 -12.54
N SER C 240 -42.93 11.32 -12.03
CA SER C 240 -41.73 11.94 -12.64
C SER C 240 -41.79 13.46 -12.71
N GLY C 241 -42.09 14.10 -11.58
CA GLY C 241 -42.27 15.55 -11.49
C GLY C 241 -42.47 15.98 -10.05
N TRP C 242 -42.62 17.28 -9.86
CA TRP C 242 -42.73 17.85 -8.52
C TRP C 242 -44.18 17.88 -8.07
N VAL C 243 -44.41 17.66 -6.77
CA VAL C 243 -45.75 17.58 -6.20
C VAL C 243 -45.82 18.49 -4.99
N PHE C 244 -46.99 19.05 -4.75
CA PHE C 244 -47.15 20.01 -3.67
C PHE C 244 -48.04 19.40 -2.59
N GLY C 245 -47.80 19.79 -1.35
CA GLY C 245 -48.79 19.58 -0.31
C GLY C 245 -50.03 20.39 -0.63
N GLY C 246 -51.13 20.04 0.06
CA GLY C 246 -52.36 20.80 -0.08
C GLY C 246 -52.39 22.10 0.71
N GLY C 247 -51.39 22.31 1.56
CA GLY C 247 -51.29 23.59 2.22
C GLY C 247 -51.91 23.57 3.60
N THR C 248 -51.34 24.37 4.51
CA THR C 248 -51.90 24.63 5.81
C THR C 248 -51.98 26.14 6.03
N LYS C 249 -53.05 26.59 6.67
CA LYS C 249 -53.20 27.98 7.11
C LYS C 249 -52.83 28.03 8.57
N LEU C 250 -51.72 28.68 8.90
CA LEU C 250 -51.37 28.93 10.30
C LEU C 250 -52.04 30.22 10.75
N THR C 251 -52.85 30.14 11.81
CA THR C 251 -53.54 31.30 12.36
C THR C 251 -53.04 31.54 13.78
N VAL C 252 -52.50 32.73 14.02
CA VAL C 252 -51.88 33.08 15.30
C VAL C 252 -52.95 33.66 16.23
N LEU C 253 -53.27 32.91 17.29
CA LEU C 253 -54.29 33.29 18.27
C LEU C 253 -53.76 34.43 19.15
N ALA C 254 -54.56 34.76 20.18
CA ALA C 254 -54.19 35.70 21.23
C ALA C 254 -54.27 35.00 22.60
N ALA C 255 -53.59 35.57 23.60
CA ALA C 255 -53.52 34.96 24.94
C ALA C 255 -54.51 35.59 25.94
N ASN D 16 -35.46 -2.99 -32.66
CA ASN D 16 -34.65 -2.10 -33.49
C ASN D 16 -33.19 -2.07 -32.96
N LEU D 17 -32.57 -0.88 -32.95
CA LEU D 17 -31.22 -0.64 -32.46
C LEU D 17 -31.26 0.02 -31.08
N CYS D 18 -30.31 -0.36 -30.24
CA CYS D 18 -30.30 0.11 -28.88
C CYS D 18 -29.85 1.56 -28.82
N PRO D 19 -30.39 2.36 -27.91
CA PRO D 19 -30.01 3.78 -27.86
C PRO D 19 -28.63 4.01 -27.22
N PHE D 20 -27.62 3.23 -27.60
CA PHE D 20 -26.31 3.38 -26.95
C PHE D 20 -25.63 4.67 -27.34
N ASP D 21 -25.98 5.25 -28.49
CA ASP D 21 -25.46 6.57 -28.79
C ASP D 21 -26.01 7.64 -27.86
N GLU D 22 -27.01 7.33 -27.03
CA GLU D 22 -27.55 8.27 -26.06
C GLU D 22 -26.92 8.14 -24.67
N VAL D 23 -26.33 6.99 -24.35
CA VAL D 23 -25.64 6.75 -23.08
C VAL D 23 -24.25 7.38 -23.17
N PHE D 24 -23.37 6.84 -24.03
CA PHE D 24 -22.18 7.57 -24.50
C PHE D 24 -22.62 8.61 -25.52
N ASN D 25 -21.78 9.65 -25.71
CA ASN D 25 -22.16 10.80 -26.56
C ASN D 25 -23.49 11.42 -26.11
N ALA D 26 -23.89 11.15 -24.88
CA ALA D 26 -24.90 11.97 -24.21
C ALA D 26 -24.39 13.40 -24.13
N THR D 27 -25.31 14.36 -24.31
CA THR D 27 -24.91 15.76 -24.34
C THR D 27 -24.15 16.14 -23.06
N ARG D 28 -24.70 15.80 -21.89
CA ARG D 28 -24.08 16.02 -20.58
C ARG D 28 -24.19 14.76 -19.73
N PHE D 29 -23.26 14.63 -18.79
CA PHE D 29 -23.22 13.51 -17.85
C PHE D 29 -23.67 13.98 -16.47
N ALA D 30 -24.18 13.04 -15.67
CA ALA D 30 -24.66 13.34 -14.31
C ALA D 30 -23.52 13.27 -13.31
N SER D 31 -23.67 13.99 -12.19
CA SER D 31 -22.74 13.85 -11.07
C SER D 31 -22.81 12.44 -10.52
N VAL D 32 -21.71 11.95 -9.95
CA VAL D 32 -21.72 10.56 -9.49
C VAL D 32 -22.80 10.30 -8.44
N TYR D 33 -23.02 11.25 -7.50
CA TYR D 33 -24.05 11.09 -6.47
C TYR D 33 -25.45 10.98 -7.05
N ALA D 34 -25.68 11.54 -8.24
CA ALA D 34 -26.96 11.42 -8.93
C ALA D 34 -26.75 10.68 -10.24
N TRP D 35 -26.15 9.50 -10.17
CA TRP D 35 -25.88 8.75 -11.38
C TRP D 35 -27.18 8.48 -12.14
N ASN D 36 -27.10 8.53 -13.46
CA ASN D 36 -28.26 8.40 -14.32
C ASN D 36 -28.42 6.95 -14.77
N ARG D 37 -29.62 6.41 -14.60
CA ARG D 37 -29.96 5.07 -15.11
C ARG D 37 -30.88 5.21 -16.32
N LYS D 38 -30.61 4.38 -17.34
CA LYS D 38 -31.35 4.25 -18.58
C LYS D 38 -31.50 2.77 -18.86
N ARG D 39 -32.74 2.32 -19.11
CA ARG D 39 -33.01 0.92 -19.42
C ARG D 39 -32.91 0.68 -20.92
N ILE D 40 -32.27 -0.44 -21.28
CA ILE D 40 -32.16 -0.95 -22.66
C ILE D 40 -32.80 -2.32 -22.64
N SER D 41 -33.94 -2.48 -23.34
CA SER D 41 -34.85 -3.60 -23.12
C SER D 41 -34.78 -4.68 -24.18
N ASN D 42 -35.13 -4.38 -25.43
CA ASN D 42 -35.14 -5.39 -26.47
C ASN D 42 -34.67 -4.76 -27.77
N CYS D 43 -33.44 -5.07 -28.18
CA CYS D 43 -32.86 -4.50 -29.40
C CYS D 43 -31.56 -5.22 -29.72
N VAL D 44 -30.82 -4.67 -30.69
CA VAL D 44 -29.48 -5.15 -31.05
C VAL D 44 -28.48 -4.02 -30.82
N ALA D 45 -27.31 -4.36 -30.29
CA ALA D 45 -26.36 -3.40 -29.76
C ALA D 45 -25.24 -3.10 -30.76
N ASP D 46 -24.75 -1.86 -30.73
CA ASP D 46 -23.61 -1.46 -31.55
C ASP D 46 -22.78 -0.47 -30.74
N TYR D 47 -21.58 -0.89 -30.34
CA TYR D 47 -20.71 -0.10 -29.48
C TYR D 47 -19.65 0.65 -30.26
N SER D 48 -19.83 0.83 -31.57
CA SER D 48 -18.80 1.50 -32.36
C SER D 48 -18.73 2.98 -32.06
N VAL D 49 -19.77 3.51 -31.42
CA VAL D 49 -19.73 4.89 -30.98
C VAL D 49 -18.56 5.09 -30.03
N LEU D 50 -18.19 4.04 -29.28
CA LEU D 50 -17.10 4.08 -28.29
C LEU D 50 -15.73 4.43 -28.90
N TYR D 51 -15.44 3.96 -30.12
CA TYR D 51 -14.16 4.27 -30.76
C TYR D 51 -14.03 5.74 -31.12
N ASN D 52 -15.16 6.45 -31.30
CA ASN D 52 -15.17 7.82 -31.83
C ASN D 52 -15.25 8.90 -30.75
N LEU D 53 -15.76 8.60 -29.55
CA LEU D 53 -15.59 9.49 -28.39
C LEU D 53 -14.26 9.27 -27.68
N ALA D 54 -13.92 7.99 -27.41
CA ALA D 54 -12.73 7.67 -26.62
C ALA D 54 -11.61 7.18 -27.54
N PRO D 55 -10.43 7.79 -27.52
CA PRO D 55 -9.30 7.19 -28.25
C PRO D 55 -8.88 5.91 -27.56
N PHE D 56 -8.73 6.00 -26.24
CA PHE D 56 -8.33 4.87 -25.39
C PHE D 56 -9.37 4.77 -24.28
N PHE D 57 -10.06 3.63 -24.21
CA PHE D 57 -11.03 3.41 -23.15
C PHE D 57 -10.79 2.06 -22.51
N THR D 58 -11.74 1.59 -21.72
CA THR D 58 -11.49 0.43 -20.87
C THR D 58 -12.84 -0.24 -20.64
N PHE D 59 -12.92 -1.52 -20.93
CA PHE D 59 -14.17 -2.26 -20.96
C PHE D 59 -13.91 -3.49 -20.12
N LYS D 60 -14.37 -3.48 -18.88
CA LYS D 60 -14.12 -4.59 -17.97
C LYS D 60 -15.45 -5.23 -17.64
N CYS D 61 -15.58 -6.51 -17.96
CA CYS D 61 -16.82 -7.25 -17.75
C CYS D 61 -16.60 -8.35 -16.74
N TYR D 62 -17.58 -8.52 -15.85
CA TYR D 62 -17.50 -9.42 -14.70
C TYR D 62 -18.64 -10.45 -14.80
N GLY D 63 -18.36 -11.61 -15.37
CA GLY D 63 -19.39 -12.63 -15.50
C GLY D 63 -20.20 -12.56 -16.78
N VAL D 64 -19.72 -11.81 -17.76
CA VAL D 64 -20.46 -11.53 -18.99
C VAL D 64 -19.50 -11.68 -20.15
N SER D 65 -19.91 -12.40 -21.17
CA SER D 65 -19.08 -12.60 -22.36
C SER D 65 -19.55 -11.67 -23.48
N PRO D 66 -18.75 -11.51 -24.53
CA PRO D 66 -19.15 -10.63 -25.64
C PRO D 66 -20.45 -11.04 -26.28
N THR D 67 -20.78 -12.32 -26.23
CA THR D 67 -22.01 -12.80 -26.86
C THR D 67 -23.24 -12.22 -26.16
N LYS D 68 -23.27 -12.25 -24.82
CA LYS D 68 -24.37 -11.63 -24.08
C LYS D 68 -24.47 -10.15 -24.37
N LEU D 69 -23.35 -9.49 -24.64
CA LEU D 69 -23.35 -8.06 -24.87
C LEU D 69 -24.05 -7.69 -26.17
N ASN D 70 -23.99 -8.58 -27.16
CA ASN D 70 -24.65 -8.36 -28.45
C ASN D 70 -26.04 -8.97 -28.52
N ASP D 71 -26.33 -9.98 -27.70
CA ASP D 71 -27.62 -10.66 -27.71
C ASP D 71 -28.47 -10.15 -26.56
N LEU D 72 -28.95 -8.91 -26.69
CA LEU D 72 -29.88 -8.41 -25.70
C LEU D 72 -31.25 -8.11 -26.31
N CYS D 73 -31.62 -8.84 -27.37
CA CYS D 73 -32.97 -8.77 -27.96
C CYS D 73 -34.00 -9.51 -27.10
N PHE D 74 -33.62 -9.98 -25.92
CA PHE D 74 -34.59 -10.56 -24.99
C PHE D 74 -34.23 -10.31 -23.54
N THR D 75 -33.16 -9.58 -23.26
CA THR D 75 -32.75 -9.25 -21.91
C THR D 75 -32.79 -7.73 -21.75
N ASN D 76 -33.03 -7.27 -20.53
CA ASN D 76 -32.99 -5.85 -20.20
C ASN D 76 -31.68 -5.51 -19.51
N VAL D 77 -31.12 -4.36 -19.90
CA VAL D 77 -29.83 -3.87 -19.44
C VAL D 77 -30.06 -2.52 -18.78
N TYR D 78 -29.45 -2.29 -17.62
CA TYR D 78 -29.43 -0.97 -17.00
C TYR D 78 -28.10 -0.31 -17.30
N ALA D 79 -28.14 0.89 -17.86
CA ALA D 79 -26.92 1.67 -18.11
C ALA D 79 -26.84 2.79 -17.08
N ASP D 80 -25.88 2.70 -16.17
CA ASP D 80 -25.64 3.77 -15.21
C ASP D 80 -24.41 4.55 -15.66
N SER D 81 -24.54 5.89 -15.72
CA SER D 81 -23.45 6.73 -16.20
C SER D 81 -23.27 7.96 -15.32
N PHE D 82 -22.03 8.37 -15.14
CA PHE D 82 -21.70 9.50 -14.27
C PHE D 82 -20.27 9.95 -14.61
N VAL D 83 -19.78 10.91 -13.84
CA VAL D 83 -18.43 11.47 -14.02
C VAL D 83 -17.73 11.42 -12.68
N ILE D 84 -16.62 10.69 -12.61
CA ILE D 84 -15.76 10.72 -11.44
C ILE D 84 -14.36 11.00 -11.93
N ARG D 85 -13.42 10.99 -11.02
CA ARG D 85 -12.03 11.26 -11.35
C ARG D 85 -11.28 9.95 -11.55
N GLY D 86 -10.19 10.01 -12.32
CA GLY D 86 -9.47 8.81 -12.71
C GLY D 86 -8.96 7.98 -11.55
N ASP D 87 -8.50 8.61 -10.45
CA ASP D 87 -8.05 7.83 -9.29
C ASP D 87 -9.18 6.98 -8.74
N GLU D 88 -10.43 7.38 -8.97
CA GLU D 88 -11.57 6.73 -8.34
C GLU D 88 -12.22 5.66 -9.21
N VAL D 89 -11.82 5.53 -10.47
CA VAL D 89 -12.41 4.51 -11.33
C VAL D 89 -12.20 3.12 -10.76
N ARG D 90 -11.08 2.91 -10.07
CA ARG D 90 -10.82 1.59 -9.48
C ARG D 90 -11.84 1.17 -8.44
N GLN D 91 -12.65 2.12 -7.95
CA GLN D 91 -13.70 1.83 -6.99
C GLN D 91 -15.01 1.46 -7.65
N ILE D 92 -15.11 1.57 -8.97
CA ILE D 92 -16.28 1.08 -9.67
C ILE D 92 -16.01 -0.37 -10.07
N ALA D 93 -15.97 -1.24 -9.08
CA ALA D 93 -15.74 -2.67 -9.29
C ALA D 93 -16.29 -3.42 -8.08
N PRO D 94 -16.53 -4.72 -8.19
CA PRO D 94 -17.02 -5.47 -7.04
C PRO D 94 -16.02 -5.47 -5.89
N GLY D 95 -16.55 -5.51 -4.67
CA GLY D 95 -15.73 -5.51 -3.47
C GLY D 95 -14.68 -4.41 -3.39
N GLN D 96 -15.10 -3.15 -3.48
CA GLN D 96 -14.19 -2.04 -3.33
C GLN D 96 -14.72 -1.09 -2.26
N THR D 97 -13.79 -0.34 -1.67
CA THR D 97 -14.09 0.68 -0.66
C THR D 97 -13.40 1.96 -1.04
N GLY D 98 -14.07 3.07 -0.78
CA GLY D 98 -13.54 4.39 -1.03
C GLY D 98 -14.65 5.39 -0.84
N ASN D 99 -14.52 6.57 -1.44
CA ASN D 99 -15.52 7.60 -1.27
C ASN D 99 -16.64 7.45 -2.25
N ILE D 100 -16.30 7.07 -3.47
CA ILE D 100 -17.32 6.82 -4.46
C ILE D 100 -18.05 5.52 -4.13
N ALA D 101 -17.34 4.49 -3.68
CA ALA D 101 -18.01 3.20 -3.50
C ALA D 101 -18.87 3.20 -2.25
N ASP D 102 -18.42 3.89 -1.23
CA ASP D 102 -19.12 3.94 0.05
C ASP D 102 -20.29 4.93 0.05
N TYR D 103 -20.16 6.08 -0.64
CA TYR D 103 -21.18 7.12 -0.53
C TYR D 103 -21.89 7.48 -1.82
N ASN D 104 -21.50 6.93 -2.99
CA ASN D 104 -22.02 7.45 -4.24
C ASN D 104 -22.56 6.40 -5.19
N TYR D 105 -21.88 5.27 -5.33
CA TYR D 105 -22.29 4.24 -6.29
C TYR D 105 -21.60 2.95 -5.86
N LYS D 106 -22.39 1.99 -5.34
CA LYS D 106 -21.86 0.73 -4.84
C LYS D 106 -22.24 -0.41 -5.77
N LEU D 107 -21.20 -1.11 -6.32
CA LEU D 107 -21.35 -2.34 -7.10
C LEU D 107 -21.41 -3.52 -6.15
N PRO D 108 -22.35 -4.45 -6.34
CA PRO D 108 -22.45 -5.63 -5.46
C PRO D 108 -21.20 -6.48 -5.57
N ASP D 109 -21.00 -7.36 -4.58
CA ASP D 109 -19.85 -8.25 -4.65
C ASP D 109 -20.04 -9.35 -5.67
N ASP D 110 -21.29 -9.77 -5.90
CA ASP D 110 -21.65 -10.72 -6.94
C ASP D 110 -21.96 -10.04 -8.26
N PHE D 111 -21.17 -9.07 -8.70
CA PHE D 111 -21.56 -8.25 -9.83
C PHE D 111 -21.51 -9.01 -11.15
N THR D 112 -22.51 -8.80 -12.00
CA THR D 112 -22.60 -9.40 -13.34
C THR D 112 -22.87 -8.29 -14.36
N GLY D 113 -21.83 -7.81 -15.02
CA GLY D 113 -21.99 -6.70 -15.93
C GLY D 113 -20.63 -6.15 -16.32
N CYS D 114 -20.67 -5.03 -17.02
CA CYS D 114 -19.45 -4.36 -17.51
C CYS D 114 -19.32 -2.94 -16.95
N VAL D 115 -18.07 -2.49 -16.88
CA VAL D 115 -17.71 -1.12 -16.49
C VAL D 115 -16.86 -0.49 -17.59
N ILE D 116 -17.40 0.54 -18.22
CA ILE D 116 -16.74 1.26 -19.30
C ILE D 116 -16.29 2.62 -18.78
N ALA D 117 -15.09 3.06 -19.18
CA ALA D 117 -14.47 4.24 -18.60
C ALA D 117 -13.51 4.90 -19.58
N TRP D 118 -13.55 6.22 -19.66
CA TRP D 118 -12.61 6.93 -20.53
C TRP D 118 -12.39 8.36 -20.06
N ASN D 119 -11.19 8.85 -20.34
CA ASN D 119 -10.80 10.22 -19.99
C ASN D 119 -11.73 11.23 -20.66
N SER D 120 -12.31 12.13 -19.85
CA SER D 120 -13.11 13.22 -20.42
C SER D 120 -12.52 14.58 -20.09
N ASN D 121 -11.19 14.65 -20.01
CA ASN D 121 -10.51 15.92 -19.75
C ASN D 121 -10.87 16.96 -20.80
N LYS D 122 -11.01 16.56 -22.06
CA LYS D 122 -11.25 17.54 -23.11
C LYS D 122 -12.66 18.11 -23.03
N LEU D 123 -13.63 17.31 -22.60
CA LEU D 123 -14.99 17.80 -22.50
C LEU D 123 -15.27 18.45 -21.15
N ASP D 124 -14.77 17.85 -20.07
CA ASP D 124 -15.22 18.12 -18.71
C ASP D 124 -14.25 18.93 -17.86
N SER D 125 -13.20 19.49 -18.45
CA SER D 125 -12.29 20.36 -17.73
C SER D 125 -12.37 21.77 -18.30
N LYS D 126 -12.36 22.76 -17.42
CA LYS D 126 -12.22 24.14 -17.83
C LYS D 126 -10.97 24.71 -17.20
N VAL D 127 -10.56 25.90 -17.66
CA VAL D 127 -9.34 26.55 -17.17
C VAL D 127 -9.54 27.06 -15.74
N SER D 128 -10.68 27.67 -15.47
CA SER D 128 -10.95 28.20 -14.14
C SER D 128 -11.49 27.14 -13.20
N GLY D 129 -11.69 25.91 -13.68
CA GLY D 129 -12.28 24.87 -12.88
C GLY D 129 -13.71 24.58 -13.30
N ASN D 130 -14.03 23.30 -13.47
CA ASN D 130 -15.40 22.82 -13.59
C ASN D 130 -15.79 22.37 -12.20
N TYR D 131 -16.62 23.18 -11.55
CA TYR D 131 -17.15 22.88 -10.23
C TYR D 131 -18.56 22.31 -10.31
N ASN D 132 -19.07 22.03 -11.53
CA ASN D 132 -20.45 21.60 -11.75
C ASN D 132 -20.70 20.13 -11.44
N TYR D 133 -19.66 19.31 -11.32
CA TYR D 133 -19.79 17.90 -10.99
C TYR D 133 -19.58 17.71 -9.49
N LEU D 134 -20.57 17.16 -8.81
CA LEU D 134 -20.50 16.97 -7.37
C LEU D 134 -20.36 15.50 -6.99
N TYR D 135 -20.07 15.29 -5.71
CA TYR D 135 -19.96 13.96 -5.10
C TYR D 135 -20.28 14.06 -3.61
N ARG D 136 -20.84 12.99 -3.09
CA ARG D 136 -21.17 12.96 -1.67
C ARG D 136 -19.93 12.64 -0.85
N LEU D 137 -19.64 13.49 0.12
CA LEU D 137 -18.44 13.34 0.93
C LEU D 137 -18.75 12.84 2.33
N PHE D 138 -19.96 13.04 2.79
CA PHE D 138 -20.35 12.63 4.13
C PHE D 138 -21.63 11.82 4.06
N ARG D 139 -21.65 10.71 4.78
CA ARG D 139 -22.85 9.91 4.99
C ARG D 139 -22.63 9.08 6.23
N LYS D 140 -23.71 8.69 6.89
CA LYS D 140 -23.50 7.88 8.08
C LYS D 140 -23.21 6.43 7.65
N SER D 141 -24.24 5.69 7.26
CA SER D 141 -24.07 4.34 6.72
C SER D 141 -23.50 4.35 5.30
N ASN D 142 -22.89 3.23 4.91
CA ASN D 142 -22.43 3.11 3.54
C ASN D 142 -23.60 2.76 2.61
N LEU D 143 -23.38 3.03 1.33
CA LEU D 143 -24.41 2.81 0.32
C LEU D 143 -24.57 1.32 0.02
N LYS D 144 -25.83 0.87 -0.04
CA LYS D 144 -26.06 -0.51 -0.42
C LYS D 144 -25.95 -0.64 -1.95
N PRO D 145 -25.67 -1.84 -2.43
CA PRO D 145 -25.38 -1.99 -3.86
C PRO D 145 -26.51 -1.44 -4.71
N PHE D 146 -26.18 -0.49 -5.61
CA PHE D 146 -27.12 0.16 -6.53
C PHE D 146 -28.07 1.14 -5.84
N GLU D 147 -27.80 1.50 -4.57
CA GLU D 147 -28.51 2.57 -3.86
C GLU D 147 -28.16 3.94 -4.44
N ARG D 148 -29.09 4.87 -4.31
CA ARG D 148 -28.86 6.23 -4.78
C ARG D 148 -29.42 7.20 -3.75
N ASP D 149 -28.65 8.25 -3.51
CA ASP D 149 -28.92 9.23 -2.46
C ASP D 149 -28.64 10.61 -3.03
N ILE D 150 -29.71 11.37 -3.26
CA ILE D 150 -29.55 12.74 -3.74
C ILE D 150 -30.05 13.73 -2.70
N SER D 151 -30.02 13.34 -1.43
CA SER D 151 -30.38 14.22 -0.33
C SER D 151 -29.34 15.33 -0.14
N THR D 152 -29.79 16.47 0.40
CA THR D 152 -28.88 17.56 0.72
C THR D 152 -28.91 17.90 2.21
N GLU D 153 -29.48 17.05 3.07
CA GLU D 153 -29.54 17.35 4.49
C GLU D 153 -28.14 17.49 5.09
N ILE D 154 -28.03 18.29 6.14
CA ILE D 154 -26.72 18.62 6.70
C ILE D 154 -26.24 17.47 7.58
N TYR D 155 -25.09 16.90 7.22
CA TYR D 155 -24.46 15.82 7.97
C TYR D 155 -23.94 16.30 9.32
N GLN D 156 -24.40 15.68 10.39
CA GLN D 156 -23.91 15.96 11.72
C GLN D 156 -22.68 15.09 12.01
N ALA D 157 -21.50 15.71 12.00
CA ALA D 157 -20.27 15.01 12.30
C ALA D 157 -19.87 15.14 13.77
N GLY D 158 -20.62 15.88 14.58
CA GLY D 158 -20.28 15.98 15.98
C GLY D 158 -21.31 15.46 16.98
N ASN D 159 -21.20 15.94 18.22
CA ASN D 159 -22.08 15.54 19.32
C ASN D 159 -23.24 16.49 19.53
N LYS D 160 -23.32 17.59 18.80
CA LYS D 160 -24.32 18.63 19.00
C LYS D 160 -25.19 18.79 17.75
N PRO D 161 -26.46 19.17 17.90
CA PRO D 161 -27.36 19.28 16.74
C PRO D 161 -26.96 20.41 15.82
N CYS D 162 -27.28 20.28 14.52
CA CYS D 162 -26.86 21.28 13.54
C CYS D 162 -27.87 22.40 13.36
N ASN D 163 -29.15 22.17 13.66
CA ASN D 163 -30.21 23.18 13.59
C ASN D 163 -30.37 23.77 12.20
N GLY D 164 -30.15 22.97 11.16
CA GLY D 164 -30.47 23.42 9.82
C GLY D 164 -29.35 24.12 9.11
N VAL D 165 -28.20 24.28 9.73
CA VAL D 165 -27.18 25.16 9.19
C VAL D 165 -25.86 24.43 9.27
N ALA D 166 -25.01 24.70 8.30
CA ALA D 166 -23.70 24.08 8.33
C ALA D 166 -22.77 24.89 9.20
N GLY D 167 -21.61 24.32 9.50
CA GLY D 167 -20.63 24.99 10.32
C GLY D 167 -19.77 23.98 11.03
N PHE D 168 -19.26 24.31 12.22
CA PHE D 168 -18.45 23.41 13.03
C PHE D 168 -19.09 22.04 13.21
N ASN D 169 -18.47 21.01 12.59
CA ASN D 169 -18.90 19.61 12.60
C ASN D 169 -20.25 19.42 11.94
N CYS D 170 -20.62 20.30 11.03
CA CYS D 170 -21.92 20.22 10.38
C CYS D 170 -21.69 20.51 8.90
N TYR D 171 -21.80 19.48 8.07
CA TYR D 171 -21.33 19.55 6.71
C TYR D 171 -22.47 19.40 5.71
N PHE D 172 -22.57 20.34 4.77
CA PHE D 172 -23.39 20.14 3.59
C PHE D 172 -22.82 18.95 2.82
N PRO D 173 -23.63 17.94 2.50
CA PRO D 173 -23.06 16.63 2.17
C PRO D 173 -22.42 16.54 0.81
N LEU D 174 -22.76 17.38 -0.17
CA LEU D 174 -22.14 17.30 -1.49
C LEU D 174 -21.04 18.35 -1.71
N ARG D 175 -19.99 17.93 -2.44
CA ARG D 175 -18.79 18.74 -2.71
C ARG D 175 -18.43 18.74 -4.19
N SER D 176 -17.94 19.89 -4.69
CA SER D 176 -17.59 20.01 -6.09
C SER D 176 -16.24 19.37 -6.39
N TYR D 177 -15.95 19.21 -7.69
CA TYR D 177 -14.82 18.41 -8.12
C TYR D 177 -13.68 19.20 -8.71
N SER D 178 -13.88 20.47 -9.04
CA SER D 178 -12.77 21.36 -9.39
C SER D 178 -11.99 21.05 -10.68
N PHE D 179 -12.48 20.17 -11.56
CA PHE D 179 -11.72 19.70 -12.73
C PHE D 179 -11.05 20.82 -13.53
N ARG D 180 -9.71 20.75 -13.67
CA ARG D 180 -8.86 21.68 -14.40
C ARG D 180 -7.96 20.91 -15.36
N PRO D 181 -7.73 21.42 -16.58
CA PRO D 181 -7.02 20.62 -17.60
C PRO D 181 -5.53 20.49 -17.36
N THR D 182 -5.01 21.02 -16.25
CA THR D 182 -3.60 20.93 -15.90
C THR D 182 -3.37 19.93 -14.79
N TYR D 183 -4.31 19.02 -14.57
CA TYR D 183 -4.23 18.09 -13.45
C TYR D 183 -3.59 16.80 -13.91
N GLY D 184 -2.90 16.14 -12.98
CA GLY D 184 -2.45 14.78 -13.23
C GLY D 184 -3.57 13.95 -13.83
N VAL D 185 -3.24 12.98 -14.67
CA VAL D 185 -4.28 12.19 -15.30
C VAL D 185 -5.16 11.52 -14.24
N GLY D 186 -4.59 11.26 -13.05
CA GLY D 186 -5.40 10.89 -11.91
C GLY D 186 -6.54 11.87 -11.66
N HIS D 187 -6.24 13.11 -11.28
CA HIS D 187 -7.29 14.04 -10.89
C HIS D 187 -8.21 14.55 -12.09
N GLN D 188 -8.05 14.04 -13.35
CA GLN D 188 -8.85 14.46 -14.49
C GLN D 188 -10.21 13.77 -14.50
N PRO D 189 -11.22 14.39 -15.14
CA PRO D 189 -12.54 13.76 -15.23
C PRO D 189 -12.51 12.52 -16.13
N TYR D 190 -13.18 11.46 -15.65
CA TYR D 190 -13.46 10.26 -16.45
C TYR D 190 -14.96 10.05 -16.53
N ARG D 191 -15.48 9.75 -17.72
CA ARG D 191 -16.87 9.34 -17.80
C ARG D 191 -16.93 7.82 -17.70
N VAL D 192 -18.00 7.33 -17.10
CA VAL D 192 -18.14 5.93 -16.75
C VAL D 192 -19.55 5.51 -17.11
N VAL D 193 -19.68 4.31 -17.67
CA VAL D 193 -20.95 3.65 -17.99
C VAL D 193 -20.87 2.23 -17.44
N VAL D 194 -21.79 1.86 -16.57
CA VAL D 194 -21.81 0.55 -15.93
C VAL D 194 -23.02 -0.18 -16.52
N LEU D 195 -22.80 -1.09 -17.47
CA LEU D 195 -23.88 -1.97 -17.92
C LEU D 195 -24.12 -3.04 -16.84
N SER D 196 -25.39 -3.27 -16.50
CA SER D 196 -25.82 -4.26 -15.49
C SER D 196 -26.93 -5.11 -16.10
N PHE D 197 -27.27 -6.23 -15.45
CA PHE D 197 -28.35 -7.08 -15.98
C PHE D 197 -29.48 -7.24 -14.97
N GLU D 198 -30.73 -7.11 -15.47
CA GLU D 198 -31.94 -7.12 -14.63
C GLU D 198 -32.60 -8.51 -14.55
N VAL E 2 16.01 -47.01 -12.62
CA VAL E 2 15.28 -47.64 -13.71
C VAL E 2 16.02 -47.43 -15.02
N GLN E 3 15.48 -48.02 -16.08
CA GLN E 3 16.04 -47.90 -17.41
C GLN E 3 14.96 -48.32 -18.39
N LEU E 4 15.09 -47.91 -19.65
CA LEU E 4 14.05 -48.20 -20.62
C LEU E 4 14.37 -49.51 -21.34
N VAL E 5 13.41 -50.44 -21.33
CA VAL E 5 13.55 -51.77 -21.90
C VAL E 5 12.85 -51.79 -23.25
N GLU E 6 13.56 -52.23 -24.28
CA GLU E 6 13.07 -52.22 -25.65
C GLU E 6 12.84 -53.65 -26.15
N SER E 7 12.08 -53.74 -27.24
CA SER E 7 11.84 -54.98 -27.96
C SER E 7 13.16 -55.55 -28.51
N GLY E 8 13.12 -56.84 -28.88
CA GLY E 8 14.33 -57.52 -29.32
C GLY E 8 14.67 -57.24 -30.78
N ALA E 9 15.90 -57.60 -31.14
CA ALA E 9 16.41 -57.35 -32.50
C ALA E 9 15.54 -58.05 -33.54
N GLU E 10 15.32 -57.37 -34.66
CA GLU E 10 14.44 -57.87 -35.70
C GLU E 10 15.13 -57.81 -37.05
N VAL E 11 14.95 -58.88 -37.82
CA VAL E 11 15.38 -58.91 -39.22
C VAL E 11 14.11 -58.95 -40.07
N LYS E 12 13.92 -57.91 -40.88
CA LYS E 12 12.70 -57.70 -41.64
C LYS E 12 13.00 -57.54 -43.12
N LYS E 13 12.03 -57.98 -43.97
CA LYS E 13 12.15 -57.98 -45.42
C LYS E 13 11.79 -56.61 -45.99
N PRO E 14 12.47 -56.17 -47.06
CA PRO E 14 12.14 -54.88 -47.68
C PRO E 14 10.68 -54.76 -48.07
N GLY E 15 10.00 -53.79 -47.48
CA GLY E 15 8.57 -53.59 -47.63
C GLY E 15 7.71 -53.95 -46.43
N SER E 16 8.28 -54.42 -45.32
CA SER E 16 7.51 -54.81 -44.15
C SER E 16 7.31 -53.63 -43.21
N SER E 17 6.91 -53.93 -41.97
CA SER E 17 6.67 -52.94 -40.91
C SER E 17 7.23 -53.48 -39.61
N VAL E 18 7.95 -52.65 -38.86
CA VAL E 18 8.39 -53.00 -37.51
C VAL E 18 7.54 -52.19 -36.53
N LYS E 19 7.21 -52.80 -35.40
CA LYS E 19 6.71 -52.08 -34.23
C LYS E 19 7.71 -52.30 -33.10
N VAL E 20 8.47 -51.28 -32.78
CA VAL E 20 9.39 -51.36 -31.65
C VAL E 20 8.64 -50.94 -30.39
N SER E 21 8.94 -51.62 -29.29
CA SER E 21 8.34 -51.35 -27.99
C SER E 21 9.35 -50.65 -27.07
N CYS E 22 8.82 -50.09 -25.98
CA CYS E 22 9.62 -49.32 -25.03
C CYS E 22 8.79 -49.17 -23.76
N LYS E 23 9.30 -49.68 -22.64
CA LYS E 23 8.51 -49.75 -21.41
C LYS E 23 9.26 -49.13 -20.24
N ALA E 24 8.56 -48.30 -19.45
CA ALA E 24 9.10 -47.74 -18.21
C ALA E 24 8.80 -48.71 -17.07
N PRO E 25 9.81 -49.42 -16.52
CA PRO E 25 9.64 -50.53 -15.57
C PRO E 25 9.20 -50.10 -14.17
N PHE E 29 5.03 -42.55 -16.62
CA PHE E 29 5.54 -41.96 -17.86
C PHE E 29 4.55 -40.93 -18.45
N SER E 30 3.41 -40.72 -17.77
CA SER E 30 2.44 -39.73 -18.22
C SER E 30 2.93 -38.30 -18.00
N SER E 31 4.00 -38.13 -17.21
CA SER E 31 4.61 -36.85 -16.94
C SER E 31 5.78 -36.55 -17.86
N TYR E 32 6.17 -37.49 -18.72
CA TYR E 32 7.39 -37.39 -19.51
C TYR E 32 7.06 -37.39 -21.00
N ALA E 33 8.03 -36.98 -21.80
CA ALA E 33 7.95 -37.12 -23.25
C ALA E 33 8.66 -38.38 -23.70
N ILE E 34 8.14 -39.01 -24.75
CA ILE E 34 8.76 -40.18 -25.36
C ILE E 34 9.22 -39.75 -26.76
N SER E 35 10.52 -39.56 -26.92
CA SER E 35 11.12 -39.28 -28.21
C SER E 35 11.75 -40.57 -28.76
N TRP E 36 11.67 -40.74 -30.08
CA TRP E 36 12.27 -41.86 -30.80
C TRP E 36 13.39 -41.35 -31.69
N VAL E 37 14.59 -41.92 -31.55
CA VAL E 37 15.73 -41.57 -32.39
C VAL E 37 16.46 -42.85 -32.85
N ARG E 38 16.80 -42.90 -34.13
CA ARG E 38 17.51 -44.05 -34.71
C ARG E 38 18.94 -43.69 -35.11
N GLN E 39 19.78 -44.72 -35.19
CA GLN E 39 21.18 -44.55 -35.59
C GLN E 39 21.56 -45.63 -36.60
N ALA E 40 21.71 -45.25 -37.87
CA ALA E 40 22.18 -46.19 -38.88
C ALA E 40 23.64 -46.57 -38.62
N PRO E 41 24.05 -47.84 -38.97
CA PRO E 41 25.42 -48.27 -38.65
C PRO E 41 26.46 -47.27 -39.11
N GLY E 42 27.15 -46.66 -38.15
CA GLY E 42 28.22 -45.73 -38.46
C GLY E 42 27.79 -44.32 -38.75
N GLN E 43 26.54 -43.96 -38.44
CA GLN E 43 26.01 -42.66 -38.78
C GLN E 43 25.71 -41.85 -37.51
N GLY E 44 25.17 -40.65 -37.70
CA GLY E 44 24.76 -39.81 -36.59
C GLY E 44 23.38 -40.20 -36.10
N LEU E 45 22.94 -39.49 -35.05
CA LEU E 45 21.60 -39.68 -34.53
C LEU E 45 20.62 -38.84 -35.34
N GLU E 46 19.39 -39.32 -35.42
CA GLU E 46 18.36 -38.72 -36.27
C GLU E 46 17.04 -38.77 -35.53
N TRP E 47 16.48 -37.59 -35.27
CA TRP E 47 15.18 -37.54 -34.59
C TRP E 47 14.11 -38.03 -35.54
N MET E 48 13.32 -38.98 -35.08
CA MET E 48 12.20 -39.49 -35.85
C MET E 48 10.88 -38.86 -35.45
N GLY E 49 10.73 -38.52 -34.18
CA GLY E 49 9.46 -38.00 -33.69
C GLY E 49 9.28 -38.35 -32.23
N GLY E 50 8.12 -37.95 -31.72
CA GLY E 50 7.87 -38.11 -30.30
C GLY E 50 6.41 -37.90 -30.00
N ILE E 51 6.08 -38.02 -28.72
CA ILE E 51 4.69 -37.84 -28.29
C ILE E 51 4.72 -37.54 -26.81
N ILE E 52 3.69 -36.84 -26.34
CA ILE E 52 3.41 -36.70 -24.92
C ILE E 52 2.27 -37.66 -24.59
N PRO E 53 2.52 -38.68 -23.76
CA PRO E 53 1.52 -39.72 -23.50
C PRO E 53 0.17 -39.17 -23.03
N ILE E 54 -0.91 -39.74 -23.59
CA ILE E 54 -2.31 -39.50 -23.19
C ILE E 54 -2.83 -38.19 -23.76
N PHE E 55 -2.21 -37.07 -23.37
CA PHE E 55 -2.72 -35.75 -23.76
C PHE E 55 -2.09 -35.22 -25.04
N GLY E 56 -1.24 -35.98 -25.71
CA GLY E 56 -0.49 -35.48 -26.85
C GLY E 56 -0.94 -36.06 -28.17
N THR E 57 -0.83 -35.25 -29.23
CA THR E 57 -0.82 -35.72 -30.61
C THR E 57 0.61 -36.10 -31.01
N PRO E 58 0.77 -37.17 -31.79
CA PRO E 58 2.13 -37.57 -32.22
C PRO E 58 2.74 -36.50 -33.09
N ASN E 59 4.05 -36.33 -32.96
CA ASN E 59 4.78 -35.37 -33.78
C ASN E 59 5.92 -36.09 -34.50
N TYR E 60 5.97 -35.97 -35.83
CA TYR E 60 6.92 -36.68 -36.69
C TYR E 60 7.86 -35.70 -37.38
N ALA E 61 9.08 -36.15 -37.67
CA ALA E 61 9.93 -35.43 -38.60
C ALA E 61 9.46 -35.71 -40.04
N GLN E 62 9.83 -34.81 -40.97
CA GLN E 62 9.26 -34.89 -42.31
C GLN E 62 9.79 -36.08 -43.11
N LYS E 63 11.01 -36.56 -42.81
CA LYS E 63 11.57 -37.71 -43.52
C LYS E 63 10.72 -38.97 -43.36
N PHE E 64 10.01 -39.09 -42.25
CA PHE E 64 9.29 -40.31 -41.90
C PHE E 64 7.81 -40.02 -41.67
N GLN E 65 7.24 -39.07 -42.42
CA GLN E 65 5.90 -38.61 -42.08
C GLN E 65 4.84 -39.68 -42.39
N GLY E 66 4.77 -40.12 -43.64
CA GLY E 66 3.77 -41.11 -44.00
C GLY E 66 4.03 -42.52 -43.50
N ARG E 67 5.22 -42.79 -42.99
CA ARG E 67 5.65 -44.15 -42.69
C ARG E 67 5.57 -44.48 -41.21
N VAL E 68 5.82 -43.50 -40.33
CA VAL E 68 5.95 -43.73 -38.90
C VAL E 68 4.62 -43.49 -38.20
N THR E 69 4.36 -44.31 -37.19
CA THR E 69 3.22 -44.16 -36.28
C THR E 69 3.77 -44.33 -34.87
N ILE E 70 4.00 -43.21 -34.10
CA ILE E 70 4.20 -43.36 -32.66
C ILE E 70 2.86 -43.37 -31.94
N THR E 71 2.77 -44.25 -30.95
CA THR E 71 1.66 -44.40 -30.04
C THR E 71 2.23 -44.76 -28.68
N ALA E 72 1.44 -44.50 -27.64
CA ALA E 72 1.72 -45.02 -26.32
C ALA E 72 0.43 -45.60 -25.78
N ASP E 73 0.54 -46.61 -24.93
CA ASP E 73 -0.63 -47.12 -24.21
C ASP E 73 -0.44 -46.85 -22.73
N GLU E 74 -1.31 -46.01 -22.17
CA GLU E 74 -1.30 -45.76 -20.73
C GLU E 74 -1.47 -47.06 -19.97
N SER E 75 -2.33 -47.95 -20.47
CA SER E 75 -2.70 -49.16 -19.75
C SER E 75 -1.49 -50.06 -19.49
N THR E 76 -0.66 -50.26 -20.52
CA THR E 76 0.51 -51.15 -20.40
C THR E 76 1.82 -50.39 -20.18
N SER E 77 1.76 -49.05 -20.03
CA SER E 77 2.96 -48.24 -19.74
C SER E 77 4.07 -48.50 -20.77
N THR E 78 3.68 -48.68 -22.03
CA THR E 78 4.59 -48.97 -23.13
C THR E 78 4.40 -47.95 -24.26
N ALA E 79 5.48 -47.73 -25.03
CA ALA E 79 5.49 -46.81 -26.17
C ALA E 79 5.91 -47.53 -27.45
N TYR E 80 5.25 -47.22 -28.57
CA TYR E 80 5.43 -47.93 -29.83
C TYR E 80 5.75 -46.97 -30.96
N MET E 81 6.70 -47.36 -31.81
CA MET E 81 6.95 -46.69 -33.08
C MET E 81 6.86 -47.72 -34.21
N GLU E 82 5.99 -47.48 -35.19
CA GLU E 82 5.80 -48.39 -36.32
C GLU E 82 6.30 -47.74 -37.61
N LEU E 83 7.45 -48.19 -38.10
CA LEU E 83 7.96 -47.75 -39.39
C LEU E 83 7.54 -48.75 -40.45
N SER E 84 6.83 -48.27 -41.48
CA SER E 84 6.29 -49.06 -42.58
C SER E 84 7.04 -48.73 -43.87
N SER E 85 6.84 -49.57 -44.89
CA SER E 85 7.54 -49.42 -46.18
C SER E 85 9.05 -49.42 -45.99
N LEU E 86 9.54 -50.43 -45.27
CA LEU E 86 10.94 -50.51 -44.92
C LEU E 86 11.82 -50.60 -46.16
N ARG E 87 12.88 -49.82 -46.18
CA ARG E 87 13.96 -49.97 -47.15
C ARG E 87 15.22 -50.44 -46.44
N SER E 88 16.23 -50.82 -47.23
CA SER E 88 17.51 -51.21 -46.65
C SER E 88 18.17 -50.05 -45.90
N GLU E 89 17.76 -48.81 -46.18
CA GLU E 89 18.32 -47.62 -45.55
C GLU E 89 17.76 -47.38 -44.15
N ASP E 90 16.67 -48.07 -43.79
CA ASP E 90 16.10 -48.15 -42.44
C ASP E 90 16.77 -49.26 -41.59
N THR E 91 18.01 -49.61 -41.92
CA THR E 91 18.82 -50.45 -41.04
C THR E 91 19.54 -49.54 -40.05
N ALA E 92 19.29 -49.76 -38.76
CA ALA E 92 19.73 -48.83 -37.70
C ALA E 92 19.35 -49.39 -36.33
N VAL E 93 20.03 -48.88 -35.32
CA VAL E 93 19.61 -49.00 -33.93
C VAL E 93 18.46 -48.03 -33.69
N TYR E 94 17.38 -48.49 -33.04
CA TYR E 94 16.19 -47.68 -32.74
C TYR E 94 16.07 -47.44 -31.24
N TYR E 95 16.43 -46.25 -30.78
CA TYR E 95 16.31 -45.88 -29.37
C TYR E 95 15.00 -45.14 -29.09
N CYS E 96 14.47 -45.37 -27.88
CA CYS E 96 13.50 -44.47 -27.27
C CYS E 96 14.16 -43.77 -26.10
N ALA E 97 13.71 -42.55 -25.83
CA ALA E 97 14.34 -41.70 -24.83
C ALA E 97 13.27 -40.88 -24.13
N ARG E 98 13.47 -40.67 -22.84
CA ARG E 98 12.53 -39.98 -21.98
C ARG E 98 13.03 -38.56 -21.74
N GLY E 99 12.18 -37.57 -22.00
CA GLY E 99 12.49 -36.17 -21.71
C GLY E 99 11.81 -35.67 -20.44
N TYR E 100 12.54 -34.84 -19.69
CA TYR E 100 12.04 -34.23 -18.44
C TYR E 100 11.66 -32.77 -18.70
N CYS E 101 10.44 -32.39 -18.32
CA CYS E 101 9.98 -31.02 -18.50
C CYS E 101 9.84 -30.27 -17.17
N GLY E 102 10.29 -30.88 -16.06
CA GLY E 102 10.05 -30.35 -14.73
C GLY E 102 8.60 -30.52 -14.35
N GLY E 103 8.22 -31.70 -13.89
CA GLY E 103 6.81 -31.90 -13.60
C GLY E 103 6.08 -32.53 -14.77
N ASP E 104 5.09 -31.85 -15.32
CA ASP E 104 4.33 -32.38 -16.44
C ASP E 104 4.77 -31.70 -17.73
N CYS E 105 4.53 -32.37 -18.85
CA CYS E 105 5.02 -31.93 -20.15
C CYS E 105 3.86 -31.40 -20.97
N TYR E 106 3.94 -30.13 -21.36
CA TYR E 106 2.89 -29.59 -22.21
C TYR E 106 3.10 -30.02 -23.66
N SER E 107 4.20 -29.59 -24.28
CA SER E 107 4.56 -29.96 -25.64
C SER E 107 5.95 -30.57 -25.64
N LEU E 108 6.30 -31.26 -26.74
CA LEU E 108 7.65 -31.75 -26.93
C LEU E 108 8.68 -30.63 -26.97
N GLU E 109 8.26 -29.37 -27.00
CA GLU E 109 9.17 -28.25 -27.14
C GLU E 109 9.79 -27.88 -25.80
N LEU E 110 9.09 -28.13 -24.70
CA LEU E 110 9.53 -27.75 -23.36
C LEU E 110 10.34 -28.83 -22.70
N VAL E 111 11.03 -29.67 -23.45
CA VAL E 111 11.88 -30.66 -22.84
C VAL E 111 13.19 -29.98 -22.46
N TRP E 112 13.68 -30.26 -21.25
CA TRP E 112 14.95 -29.68 -20.80
C TRP E 112 16.10 -30.55 -21.27
N TYR E 113 15.96 -31.86 -21.06
CA TYR E 113 16.90 -32.89 -21.45
C TYR E 113 16.16 -34.21 -21.60
N PHE E 114 16.72 -35.09 -22.43
CA PHE E 114 16.34 -36.50 -22.52
C PHE E 114 17.36 -37.30 -21.69
N ASP E 115 16.98 -37.66 -20.47
CA ASP E 115 17.94 -38.19 -19.51
C ASP E 115 18.10 -39.70 -19.64
N LEU E 116 16.97 -40.41 -19.65
CA LEU E 116 16.91 -41.86 -19.65
C LEU E 116 16.72 -42.32 -21.09
N TRP E 117 17.76 -42.95 -21.65
CA TRP E 117 17.69 -43.61 -22.95
C TRP E 117 17.51 -45.10 -22.73
N GLY E 118 16.88 -45.74 -23.71
CA GLY E 118 16.79 -47.17 -23.70
C GLY E 118 18.12 -47.74 -24.14
N ARG E 119 18.18 -49.05 -24.21
CA ARG E 119 19.24 -49.65 -24.99
C ARG E 119 18.71 -49.80 -26.40
N GLY E 120 19.61 -50.05 -27.35
CA GLY E 120 19.19 -50.14 -28.73
C GLY E 120 18.30 -51.33 -29.00
N THR E 121 17.46 -51.19 -30.04
CA THR E 121 16.84 -52.32 -30.73
C THR E 121 17.28 -52.22 -32.19
N LEU E 122 18.15 -53.14 -32.61
CA LEU E 122 18.67 -53.12 -33.97
C LEU E 122 17.69 -53.80 -34.91
N VAL E 123 17.23 -53.04 -35.92
CA VAL E 123 16.36 -53.54 -36.98
C VAL E 123 17.21 -53.61 -38.25
N THR E 124 17.40 -54.82 -38.77
CA THR E 124 18.22 -55.06 -39.96
C THR E 124 17.29 -55.40 -41.12
N VAL E 125 17.39 -54.65 -42.22
CA VAL E 125 16.54 -54.88 -43.39
C VAL E 125 17.42 -55.34 -44.54
N SER E 126 17.06 -56.49 -45.11
CA SER E 126 17.75 -57.10 -46.25
C SER E 126 17.42 -56.39 -47.58
N VAL E 145 19.00 -28.85 -39.52
CA VAL E 145 20.21 -29.60 -39.16
C VAL E 145 21.28 -28.63 -38.59
N LEU E 146 21.91 -29.06 -37.49
CA LEU E 146 22.98 -28.34 -36.84
C LEU E 146 24.32 -28.91 -37.28
N THR E 147 25.23 -28.04 -37.71
CA THR E 147 26.49 -28.49 -38.30
C THR E 147 27.60 -28.57 -37.27
N GLN E 148 28.31 -29.69 -37.28
CA GLN E 148 29.34 -30.06 -36.32
C GLN E 148 30.59 -30.51 -37.03
N PRO E 149 31.77 -30.22 -36.48
CA PRO E 149 33.00 -30.68 -37.09
C PRO E 149 33.06 -32.19 -37.04
N PRO E 150 33.41 -32.83 -38.15
CA PRO E 150 33.34 -34.31 -38.21
C PRO E 150 34.30 -35.00 -37.26
N SER E 151 35.47 -34.42 -37.06
CA SER E 151 36.50 -34.98 -36.19
C SER E 151 37.14 -33.82 -35.46
N VAL E 152 37.39 -34.03 -34.17
CA VAL E 152 38.19 -33.13 -33.34
C VAL E 152 39.23 -33.98 -32.64
N SER E 153 40.48 -33.52 -32.63
CA SER E 153 41.59 -34.31 -32.13
C SER E 153 42.17 -33.65 -30.89
N GLY E 154 42.61 -34.48 -29.94
CA GLY E 154 42.98 -33.98 -28.62
C GLY E 154 44.29 -34.38 -27.96
N ALA E 155 45.08 -33.35 -27.60
CA ALA E 155 46.22 -33.49 -26.70
C ALA E 155 45.76 -33.75 -25.27
N PRO E 156 46.07 -34.93 -24.69
CA PRO E 156 45.61 -35.26 -23.32
C PRO E 156 46.14 -34.29 -22.26
N GLY E 157 45.36 -34.10 -21.21
CA GLY E 157 45.61 -33.01 -20.29
C GLY E 157 45.50 -31.62 -20.87
N GLN E 158 44.82 -31.44 -22.01
CA GLN E 158 44.57 -30.12 -22.60
C GLN E 158 43.07 -29.95 -22.88
N ARG E 159 42.71 -28.77 -23.39
CA ARG E 159 41.33 -28.44 -23.67
C ARG E 159 41.04 -28.58 -25.16
N VAL E 160 39.98 -29.31 -25.48
CA VAL E 160 39.45 -29.37 -26.84
C VAL E 160 38.14 -28.59 -26.89
N THR E 161 37.77 -28.10 -28.08
CA THR E 161 36.43 -27.56 -28.26
C THR E 161 35.73 -28.20 -29.47
N ILE E 162 34.45 -28.52 -29.29
CA ILE E 162 33.53 -28.95 -30.35
C ILE E 162 32.52 -27.83 -30.56
N SER E 163 32.16 -27.55 -31.82
CA SER E 163 31.19 -26.48 -32.06
C SER E 163 29.87 -27.03 -32.61
N CYS E 164 28.82 -26.22 -32.48
CA CYS E 164 27.48 -26.60 -32.94
C CYS E 164 26.80 -25.35 -33.50
N THR E 165 26.63 -25.31 -34.83
CA THR E 165 26.16 -24.13 -35.56
C THR E 165 24.79 -24.38 -36.18
N GLY E 166 23.82 -23.53 -35.83
CA GLY E 166 22.50 -23.59 -36.41
C GLY E 166 22.04 -22.30 -37.08
N SER E 167 20.74 -22.07 -37.09
CA SER E 167 20.13 -20.96 -37.83
C SER E 167 19.38 -20.08 -36.83
N SER E 168 18.53 -19.18 -37.35
CA SER E 168 17.58 -18.48 -36.51
C SER E 168 16.37 -19.33 -36.14
N SER E 169 16.14 -20.46 -36.85
CA SER E 169 15.02 -21.36 -36.59
C SER E 169 15.18 -22.22 -35.35
N ASN E 170 16.41 -22.30 -34.79
CA ASN E 170 16.68 -23.19 -33.64
C ASN E 170 17.48 -22.48 -32.55
N ILE E 171 18.81 -22.41 -32.69
CA ILE E 171 19.65 -21.79 -31.65
C ILE E 171 19.38 -20.29 -31.57
N GLY E 172 19.21 -19.64 -32.72
CA GLY E 172 18.93 -18.21 -32.76
C GLY E 172 17.54 -17.82 -32.31
N ALA E 173 16.60 -18.76 -32.28
CA ALA E 173 15.26 -18.57 -31.76
C ALA E 173 15.18 -18.62 -30.25
N GLY E 174 16.29 -18.72 -29.53
CA GLY E 174 16.27 -18.83 -28.08
C GLY E 174 16.08 -20.23 -27.53
N TYR E 175 16.27 -21.27 -28.34
CA TYR E 175 16.16 -22.63 -27.85
C TYR E 175 17.52 -23.10 -27.35
N ASP E 176 17.50 -23.90 -26.29
CA ASP E 176 18.75 -24.29 -25.61
C ASP E 176 19.32 -25.53 -26.27
N VAL E 177 20.64 -25.58 -26.32
CA VAL E 177 21.33 -26.74 -26.89
C VAL E 177 21.69 -27.70 -25.76
N GLN E 178 21.33 -28.97 -25.95
CA GLN E 178 21.84 -30.06 -25.13
C GLN E 178 22.96 -30.77 -25.86
N TRP E 179 23.82 -31.43 -25.10
CA TRP E 179 24.93 -32.19 -25.64
C TRP E 179 24.81 -33.62 -25.17
N TYR E 180 25.16 -34.57 -26.04
CA TYR E 180 25.19 -35.98 -25.67
C TYR E 180 26.54 -36.60 -25.98
N GLN E 181 26.88 -37.63 -25.22
CA GLN E 181 28.12 -38.38 -25.38
C GLN E 181 27.74 -39.82 -25.70
N GLN E 182 28.37 -40.38 -26.74
CA GLN E 182 28.17 -41.78 -27.11
C GLN E 182 29.54 -42.47 -27.15
N LEU E 183 29.81 -43.31 -26.13
CA LEU E 183 30.92 -44.25 -26.21
C LEU E 183 30.50 -45.45 -27.03
N PRO E 184 31.44 -46.02 -27.84
CA PRO E 184 31.08 -47.09 -28.79
C PRO E 184 30.22 -48.20 -28.21
N GLY E 185 29.11 -48.49 -28.90
CA GLY E 185 28.18 -49.53 -28.52
C GLY E 185 27.18 -49.18 -27.44
N THR E 186 27.23 -47.96 -26.87
CA THR E 186 26.29 -47.57 -25.83
C THR E 186 25.27 -46.58 -26.38
N ALA E 187 24.21 -46.33 -25.56
CA ALA E 187 23.28 -45.26 -25.88
C ALA E 187 23.88 -43.92 -25.49
N PRO E 188 23.44 -42.83 -26.15
CA PRO E 188 23.97 -41.50 -25.81
C PRO E 188 23.67 -41.13 -24.37
N LYS E 189 24.61 -40.44 -23.76
CA LYS E 189 24.53 -40.05 -22.37
C LYS E 189 24.51 -38.52 -22.31
N LEU E 190 23.56 -37.97 -21.55
CA LEU E 190 23.42 -36.52 -21.42
C LEU E 190 24.67 -35.91 -20.78
N LEU E 191 25.29 -34.97 -21.49
CA LEU E 191 26.48 -34.27 -21.00
C LEU E 191 26.20 -32.86 -20.48
N ILE E 192 25.42 -32.05 -21.19
CA ILE E 192 24.91 -30.79 -20.66
C ILE E 192 23.52 -30.52 -21.23
N TYR E 193 22.67 -29.88 -20.43
CA TYR E 193 21.38 -29.35 -20.85
C TYR E 193 21.40 -27.87 -20.53
N GLY E 194 20.23 -27.24 -20.54
CA GLY E 194 20.28 -25.80 -20.54
C GLY E 194 21.15 -25.42 -21.71
N ASN E 195 22.03 -24.46 -21.53
CA ASN E 195 23.08 -24.29 -22.51
C ASN E 195 24.44 -24.64 -21.96
N SER E 196 24.53 -24.68 -20.63
CA SER E 196 25.75 -24.90 -19.89
C SER E 196 25.56 -25.71 -18.61
N ASN E 197 24.35 -26.17 -18.26
CA ASN E 197 24.16 -26.89 -17.02
C ASN E 197 24.68 -28.33 -17.11
N ARG E 198 25.49 -28.75 -16.12
CA ARG E 198 25.89 -30.14 -16.02
C ARG E 198 24.83 -30.93 -15.28
N PRO E 199 24.44 -32.12 -15.77
CA PRO E 199 23.56 -33.00 -14.99
C PRO E 199 24.31 -33.52 -13.79
N SER E 200 23.62 -34.16 -12.84
CA SER E 200 24.31 -34.84 -11.77
C SER E 200 25.13 -35.97 -12.36
N GLY E 201 26.43 -35.99 -12.03
CA GLY E 201 27.32 -37.02 -12.53
C GLY E 201 28.36 -36.53 -13.52
N VAL E 202 28.10 -35.45 -14.23
CA VAL E 202 29.00 -34.96 -15.27
C VAL E 202 30.07 -34.09 -14.61
N PRO E 203 31.35 -34.47 -14.68
CA PRO E 203 32.41 -33.70 -14.00
C PRO E 203 32.61 -32.30 -14.56
N ASP E 204 33.21 -31.45 -13.72
CA ASP E 204 33.40 -30.03 -14.05
C ASP E 204 34.31 -29.80 -15.27
N ARG E 205 35.05 -30.81 -15.74
CA ARG E 205 35.88 -30.64 -16.93
C ARG E 205 35.02 -30.33 -18.16
N PHE E 206 33.75 -30.75 -18.16
CA PHE E 206 32.82 -30.48 -19.23
C PHE E 206 32.11 -29.16 -18.97
N SER E 207 32.10 -28.29 -19.97
CA SER E 207 31.42 -27.00 -19.90
C SER E 207 30.57 -26.83 -21.14
N GLY E 208 29.69 -25.83 -21.13
CA GLY E 208 28.90 -25.51 -22.29
C GLY E 208 28.78 -24.00 -22.46
N SER E 209 28.44 -23.61 -23.68
CA SER E 209 28.32 -22.20 -24.02
C SER E 209 27.38 -22.09 -25.22
N LYS E 210 26.65 -20.97 -25.27
CA LYS E 210 25.82 -20.58 -26.42
C LYS E 210 26.03 -19.10 -26.66
N SER E 211 26.04 -18.68 -27.94
CA SER E 211 26.27 -17.26 -28.28
C SER E 211 25.73 -16.98 -29.68
N GLY E 212 24.50 -16.48 -29.76
CA GLY E 212 23.88 -16.21 -31.03
C GLY E 212 23.33 -17.45 -31.69
N THR E 213 23.84 -17.78 -32.88
CA THR E 213 23.41 -18.96 -33.63
C THR E 213 24.33 -20.17 -33.42
N SER E 214 25.24 -20.12 -32.45
CA SER E 214 26.24 -21.17 -32.29
C SER E 214 26.46 -21.51 -30.82
N ALA E 215 26.63 -22.80 -30.55
CA ALA E 215 26.97 -23.33 -29.24
C ALA E 215 28.40 -23.90 -29.27
N SER E 216 28.80 -24.56 -28.17
CA SER E 216 30.17 -25.04 -28.00
C SER E 216 30.37 -25.88 -26.74
N LEU E 217 30.76 -27.15 -26.90
CA LEU E 217 31.14 -27.97 -25.78
C LEU E 217 32.65 -27.94 -25.62
N ALA E 218 33.13 -27.88 -24.38
CA ALA E 218 34.55 -27.79 -24.10
C ALA E 218 34.91 -28.82 -23.04
N ILE E 219 35.96 -29.61 -23.30
CA ILE E 219 36.49 -30.59 -22.36
C ILE E 219 37.90 -30.17 -22.00
N THR E 220 38.11 -29.83 -20.73
CA THR E 220 39.42 -29.49 -20.18
C THR E 220 40.02 -30.75 -19.52
N GLY E 221 41.35 -30.75 -19.38
CA GLY E 221 42.06 -31.90 -18.86
C GLY E 221 41.69 -33.20 -19.54
N LEU E 222 41.90 -33.26 -20.85
CA LEU E 222 41.44 -34.38 -21.65
C LEU E 222 41.96 -35.71 -21.13
N GLN E 223 41.06 -36.69 -21.02
CA GLN E 223 41.42 -38.02 -20.58
C GLN E 223 41.08 -39.00 -21.69
N ALA E 224 41.71 -40.17 -21.63
CA ALA E 224 41.55 -41.14 -22.72
C ALA E 224 40.19 -41.82 -22.70
N GLU E 225 39.43 -41.69 -21.62
CA GLU E 225 38.08 -42.20 -21.55
C GLU E 225 37.06 -41.25 -22.18
N ASP E 226 37.44 -39.99 -22.42
CA ASP E 226 36.61 -39.02 -23.12
C ASP E 226 36.49 -39.30 -24.61
N GLU E 227 37.26 -40.26 -25.14
CA GLU E 227 37.26 -40.55 -26.57
C GLU E 227 35.92 -41.20 -26.93
N ALA E 228 35.05 -40.40 -27.55
CA ALA E 228 33.68 -40.81 -27.83
C ALA E 228 33.15 -39.90 -28.93
N ASP E 229 31.94 -40.19 -29.37
CA ASP E 229 31.24 -39.34 -30.32
C ASP E 229 30.34 -38.35 -29.57
N TYR E 230 30.37 -37.09 -30.00
CA TYR E 230 29.61 -36.04 -29.34
C TYR E 230 28.56 -35.45 -30.27
N TYR E 231 27.36 -35.27 -29.74
CA TYR E 231 26.22 -34.78 -30.50
C TYR E 231 25.56 -33.65 -29.72
N CYS E 232 25.29 -32.54 -30.41
CA CYS E 232 24.45 -31.47 -29.89
C CYS E 232 23.02 -31.63 -30.40
N GLN E 233 22.09 -30.92 -29.74
CA GLN E 233 20.66 -31.01 -30.04
C GLN E 233 20.04 -29.65 -29.75
N SER E 234 19.09 -29.24 -30.58
CA SER E 234 18.24 -28.08 -30.31
C SER E 234 16.81 -28.43 -30.71
N TYR E 235 15.88 -27.55 -30.37
CA TYR E 235 14.55 -27.59 -30.98
C TYR E 235 14.55 -26.59 -32.14
N ASP E 236 13.68 -26.85 -33.12
CA ASP E 236 13.59 -25.99 -34.31
C ASP E 236 12.14 -25.59 -34.52
N SER E 237 11.88 -24.28 -34.47
CA SER E 237 10.48 -23.84 -34.47
C SER E 237 9.87 -23.90 -35.86
N SER E 238 10.71 -23.85 -36.89
CA SER E 238 10.25 -23.89 -38.27
C SER E 238 9.85 -25.29 -38.70
N LEU E 239 10.60 -26.31 -38.31
CA LEU E 239 10.16 -27.68 -38.56
C LEU E 239 9.49 -28.33 -37.36
N SER E 240 9.31 -27.58 -36.25
CA SER E 240 8.45 -27.96 -35.13
C SER E 240 8.85 -29.30 -34.50
N GLY E 241 10.16 -29.46 -34.29
CA GLY E 241 10.69 -30.70 -33.79
C GLY E 241 12.13 -30.55 -33.32
N TRP E 242 12.69 -31.66 -32.86
CA TRP E 242 14.06 -31.73 -32.37
C TRP E 242 15.03 -32.03 -33.50
N VAL E 243 16.15 -31.31 -33.55
CA VAL E 243 17.18 -31.59 -34.55
C VAL E 243 18.49 -31.90 -33.84
N PHE E 244 19.29 -32.71 -34.52
CA PHE E 244 20.55 -33.20 -33.98
C PHE E 244 21.72 -32.63 -34.77
N GLY E 245 22.89 -32.70 -34.18
CA GLY E 245 24.08 -32.35 -34.91
C GLY E 245 24.52 -33.49 -35.83
N GLY E 246 25.42 -33.14 -36.75
CA GLY E 246 26.06 -34.17 -37.56
C GLY E 246 26.91 -35.13 -36.73
N GLY E 247 27.60 -34.60 -35.73
CA GLY E 247 28.39 -35.43 -34.83
C GLY E 247 29.87 -35.14 -34.93
N THR E 248 30.60 -35.35 -33.83
CA THR E 248 32.03 -35.12 -33.79
C THR E 248 32.70 -36.32 -33.15
N LYS E 249 33.74 -36.83 -33.82
CA LYS E 249 34.55 -37.93 -33.32
C LYS E 249 35.73 -37.32 -32.59
N LEU E 250 35.73 -37.40 -31.27
CA LEU E 250 36.87 -36.94 -30.51
C LEU E 250 37.85 -38.10 -30.34
N THR E 251 39.05 -37.91 -30.86
CA THR E 251 40.19 -38.81 -30.71
C THR E 251 41.13 -38.21 -29.68
N VAL E 252 41.53 -39.02 -28.69
CA VAL E 252 42.45 -38.56 -27.66
C VAL E 252 43.85 -39.03 -28.04
N LEU E 253 44.73 -38.09 -28.41
CA LEU E 253 46.05 -38.36 -28.97
C LEU E 253 46.98 -38.95 -27.91
N ALA E 254 48.28 -38.83 -28.14
CA ALA E 254 49.31 -39.10 -27.14
C ALA E 254 50.33 -37.95 -27.13
N ALA E 255 51.17 -37.94 -26.10
CA ALA E 255 52.23 -36.95 -25.98
C ALA E 255 53.56 -37.64 -26.25
N ASN F 16 -16.13 -20.95 -40.53
CA ASN F 16 -17.16 -21.40 -39.59
C ASN F 16 -16.83 -20.94 -38.16
N LEU F 17 -17.11 -21.77 -37.17
CA LEU F 17 -16.93 -21.38 -35.78
C LEU F 17 -15.44 -21.36 -35.40
N CYS F 18 -15.14 -20.57 -34.36
CA CYS F 18 -13.73 -20.47 -33.98
C CYS F 18 -13.32 -21.57 -33.00
N PRO F 19 -12.02 -21.99 -32.98
CA PRO F 19 -11.62 -23.05 -32.06
C PRO F 19 -11.44 -22.62 -30.60
N PHE F 20 -12.37 -21.83 -30.07
CA PHE F 20 -12.21 -21.26 -28.71
C PHE F 20 -12.58 -22.26 -27.62
N ASP F 21 -13.18 -23.41 -27.98
CA ASP F 21 -13.35 -24.46 -26.98
C ASP F 21 -12.06 -25.21 -26.72
N GLU F 22 -11.01 -24.87 -27.47
CA GLU F 22 -9.69 -25.47 -27.33
C GLU F 22 -8.70 -24.60 -26.60
N VAL F 23 -9.01 -23.32 -26.37
CA VAL F 23 -8.13 -22.46 -25.59
C VAL F 23 -8.56 -22.47 -24.12
N PHE F 24 -9.82 -22.14 -23.85
CA PHE F 24 -10.52 -22.54 -22.63
C PHE F 24 -11.00 -23.98 -22.78
N ASN F 25 -11.31 -24.64 -21.65
CA ASN F 25 -11.62 -26.09 -21.67
C ASN F 25 -10.62 -26.90 -22.48
N ALA F 26 -9.37 -26.45 -22.54
CA ALA F 26 -8.32 -27.31 -23.03
C ALA F 26 -8.05 -28.41 -22.00
N THR F 27 -7.46 -29.50 -22.48
CA THR F 27 -7.14 -30.62 -21.60
C THR F 27 -6.09 -30.22 -20.57
N ARG F 28 -5.19 -29.31 -20.93
CA ARG F 28 -4.18 -28.78 -20.02
C ARG F 28 -3.76 -27.38 -20.44
N PHE F 29 -3.26 -26.61 -19.48
CA PHE F 29 -2.74 -25.27 -19.70
C PHE F 29 -1.24 -25.23 -19.47
N ALA F 30 -0.55 -24.40 -20.23
CA ALA F 30 0.89 -24.32 -20.15
C ALA F 30 1.33 -23.52 -18.94
N SER F 31 2.55 -23.78 -18.47
CA SER F 31 3.15 -22.91 -17.46
C SER F 31 3.36 -21.50 -18.02
N VAL F 32 3.34 -20.51 -17.12
CA VAL F 32 3.37 -19.13 -17.60
C VAL F 32 4.71 -18.82 -18.28
N TYR F 33 5.78 -19.53 -17.93
CA TYR F 33 7.04 -19.30 -18.63
C TYR F 33 6.96 -19.80 -20.06
N ALA F 34 6.19 -20.87 -20.27
CA ALA F 34 6.01 -21.41 -21.60
C ALA F 34 4.62 -21.11 -22.13
N TRP F 35 4.20 -19.84 -22.04
CA TRP F 35 2.82 -19.49 -22.38
C TRP F 35 2.51 -19.86 -23.84
N ASN F 36 1.26 -20.25 -24.08
CA ASN F 36 0.85 -20.93 -25.30
C ASN F 36 0.07 -20.01 -26.24
N ARG F 37 0.60 -19.79 -27.45
CA ARG F 37 -0.05 -18.97 -28.47
C ARG F 37 -0.75 -19.85 -29.50
N LYS F 38 -2.00 -19.50 -29.82
CA LYS F 38 -2.78 -20.14 -30.88
C LYS F 38 -3.44 -19.08 -31.73
N ARG F 39 -3.27 -19.18 -33.05
CA ARG F 39 -3.81 -18.19 -33.98
C ARG F 39 -5.27 -18.51 -34.31
N ILE F 40 -6.18 -17.64 -33.90
CA ILE F 40 -7.57 -17.70 -34.34
C ILE F 40 -7.72 -16.78 -35.54
N SER F 41 -8.15 -17.34 -36.68
CA SER F 41 -7.92 -16.62 -37.92
C SER F 41 -9.19 -16.09 -38.59
N ASN F 42 -9.81 -16.85 -39.49
CA ASN F 42 -10.98 -16.35 -40.24
C ASN F 42 -12.17 -17.15 -39.77
N CYS F 43 -12.95 -16.59 -38.85
CA CYS F 43 -14.05 -17.35 -38.26
C CYS F 43 -14.92 -16.44 -37.40
N VAL F 44 -15.99 -17.03 -36.88
CA VAL F 44 -16.98 -16.37 -36.05
C VAL F 44 -16.99 -17.07 -34.69
N ALA F 45 -16.81 -16.30 -33.62
CA ALA F 45 -16.56 -16.83 -32.29
C ALA F 45 -17.84 -16.95 -31.45
N ASP F 46 -17.84 -17.92 -30.55
CA ASP F 46 -18.90 -18.06 -29.55
C ASP F 46 -18.22 -18.31 -28.21
N TYR F 47 -18.41 -17.39 -27.26
CA TYR F 47 -17.75 -17.44 -25.97
C TYR F 47 -18.64 -18.03 -24.87
N SER F 48 -19.65 -18.81 -25.25
CA SER F 48 -20.57 -19.39 -24.27
C SER F 48 -19.94 -20.50 -23.45
N VAL F 49 -18.76 -20.99 -23.84
CA VAL F 49 -18.08 -22.00 -23.02
C VAL F 49 -17.60 -21.38 -21.74
N LEU F 50 -17.26 -20.09 -21.75
CA LEU F 50 -16.76 -19.41 -20.55
C LEU F 50 -17.78 -19.45 -19.42
N TYR F 51 -19.07 -19.27 -19.73
CA TYR F 51 -20.11 -19.41 -18.70
C TYR F 51 -20.03 -20.76 -18.01
N ASN F 52 -19.78 -21.82 -18.78
CA ASN F 52 -19.80 -23.17 -18.23
C ASN F 52 -18.52 -23.49 -17.46
N LEU F 53 -17.34 -23.19 -18.02
CA LEU F 53 -16.11 -23.43 -17.28
C LEU F 53 -16.07 -22.59 -16.00
N ALA F 54 -16.34 -21.30 -16.12
CA ALA F 54 -16.11 -20.40 -14.99
C ALA F 54 -17.40 -19.73 -14.54
N PRO F 55 -17.90 -20.04 -13.34
CA PRO F 55 -19.06 -19.30 -12.83
C PRO F 55 -18.85 -17.81 -12.79
N PHE F 56 -17.62 -17.39 -12.47
CA PHE F 56 -17.30 -15.99 -12.18
C PHE F 56 -15.96 -15.67 -12.82
N PHE F 57 -15.98 -15.30 -14.08
CA PHE F 57 -14.75 -14.92 -14.76
C PHE F 57 -14.71 -13.41 -14.91
N THR F 58 -13.63 -12.93 -15.50
CA THR F 58 -13.43 -11.51 -15.73
C THR F 58 -12.90 -11.38 -17.15
N PHE F 59 -13.58 -10.57 -17.96
CA PHE F 59 -13.22 -10.28 -19.35
C PHE F 59 -12.89 -8.79 -19.41
N LYS F 60 -11.60 -8.44 -19.25
CA LYS F 60 -11.14 -7.05 -19.16
C LYS F 60 -10.49 -6.66 -20.49
N CYS F 61 -11.11 -5.73 -21.22
CA CYS F 61 -10.64 -5.31 -22.54
C CYS F 61 -10.09 -3.88 -22.53
N TYR F 62 -9.01 -3.65 -23.27
CA TYR F 62 -8.27 -2.38 -23.29
C TYR F 62 -8.32 -1.81 -24.70
N GLY F 63 -8.78 -0.56 -24.83
CA GLY F 63 -8.89 0.13 -26.10
C GLY F 63 -9.76 -0.52 -27.14
N VAL F 64 -10.55 -1.53 -26.79
CA VAL F 64 -11.34 -2.27 -27.77
C VAL F 64 -12.65 -2.66 -27.13
N SER F 65 -13.72 -2.62 -27.92
CA SER F 65 -14.96 -3.17 -27.41
C SER F 65 -14.90 -4.69 -27.47
N PRO F 66 -15.41 -5.38 -26.45
CA PRO F 66 -15.48 -6.84 -26.49
C PRO F 66 -16.28 -7.39 -27.66
N THR F 67 -17.24 -6.62 -28.20
CA THR F 67 -17.97 -7.09 -29.36
C THR F 67 -17.14 -7.08 -30.65
N LYS F 68 -15.90 -6.53 -30.65
CA LYS F 68 -15.00 -6.66 -31.80
C LYS F 68 -14.37 -8.04 -31.85
N LEU F 69 -14.41 -8.77 -30.74
CA LEU F 69 -13.97 -10.15 -30.69
C LEU F 69 -15.10 -11.13 -30.96
N ASN F 70 -16.23 -10.66 -31.47
CA ASN F 70 -17.22 -11.61 -31.95
C ASN F 70 -17.08 -11.87 -33.45
N ASP F 71 -16.84 -10.81 -34.22
CA ASP F 71 -16.69 -10.89 -35.66
C ASP F 71 -15.21 -10.76 -35.97
N LEU F 72 -14.57 -11.90 -36.25
CA LEU F 72 -13.18 -11.88 -36.65
C LEU F 72 -13.01 -12.72 -37.92
N CYS F 73 -13.92 -12.49 -38.87
CA CYS F 73 -13.80 -13.10 -40.20
C CYS F 73 -12.69 -12.46 -41.05
N PHE F 74 -12.24 -11.24 -40.73
CA PHE F 74 -11.13 -10.64 -41.47
C PHE F 74 -10.01 -10.15 -40.55
N THR F 75 -10.03 -10.50 -39.27
CA THR F 75 -8.97 -10.13 -38.36
C THR F 75 -8.32 -11.39 -37.81
N ASN F 76 -7.03 -11.28 -37.45
CA ASN F 76 -6.30 -12.39 -36.85
C ASN F 76 -6.03 -12.11 -35.37
N VAL F 77 -6.48 -13.01 -34.52
CA VAL F 77 -6.38 -12.90 -33.07
C VAL F 77 -5.33 -13.90 -32.58
N TYR F 78 -4.50 -13.46 -31.63
CA TYR F 78 -3.56 -14.35 -30.92
C TYR F 78 -4.15 -14.66 -29.54
N ALA F 79 -4.39 -15.94 -29.29
CA ALA F 79 -4.88 -16.40 -27.99
C ALA F 79 -3.70 -16.95 -27.20
N ASP F 80 -3.24 -16.20 -26.18
CA ASP F 80 -2.19 -16.67 -25.27
C ASP F 80 -2.80 -17.15 -23.96
N SER F 81 -2.45 -18.37 -23.53
CA SER F 81 -3.03 -18.97 -22.34
C SER F 81 -1.96 -19.57 -21.43
N PHE F 82 -2.15 -19.43 -20.12
CA PHE F 82 -1.22 -19.94 -19.11
C PHE F 82 -1.91 -19.97 -17.75
N VAL F 83 -1.19 -20.40 -16.72
CA VAL F 83 -1.72 -20.47 -15.36
C VAL F 83 -0.80 -19.70 -14.43
N ILE F 84 -1.35 -18.77 -13.67
CA ILE F 84 -0.64 -18.10 -12.59
C ILE F 84 -1.57 -18.05 -11.39
N ARG F 85 -1.14 -17.34 -10.37
CA ARG F 85 -1.97 -17.26 -9.18
C ARG F 85 -2.74 -15.92 -9.17
N GLY F 86 -3.87 -15.92 -8.44
CA GLY F 86 -4.72 -14.73 -8.42
C GLY F 86 -4.03 -13.44 -8.02
N ASP F 87 -3.12 -13.49 -7.04
CA ASP F 87 -2.30 -12.34 -6.69
C ASP F 87 -1.65 -11.69 -7.90
N GLU F 88 -1.47 -12.44 -8.98
CA GLU F 88 -0.63 -12.05 -10.11
C GLU F 88 -1.40 -11.70 -11.37
N VAL F 89 -2.70 -12.00 -11.43
CA VAL F 89 -3.52 -11.58 -12.57
C VAL F 89 -3.42 -10.09 -12.78
N ARG F 90 -3.27 -9.33 -11.69
CA ARG F 90 -3.15 -7.88 -11.84
C ARG F 90 -1.94 -7.48 -12.68
N GLN F 91 -0.97 -8.39 -12.91
CA GLN F 91 0.18 -8.09 -13.76
C GLN F 91 -0.05 -8.39 -15.22
N ILE F 92 -1.10 -9.14 -15.58
CA ILE F 92 -1.44 -9.29 -17.00
C ILE F 92 -2.28 -8.08 -17.43
N ALA F 93 -1.64 -6.92 -17.50
CA ALA F 93 -2.28 -5.66 -17.85
C ALA F 93 -1.20 -4.68 -18.29
N PRO F 94 -1.53 -3.70 -19.13
CA PRO F 94 -0.50 -2.79 -19.63
C PRO F 94 0.19 -2.06 -18.49
N GLY F 95 1.51 -1.89 -18.61
CA GLY F 95 2.27 -1.06 -17.68
C GLY F 95 2.39 -1.54 -16.24
N GLN F 96 2.47 -2.84 -16.01
CA GLN F 96 2.59 -3.38 -14.67
C GLN F 96 3.98 -4.00 -14.48
N THR F 97 4.36 -4.15 -13.21
CA THR F 97 5.64 -4.72 -12.82
C THR F 97 5.35 -5.83 -11.82
N GLY F 98 6.36 -6.67 -11.57
CA GLY F 98 6.18 -7.83 -10.69
C GLY F 98 7.22 -8.92 -10.90
N ASN F 99 6.77 -10.13 -11.19
CA ASN F 99 7.67 -11.23 -11.54
C ASN F 99 7.10 -11.90 -12.76
N ILE F 100 5.78 -11.94 -12.84
CA ILE F 100 5.11 -12.48 -14.01
C ILE F 100 5.28 -11.54 -15.19
N ALA F 101 5.24 -10.22 -14.94
CA ALA F 101 5.32 -9.27 -16.04
C ALA F 101 6.75 -8.90 -16.39
N ASP F 102 7.67 -8.88 -15.42
CA ASP F 102 9.05 -8.62 -15.81
C ASP F 102 9.73 -9.84 -16.40
N TYR F 103 9.34 -11.06 -16.01
CA TYR F 103 10.13 -12.24 -16.33
C TYR F 103 9.42 -13.32 -17.13
N ASN F 104 8.10 -13.24 -17.33
CA ASN F 104 7.37 -14.37 -17.90
C ASN F 104 6.42 -13.99 -19.03
N TYR F 105 5.49 -13.06 -18.80
CA TYR F 105 4.55 -12.60 -19.83
C TYR F 105 4.37 -11.09 -19.70
N LYS F 106 4.99 -10.33 -20.59
CA LYS F 106 4.88 -8.87 -20.59
C LYS F 106 3.91 -8.37 -21.66
N LEU F 107 2.97 -7.54 -21.25
CA LEU F 107 2.06 -6.88 -22.16
C LEU F 107 2.58 -5.48 -22.50
N PRO F 108 2.44 -5.07 -23.77
CA PRO F 108 2.90 -3.73 -24.19
C PRO F 108 2.21 -2.64 -23.36
N ASP F 109 2.81 -1.44 -23.34
CA ASP F 109 2.09 -0.35 -22.67
C ASP F 109 0.97 0.24 -23.52
N ASP F 110 1.03 0.14 -24.85
CA ASP F 110 -0.07 0.55 -25.72
C ASP F 110 -1.09 -0.57 -25.97
N PHE F 111 -1.28 -1.48 -25.01
CA PHE F 111 -1.96 -2.75 -25.30
C PHE F 111 -3.38 -2.54 -25.79
N THR F 112 -3.75 -3.27 -26.85
CA THR F 112 -5.13 -3.34 -27.34
C THR F 112 -5.52 -4.80 -27.43
N GLY F 113 -6.55 -5.19 -26.72
CA GLY F 113 -6.90 -6.58 -26.59
C GLY F 113 -7.63 -6.81 -25.29
N CYS F 114 -7.85 -8.08 -24.98
CA CYS F 114 -8.64 -8.53 -23.85
C CYS F 114 -7.86 -9.56 -23.05
N VAL F 115 -8.16 -9.63 -21.74
CA VAL F 115 -7.44 -10.46 -20.76
C VAL F 115 -8.48 -11.18 -19.92
N ILE F 116 -8.62 -12.49 -20.11
CA ILE F 116 -9.66 -13.31 -19.49
C ILE F 116 -9.03 -14.17 -18.38
N ALA F 117 -9.60 -14.12 -17.16
CA ALA F 117 -9.07 -14.92 -16.08
C ALA F 117 -10.19 -15.50 -15.22
N TRP F 118 -10.03 -16.75 -14.79
CA TRP F 118 -11.00 -17.41 -13.94
C TRP F 118 -10.28 -18.34 -12.98
N ASN F 119 -10.89 -18.59 -11.83
CA ASN F 119 -10.34 -19.48 -10.81
C ASN F 119 -10.39 -20.93 -11.27
N SER F 120 -9.28 -21.65 -11.07
CA SER F 120 -9.16 -23.06 -11.46
C SER F 120 -8.68 -23.91 -10.28
N ASN F 121 -9.05 -23.50 -9.07
CA ASN F 121 -8.66 -24.22 -7.87
C ASN F 121 -9.19 -25.65 -7.87
N LYS F 122 -10.34 -25.90 -8.49
CA LYS F 122 -10.85 -27.25 -8.54
C LYS F 122 -10.08 -28.12 -9.54
N LEU F 123 -9.54 -27.53 -10.60
CA LEU F 123 -8.88 -28.26 -11.67
C LEU F 123 -7.37 -28.29 -11.53
N ASP F 124 -6.73 -27.23 -11.01
CA ASP F 124 -5.29 -27.08 -10.96
C ASP F 124 -4.68 -27.17 -9.57
N SER F 125 -5.46 -27.54 -8.55
CA SER F 125 -4.97 -27.67 -7.17
C SER F 125 -5.11 -29.10 -6.64
N LYS F 126 -4.11 -29.54 -5.89
CA LYS F 126 -4.09 -30.88 -5.34
C LYS F 126 -3.88 -30.81 -3.84
N VAL F 127 -4.32 -31.87 -3.16
CA VAL F 127 -4.19 -31.93 -1.71
C VAL F 127 -2.74 -31.91 -1.28
N SER F 128 -1.90 -32.76 -1.90
CA SER F 128 -0.48 -32.82 -1.53
C SER F 128 0.29 -31.62 -2.09
N GLY F 129 -0.20 -31.04 -3.18
CA GLY F 129 0.46 -29.93 -3.83
C GLY F 129 0.64 -30.24 -5.29
N ASN F 130 0.14 -29.36 -6.17
CA ASN F 130 0.42 -29.42 -7.60
C ASN F 130 1.67 -28.60 -7.87
N TYR F 131 2.78 -29.29 -8.08
CA TYR F 131 4.05 -28.63 -8.34
C TYR F 131 4.37 -28.56 -9.84
N ASN F 132 3.36 -28.78 -10.70
CA ASN F 132 3.59 -28.93 -12.13
C ASN F 132 3.63 -27.62 -12.90
N TYR F 133 3.04 -26.55 -12.38
CA TYR F 133 3.10 -25.25 -13.04
C TYR F 133 4.32 -24.51 -12.52
N LEU F 134 5.09 -23.93 -13.41
CA LEU F 134 6.31 -23.24 -13.01
C LEU F 134 6.28 -21.77 -13.43
N TYR F 135 7.18 -20.98 -12.86
CA TYR F 135 7.33 -19.60 -13.28
C TYR F 135 8.82 -19.30 -13.20
N ARG F 136 9.27 -18.36 -14.01
CA ARG F 136 10.65 -17.92 -13.97
C ARG F 136 10.82 -16.89 -12.86
N LEU F 137 11.79 -17.14 -11.97
CA LEU F 137 12.04 -16.29 -10.80
C LEU F 137 13.28 -15.40 -10.95
N PHE F 138 14.06 -15.56 -12.02
CA PHE F 138 15.33 -14.84 -12.15
C PHE F 138 15.64 -14.53 -13.60
N ARG F 139 16.02 -13.29 -13.87
CA ARG F 139 16.42 -12.95 -15.23
C ARG F 139 17.31 -11.73 -15.19
N LYS F 140 18.29 -11.72 -16.10
CA LYS F 140 19.25 -10.62 -16.21
C LYS F 140 18.55 -9.34 -16.67
N SER F 141 17.55 -9.44 -17.54
CA SER F 141 16.82 -8.28 -18.02
C SER F 141 15.33 -8.58 -18.01
N ASN F 142 14.52 -7.53 -18.07
CA ASN F 142 13.08 -7.70 -18.12
C ASN F 142 12.64 -8.10 -19.52
N LEU F 143 11.56 -8.86 -19.59
CA LEU F 143 11.04 -9.28 -20.88
C LEU F 143 10.57 -8.06 -21.68
N LYS F 144 10.77 -8.11 -23.00
CA LYS F 144 10.12 -7.13 -23.86
C LYS F 144 8.71 -7.62 -24.20
N PRO F 145 7.82 -6.73 -24.62
CA PRO F 145 6.42 -7.14 -24.85
C PRO F 145 6.31 -8.36 -25.78
N PHE F 146 5.51 -9.33 -25.37
CA PHE F 146 5.22 -10.53 -26.16
C PHE F 146 6.44 -11.42 -26.35
N GLU F 147 7.40 -11.34 -25.43
CA GLU F 147 8.60 -12.16 -25.46
C GLU F 147 8.34 -13.49 -24.75
N ARG F 148 9.16 -14.50 -25.06
CA ARG F 148 8.98 -15.81 -24.46
C ARG F 148 10.33 -16.48 -24.24
N ASP F 149 10.65 -16.81 -22.99
CA ASP F 149 11.94 -17.35 -22.57
C ASP F 149 11.69 -18.72 -21.94
N ILE F 150 12.10 -19.78 -22.63
CA ILE F 150 12.00 -21.13 -22.09
C ILE F 150 13.37 -21.69 -21.70
N SER F 151 14.39 -20.83 -21.57
CA SER F 151 15.71 -21.27 -21.15
C SER F 151 15.65 -21.93 -19.78
N THR F 152 16.68 -22.70 -19.46
CA THR F 152 16.86 -23.34 -18.17
C THR F 152 18.25 -23.06 -17.61
N GLU F 153 19.01 -22.18 -18.25
CA GLU F 153 20.39 -21.91 -17.85
C GLU F 153 20.45 -21.31 -16.46
N ILE F 154 21.31 -21.89 -15.61
CA ILE F 154 21.57 -21.36 -14.27
C ILE F 154 21.82 -19.85 -14.35
N TYR F 155 21.13 -19.12 -13.47
CA TYR F 155 21.23 -17.67 -13.36
C TYR F 155 22.33 -17.28 -12.37
N GLN F 156 23.27 -16.45 -12.81
CA GLN F 156 24.36 -15.98 -11.97
C GLN F 156 23.90 -14.76 -11.19
N ALA F 157 23.68 -14.93 -9.89
CA ALA F 157 23.39 -13.83 -8.99
C ALA F 157 24.63 -13.33 -8.23
N GLY F 158 25.78 -14.00 -8.36
CA GLY F 158 26.98 -13.64 -7.63
C GLY F 158 28.06 -13.07 -8.53
N ASN F 159 29.18 -12.71 -7.90
CA ASN F 159 30.37 -12.29 -8.64
C ASN F 159 31.19 -13.46 -9.17
N LYS F 160 30.89 -14.70 -8.76
CA LYS F 160 31.65 -15.86 -9.20
C LYS F 160 30.86 -16.64 -10.26
N PRO F 161 31.55 -17.33 -11.18
CA PRO F 161 30.83 -18.06 -12.23
C PRO F 161 30.11 -19.27 -11.67
N CYS F 162 29.04 -19.67 -12.36
CA CYS F 162 28.21 -20.74 -11.82
C CYS F 162 28.71 -22.14 -12.16
N ASN F 163 29.54 -22.28 -13.20
CA ASN F 163 30.08 -23.56 -13.62
C ASN F 163 29.00 -24.62 -13.81
N GLY F 164 27.88 -24.20 -14.40
CA GLY F 164 26.88 -25.13 -14.90
C GLY F 164 26.15 -25.91 -13.82
N VAL F 165 26.34 -25.50 -12.58
CA VAL F 165 25.62 -26.11 -11.47
C VAL F 165 25.06 -25.00 -10.59
N ALA F 166 24.02 -25.34 -9.86
CA ALA F 166 23.36 -24.42 -8.95
C ALA F 166 24.05 -24.43 -7.60
N GLY F 167 23.56 -23.60 -6.68
CA GLY F 167 24.23 -23.44 -5.40
C GLY F 167 24.20 -22.01 -4.86
N PHE F 168 25.29 -21.64 -4.19
CA PHE F 168 25.41 -20.31 -3.59
C PHE F 168 25.49 -19.23 -4.68
N ASN F 169 24.46 -18.37 -4.74
CA ASN F 169 24.26 -17.30 -5.72
C ASN F 169 24.11 -17.83 -7.14
N CYS F 170 23.72 -19.09 -7.27
CA CYS F 170 23.55 -19.72 -8.57
C CYS F 170 22.22 -20.46 -8.52
N TYR F 171 21.26 -19.98 -9.30
CA TYR F 171 19.88 -20.44 -9.17
C TYR F 171 19.39 -21.05 -10.48
N PHE F 172 18.70 -22.17 -10.36
CA PHE F 172 17.95 -22.71 -11.47
C PHE F 172 16.75 -21.79 -11.72
N PRO F 173 16.62 -21.19 -12.90
CA PRO F 173 15.73 -20.01 -13.07
C PRO F 173 14.26 -20.27 -12.85
N LEU F 174 13.80 -21.50 -12.95
CA LEU F 174 12.37 -21.77 -12.85
C LEU F 174 12.07 -22.48 -11.53
N ARG F 175 10.85 -22.24 -11.04
CA ARG F 175 10.41 -22.73 -9.75
C ARG F 175 8.97 -23.18 -9.88
N SER F 176 8.55 -24.14 -9.05
CA SER F 176 7.17 -24.61 -9.11
C SER F 176 6.28 -23.73 -8.26
N TYR F 177 5.03 -23.61 -8.69
CA TYR F 177 3.99 -23.16 -7.78
C TYR F 177 3.69 -24.31 -6.85
N SER F 178 3.07 -24.00 -5.72
CA SER F 178 2.73 -25.01 -4.74
C SER F 178 1.22 -25.19 -4.58
N PHE F 179 0.48 -25.07 -5.69
CA PHE F 179 -0.99 -24.92 -5.64
C PHE F 179 -1.66 -25.99 -4.83
N ARG F 180 -2.35 -25.57 -3.79
CA ARG F 180 -3.07 -26.41 -2.86
C ARG F 180 -4.47 -25.84 -2.69
N PRO F 181 -5.49 -26.66 -2.40
CA PRO F 181 -6.86 -26.13 -2.31
C PRO F 181 -7.15 -25.41 -1.00
N THR F 182 -6.26 -25.48 -0.01
CA THR F 182 -6.47 -24.81 1.27
C THR F 182 -5.88 -23.40 1.30
N TYR F 183 -5.49 -22.86 0.14
CA TYR F 183 -4.83 -21.55 0.07
C TYR F 183 -5.85 -20.42 0.05
N GLY F 184 -5.36 -19.16 0.12
CA GLY F 184 -6.19 -18.02 -0.15
C GLY F 184 -6.54 -17.91 -1.63
N VAL F 185 -7.60 -17.17 -1.95
CA VAL F 185 -7.98 -17.06 -3.35
C VAL F 185 -6.92 -16.31 -4.13
N GLY F 186 -6.04 -15.61 -3.44
CA GLY F 186 -4.97 -14.90 -4.10
C GLY F 186 -3.80 -15.81 -4.38
N HIS F 187 -3.66 -16.87 -3.56
CA HIS F 187 -2.61 -17.85 -3.74
C HIS F 187 -3.08 -19.08 -4.50
N GLN F 188 -4.18 -19.02 -5.13
CA GLN F 188 -4.83 -20.12 -5.83
C GLN F 188 -4.63 -20.02 -7.34
N PRO F 189 -4.74 -21.12 -8.08
CA PRO F 189 -4.47 -21.07 -9.52
C PRO F 189 -5.59 -20.41 -10.30
N TYR F 190 -5.20 -19.54 -11.22
CA TYR F 190 -6.11 -18.92 -12.18
C TYR F 190 -5.66 -19.28 -13.59
N ARG F 191 -6.61 -19.62 -14.46
CA ARG F 191 -6.28 -19.74 -15.88
C ARG F 191 -6.54 -18.41 -16.57
N VAL F 192 -5.65 -18.06 -17.48
CA VAL F 192 -5.64 -16.75 -18.15
C VAL F 192 -5.55 -16.96 -19.65
N VAL F 193 -6.29 -16.16 -20.41
CA VAL F 193 -6.29 -16.18 -21.88
C VAL F 193 -6.26 -14.73 -22.34
N VAL F 194 -5.14 -14.29 -22.90
CA VAL F 194 -4.94 -12.93 -23.38
C VAL F 194 -5.18 -12.89 -24.90
N LEU F 195 -6.31 -12.34 -25.33
CA LEU F 195 -6.60 -12.18 -26.76
C LEU F 195 -6.00 -10.87 -27.26
N SER F 196 -5.22 -10.95 -28.35
CA SER F 196 -4.51 -9.83 -28.96
C SER F 196 -4.79 -9.84 -30.45
N PHE F 197 -4.29 -8.84 -31.16
CA PHE F 197 -4.52 -8.69 -32.58
C PHE F 197 -3.20 -8.66 -33.33
N GLU F 198 -3.26 -8.97 -34.63
CA GLU F 198 -2.06 -9.12 -35.46
C GLU F 198 -2.03 -8.10 -36.61
N VAL G 2 45.31 -23.80 -6.60
CA VAL G 2 45.68 -23.37 -5.25
C VAL G 2 45.74 -24.60 -4.32
N GLN G 3 46.87 -24.74 -3.62
CA GLN G 3 47.09 -25.77 -2.61
C GLN G 3 48.00 -25.22 -1.53
N LEU G 4 47.65 -25.45 -0.26
CA LEU G 4 48.34 -24.81 0.86
C LEU G 4 49.66 -25.54 1.14
N VAL G 5 50.78 -24.79 1.11
CA VAL G 5 52.12 -25.35 1.30
C VAL G 5 52.60 -25.06 2.73
N GLU G 6 53.00 -26.12 3.42
CA GLU G 6 53.43 -26.04 4.81
C GLU G 6 54.95 -26.12 4.88
N SER G 7 55.47 -26.14 6.10
CA SER G 7 56.91 -26.27 6.31
C SER G 7 57.35 -27.73 6.14
N GLY G 8 58.67 -27.94 6.16
CA GLY G 8 59.19 -29.29 6.17
C GLY G 8 59.14 -29.91 7.57
N ALA G 9 59.15 -31.24 7.59
CA ALA G 9 59.06 -31.97 8.86
C ALA G 9 60.24 -31.63 9.76
N GLU G 10 59.96 -31.50 11.07
CA GLU G 10 60.91 -31.00 12.05
C GLU G 10 61.16 -32.03 13.15
N VAL G 11 62.40 -32.08 13.63
CA VAL G 11 62.78 -32.82 14.82
C VAL G 11 63.18 -31.82 15.91
N LYS G 12 62.51 -31.91 17.06
CA LYS G 12 62.66 -30.91 18.11
C LYS G 12 62.74 -31.60 19.47
N LYS G 13 63.64 -31.07 20.32
CA LYS G 13 63.96 -31.68 21.61
C LYS G 13 62.95 -31.22 22.66
N PRO G 14 62.52 -32.13 23.59
CA PRO G 14 61.54 -31.75 24.61
C PRO G 14 61.88 -30.44 25.30
N GLY G 15 60.98 -29.46 25.18
CA GLY G 15 61.12 -28.15 25.79
C GLY G 15 61.47 -27.03 24.81
N SER G 16 60.99 -27.13 23.57
CA SER G 16 61.37 -26.18 22.53
C SER G 16 60.14 -25.47 21.99
N SER G 17 60.26 -24.91 20.78
CA SER G 17 59.13 -24.29 20.13
C SER G 17 59.18 -24.60 18.65
N VAL G 18 58.00 -24.78 18.04
CA VAL G 18 57.92 -24.99 16.61
C VAL G 18 56.95 -23.95 16.03
N LYS G 19 57.42 -23.22 14.99
CA LYS G 19 56.62 -22.30 14.19
C LYS G 19 56.39 -22.96 12.84
N VAL G 20 55.23 -23.56 12.67
CA VAL G 20 54.88 -24.18 11.40
C VAL G 20 54.25 -23.11 10.51
N SER G 21 54.76 -22.97 9.27
CA SER G 21 54.27 -22.00 8.32
C SER G 21 53.22 -22.64 7.41
N CYS G 22 52.41 -21.77 6.78
CA CYS G 22 51.27 -22.18 5.97
C CYS G 22 50.92 -21.04 5.03
N LYS G 23 51.06 -21.27 3.72
CA LYS G 23 50.98 -20.19 2.74
C LYS G 23 50.03 -20.57 1.61
N ALA G 24 49.13 -19.64 1.26
CA ALA G 24 48.30 -19.79 0.07
C ALA G 24 49.09 -19.31 -1.14
N PRO G 25 49.42 -20.19 -2.11
CA PRO G 25 50.35 -19.90 -3.22
C PRO G 25 49.78 -19.00 -4.32
N PHE G 29 43.29 -14.41 0.44
CA PHE G 29 43.57 -15.17 1.66
C PHE G 29 43.06 -14.37 2.89
N SER G 30 42.89 -13.06 2.74
CA SER G 30 42.32 -12.25 3.82
C SER G 30 40.84 -12.60 4.06
N SER G 31 40.17 -13.16 3.05
CA SER G 31 38.74 -13.41 3.15
C SER G 31 38.39 -14.75 3.82
N TYR G 32 39.38 -15.60 4.11
CA TYR G 32 39.13 -16.92 4.66
C TYR G 32 39.54 -17.01 6.12
N ALA G 33 39.02 -18.03 6.80
CA ALA G 33 39.45 -18.41 8.13
C ALA G 33 40.57 -19.45 8.08
N ILE G 34 41.40 -19.44 9.13
CA ILE G 34 42.49 -20.42 9.30
C ILE G 34 42.33 -21.27 10.53
N SER G 35 42.20 -22.58 10.32
CA SER G 35 42.31 -23.56 11.39
C SER G 35 43.69 -24.19 11.38
N TRP G 36 44.19 -24.51 12.57
CA TRP G 36 45.33 -25.40 12.73
C TRP G 36 44.82 -26.64 13.44
N VAL G 37 44.77 -27.76 12.74
CA VAL G 37 44.44 -29.01 13.40
C VAL G 37 45.66 -29.91 13.37
N ARG G 38 45.75 -30.83 14.33
CA ARG G 38 46.87 -31.76 14.43
C ARG G 38 46.36 -33.17 14.69
N GLN G 39 47.17 -34.16 14.28
CA GLN G 39 46.82 -35.56 14.39
C GLN G 39 48.05 -36.29 14.93
N ALA G 40 47.97 -36.77 16.16
CA ALA G 40 49.03 -37.60 16.68
C ALA G 40 49.00 -38.98 16.01
N PRO G 41 50.18 -39.63 15.86
CA PRO G 41 50.23 -40.94 15.18
C PRO G 41 49.22 -41.95 15.70
N GLY G 42 48.30 -42.38 14.83
CA GLY G 42 47.27 -43.33 15.23
C GLY G 42 46.11 -42.73 15.98
N GLN G 43 45.96 -41.41 15.97
CA GLN G 43 44.95 -40.73 16.77
C GLN G 43 44.04 -39.90 15.87
N GLY G 44 43.04 -39.27 16.48
CA GLY G 44 42.03 -38.52 15.76
C GLY G 44 42.51 -37.11 15.41
N LEU G 45 41.57 -36.32 14.89
CA LEU G 45 41.82 -34.91 14.63
C LEU G 45 41.53 -34.09 15.87
N GLU G 46 42.35 -33.08 16.09
CA GLU G 46 42.22 -32.22 17.27
C GLU G 46 42.37 -30.77 16.84
N TRP G 47 41.27 -30.03 16.88
CA TRP G 47 41.29 -28.61 16.52
C TRP G 47 42.16 -27.87 17.52
N MET G 48 43.11 -27.09 17.02
CA MET G 48 44.05 -26.41 17.90
C MET G 48 43.75 -24.93 18.06
N GLY G 49 43.12 -24.34 17.08
CA GLY G 49 42.81 -22.92 17.15
C GLY G 49 42.60 -22.36 15.76
N GLY G 50 42.39 -21.05 15.71
CA GLY G 50 42.20 -20.43 14.42
C GLY G 50 42.26 -18.92 14.49
N ILE G 51 42.46 -18.31 13.32
CA ILE G 51 42.51 -16.85 13.24
C ILE G 51 41.84 -16.39 11.96
N ILE G 52 41.28 -15.19 12.03
CA ILE G 52 40.84 -14.45 10.85
C ILE G 52 41.94 -13.46 10.51
N PRO G 53 42.56 -13.56 9.34
CA PRO G 53 43.63 -12.60 8.99
C PRO G 53 43.13 -11.16 8.92
N ILE G 54 44.05 -10.24 9.22
CA ILE G 54 43.87 -8.78 9.20
C ILE G 54 42.96 -8.30 10.32
N PHE G 55 41.72 -8.76 10.35
CA PHE G 55 40.68 -8.29 11.28
C PHE G 55 40.31 -9.40 12.24
N GLY G 56 41.25 -9.82 13.11
CA GLY G 56 41.02 -11.05 13.86
C GLY G 56 41.83 -11.28 15.13
N THR G 57 41.11 -11.67 16.18
CA THR G 57 41.85 -12.15 17.35
C THR G 57 41.96 -13.67 17.28
N PRO G 58 43.13 -14.24 17.58
CA PRO G 58 43.26 -15.70 17.53
C PRO G 58 42.37 -16.35 18.58
N ASN G 59 41.79 -17.51 18.21
CA ASN G 59 40.97 -18.32 19.11
C ASN G 59 41.63 -19.68 19.31
N TYR G 60 41.96 -20.03 20.55
CA TYR G 60 42.61 -21.30 20.84
C TYR G 60 41.66 -22.19 21.65
N ALA G 61 41.86 -23.51 21.55
CA ALA G 61 41.21 -24.47 22.44
C ALA G 61 41.91 -24.47 23.81
N GLN G 62 41.20 -24.97 24.83
CA GLN G 62 41.74 -24.79 26.18
C GLN G 62 42.98 -25.64 26.44
N LYS G 63 43.09 -26.81 25.80
CA LYS G 63 44.30 -27.61 25.95
C LYS G 63 45.54 -26.77 25.65
N PHE G 64 45.51 -25.99 24.56
CA PHE G 64 46.69 -25.32 24.00
C PHE G 64 46.76 -23.83 24.32
N GLN G 65 46.32 -23.41 25.51
CA GLN G 65 46.02 -21.99 25.68
C GLN G 65 47.27 -21.14 25.90
N GLY G 66 48.05 -21.44 26.93
CA GLY G 66 49.28 -20.68 27.12
C GLY G 66 50.40 -20.96 26.12
N ARG G 67 50.34 -22.08 25.42
CA ARG G 67 51.45 -22.60 24.61
C ARG G 67 51.35 -22.23 23.12
N VAL G 68 50.15 -21.95 22.60
CA VAL G 68 49.96 -21.72 21.18
C VAL G 68 49.88 -20.22 20.92
N THR G 69 50.52 -19.79 19.83
CA THR G 69 50.41 -18.42 19.32
C THR G 69 50.15 -18.53 17.82
N ILE G 70 48.89 -18.30 17.41
CA ILE G 70 48.51 -18.30 16.01
C ILE G 70 48.60 -16.86 15.50
N THR G 71 49.40 -16.66 14.47
CA THR G 71 49.65 -15.36 13.87
C THR G 71 49.41 -15.49 12.37
N ALA G 72 49.04 -14.39 11.74
CA ALA G 72 49.09 -14.35 10.29
C ALA G 72 49.79 -13.05 9.91
N ASP G 73 50.59 -13.11 8.86
CA ASP G 73 51.20 -11.91 8.28
C ASP G 73 50.54 -11.68 6.93
N GLU G 74 49.82 -10.56 6.81
CA GLU G 74 49.08 -10.30 5.57
C GLU G 74 50.01 -10.10 4.39
N SER G 75 51.21 -9.54 4.63
CA SER G 75 52.11 -9.21 3.51
C SER G 75 52.72 -10.46 2.89
N THR G 76 53.08 -11.45 3.70
CA THR G 76 53.58 -12.71 3.15
C THR G 76 52.47 -13.65 2.68
N SER G 77 51.23 -13.43 3.12
CA SER G 77 50.15 -14.41 2.95
C SER G 77 50.47 -15.74 3.62
N THR G 78 51.18 -15.69 4.75
CA THR G 78 51.61 -16.86 5.49
C THR G 78 51.03 -16.86 6.90
N ALA G 79 50.47 -18.00 7.31
CA ALA G 79 49.97 -18.22 8.66
C ALA G 79 51.00 -18.95 9.49
N TYR G 80 50.97 -18.70 10.81
CA TYR G 80 51.95 -19.24 11.73
C TYR G 80 51.28 -19.80 12.96
N MET G 81 51.81 -20.92 13.46
CA MET G 81 51.35 -21.53 14.70
C MET G 81 52.58 -21.98 15.47
N GLU G 82 52.80 -21.39 16.66
CA GLU G 82 53.95 -21.68 17.51
C GLU G 82 53.47 -22.45 18.73
N LEU G 83 53.73 -23.74 18.76
CA LEU G 83 53.60 -24.52 19.99
C LEU G 83 54.93 -24.43 20.73
N SER G 84 54.91 -23.98 21.99
CA SER G 84 56.09 -24.02 22.85
C SER G 84 55.86 -24.99 24.00
N SER G 85 56.96 -25.31 24.71
CA SER G 85 56.98 -26.33 25.79
C SER G 85 56.58 -27.71 25.25
N LEU G 86 57.23 -28.11 24.16
CA LEU G 86 56.88 -29.34 23.47
C LEU G 86 57.13 -30.54 24.39
N ARG G 87 56.19 -31.48 24.42
CA ARG G 87 56.40 -32.76 25.08
C ARG G 87 56.37 -33.87 24.04
N SER G 88 56.67 -35.10 24.48
CA SER G 88 56.55 -36.22 23.55
C SER G 88 55.11 -36.37 23.05
N GLU G 89 54.13 -35.83 23.77
CA GLU G 89 52.72 -36.00 23.40
C GLU G 89 52.29 -35.09 22.24
N ASP G 90 53.09 -34.06 21.90
CA ASP G 90 52.78 -33.15 20.80
C ASP G 90 53.31 -33.64 19.47
N THR G 91 53.99 -34.78 19.43
CA THR G 91 54.35 -35.42 18.18
C THR G 91 53.07 -35.60 17.35
N ALA G 92 52.90 -34.78 16.31
CA ALA G 92 51.70 -34.89 15.51
C ALA G 92 51.96 -34.36 14.11
N VAL G 93 51.05 -34.69 13.21
CA VAL G 93 50.98 -34.02 11.91
C VAL G 93 50.15 -32.77 12.11
N TYR G 94 50.69 -31.62 11.74
CA TYR G 94 50.00 -30.34 11.94
C TYR G 94 49.47 -29.82 10.61
N TYR G 95 48.14 -29.94 10.41
CA TYR G 95 47.48 -29.43 9.22
C TYR G 95 47.05 -27.98 9.44
N CYS G 96 47.10 -27.20 8.38
CA CYS G 96 46.37 -25.94 8.30
C CYS G 96 45.32 -26.10 7.22
N ALA G 97 44.10 -25.69 7.55
CA ALA G 97 43.02 -25.72 6.59
C ALA G 97 42.48 -24.30 6.40
N ARG G 98 41.92 -24.06 5.22
CA ARG G 98 41.22 -22.83 4.89
C ARG G 98 39.73 -23.10 4.98
N GLY G 99 39.01 -22.16 5.58
CA GLY G 99 37.54 -22.21 5.67
C GLY G 99 36.90 -21.12 4.85
N TYR G 100 35.76 -21.44 4.25
CA TYR G 100 35.01 -20.51 3.40
C TYR G 100 33.70 -20.14 4.08
N CYS G 101 33.43 -18.84 4.20
CA CYS G 101 32.19 -18.39 4.83
C CYS G 101 31.24 -17.73 3.85
N GLY G 102 31.46 -17.88 2.54
CA GLY G 102 30.75 -17.08 1.54
C GLY G 102 31.21 -15.64 1.51
N GLY G 103 32.20 -15.33 0.69
CA GLY G 103 32.75 -13.98 0.71
C GLY G 103 33.77 -13.76 1.81
N ASP G 104 33.52 -12.80 2.71
CA ASP G 104 34.44 -12.50 3.80
C ASP G 104 33.95 -13.16 5.08
N CYS G 105 34.88 -13.35 6.02
CA CYS G 105 34.65 -14.15 7.22
C CYS G 105 34.69 -13.27 8.46
N TYR G 106 33.52 -13.08 9.08
CA TYR G 106 33.44 -12.27 10.29
C TYR G 106 34.13 -12.98 11.45
N SER G 107 33.69 -14.21 11.76
CA SER G 107 34.22 -15.04 12.83
C SER G 107 34.56 -16.43 12.28
N LEU G 108 35.24 -17.22 13.11
CA LEU G 108 35.47 -18.63 12.82
C LEU G 108 34.21 -19.46 13.01
N GLU G 109 33.23 -18.92 13.76
CA GLU G 109 31.95 -19.58 13.94
C GLU G 109 31.17 -19.69 12.65
N LEU G 110 31.47 -18.81 11.68
CA LEU G 110 30.67 -18.73 10.47
C LEU G 110 31.21 -19.55 9.31
N VAL G 111 32.22 -20.37 9.55
CA VAL G 111 32.79 -21.16 8.46
C VAL G 111 31.77 -22.19 8.01
N TRP G 112 31.63 -22.34 6.70
CA TRP G 112 30.72 -23.33 6.13
C TRP G 112 31.38 -24.69 6.06
N TYR G 113 32.67 -24.71 5.73
CA TYR G 113 33.42 -25.92 5.47
C TYR G 113 34.89 -25.57 5.29
N PHE G 114 35.76 -26.49 5.73
CA PHE G 114 37.20 -26.40 5.53
C PHE G 114 37.55 -27.30 4.35
N ASP G 115 37.75 -26.69 3.17
CA ASP G 115 37.92 -27.39 1.90
C ASP G 115 39.39 -27.62 1.56
N LEU G 116 40.15 -26.54 1.43
CA LEU G 116 41.57 -26.60 1.10
C LEU G 116 42.35 -26.87 2.39
N TRP G 117 42.80 -28.12 2.56
CA TRP G 117 43.78 -28.49 3.58
C TRP G 117 45.17 -28.50 2.98
N GLY G 118 46.15 -28.06 3.75
CA GLY G 118 47.54 -28.30 3.40
C GLY G 118 47.85 -29.79 3.47
N ARG G 119 49.12 -30.13 3.21
CA ARG G 119 49.53 -31.50 3.49
C ARG G 119 49.74 -31.59 5.00
N GLY G 120 50.58 -32.47 5.49
CA GLY G 120 50.94 -32.47 6.89
C GLY G 120 52.35 -31.93 7.10
N THR G 121 52.55 -31.20 8.19
CA THR G 121 53.90 -30.96 8.70
C THR G 121 54.05 -31.86 9.92
N LEU G 122 54.95 -32.85 9.83
CA LEU G 122 55.16 -33.78 10.93
C LEU G 122 56.18 -33.22 11.91
N VAL G 123 55.75 -32.96 13.14
CA VAL G 123 56.59 -32.42 14.20
C VAL G 123 56.73 -33.49 15.29
N THR G 124 57.94 -34.04 15.41
CA THR G 124 58.28 -35.07 16.38
C THR G 124 59.06 -34.45 17.54
N VAL G 125 58.82 -34.97 18.75
CA VAL G 125 59.56 -34.54 19.94
C VAL G 125 60.15 -35.78 20.61
N SER G 126 61.48 -35.82 20.72
CA SER G 126 62.22 -36.96 21.29
C SER G 126 62.11 -37.05 22.82
N VAL G 145 33.53 -32.49 22.85
CA VAL G 145 33.94 -33.69 22.10
C VAL G 145 32.72 -34.45 21.52
N LEU G 146 32.75 -34.78 20.23
CA LEU G 146 31.63 -35.44 19.59
C LEU G 146 31.87 -36.95 19.51
N THR G 147 30.83 -37.73 19.81
CA THR G 147 31.00 -39.18 19.98
C THR G 147 30.68 -39.97 18.71
N GLN G 148 31.64 -40.77 18.26
CA GLN G 148 31.50 -41.57 17.06
C GLN G 148 31.76 -43.04 17.37
N PRO G 149 30.90 -43.95 16.91
CA PRO G 149 31.31 -45.37 16.80
C PRO G 149 32.76 -45.47 16.38
N PRO G 150 33.61 -46.09 17.21
CA PRO G 150 35.04 -46.21 16.83
C PRO G 150 35.29 -47.00 15.55
N SER G 151 34.49 -48.05 15.30
CA SER G 151 34.62 -48.83 14.08
C SER G 151 33.25 -49.20 13.56
N VAL G 152 33.13 -49.29 12.23
CA VAL G 152 31.90 -49.71 11.56
C VAL G 152 32.30 -50.53 10.34
N SER G 153 31.75 -51.73 10.23
CA SER G 153 32.10 -52.66 9.17
C SER G 153 30.96 -52.77 8.18
N GLY G 154 31.28 -52.94 6.91
CA GLY G 154 30.23 -52.98 5.91
C GLY G 154 30.40 -53.95 4.76
N ALA G 155 29.29 -54.59 4.34
CA ALA G 155 29.14 -55.45 3.17
C ALA G 155 29.13 -54.61 1.89
N PRO G 156 29.88 -55.01 0.86
CA PRO G 156 29.97 -54.20 -0.37
C PRO G 156 28.68 -54.24 -1.21
N GLY G 157 28.39 -53.11 -1.87
CA GLY G 157 27.12 -52.89 -2.55
C GLY G 157 26.00 -52.38 -1.67
N GLN G 158 26.30 -51.92 -0.46
CA GLN G 158 25.30 -51.78 0.59
C GLN G 158 25.33 -50.40 1.21
N ARG G 159 24.36 -50.17 2.09
CA ARG G 159 24.31 -48.94 2.88
C ARG G 159 24.88 -49.18 4.27
N VAL G 160 25.74 -48.24 4.71
CA VAL G 160 26.30 -48.23 6.06
C VAL G 160 26.04 -46.84 6.63
N THR G 161 26.14 -46.73 7.96
CA THR G 161 25.83 -45.47 8.63
C THR G 161 26.84 -45.20 9.74
N ILE G 162 27.44 -44.00 9.73
CA ILE G 162 28.37 -43.58 10.78
C ILE G 162 27.72 -42.47 11.57
N SER G 163 27.46 -42.70 12.86
CA SER G 163 26.77 -41.73 13.70
C SER G 163 27.73 -40.74 14.34
N CYS G 164 27.21 -39.54 14.60
CA CYS G 164 27.95 -38.46 15.25
C CYS G 164 27.03 -37.85 16.28
N THR G 165 27.29 -38.07 17.56
CA THR G 165 26.42 -37.57 18.61
C THR G 165 27.06 -36.40 19.36
N GLY G 166 26.28 -35.34 19.56
CA GLY G 166 26.74 -34.18 20.31
C GLY G 166 25.84 -33.75 21.44
N SER G 167 25.96 -32.48 21.87
CA SER G 167 25.15 -31.96 22.96
C SER G 167 24.23 -30.84 22.51
N SER G 168 23.82 -30.00 23.46
CA SER G 168 23.08 -28.77 23.14
C SER G 168 24.01 -27.58 22.96
N SER G 169 25.28 -27.72 23.31
CA SER G 169 26.28 -26.67 23.05
C SER G 169 26.75 -26.65 21.60
N ASN G 170 26.55 -27.73 20.86
CA ASN G 170 27.02 -27.82 19.48
C ASN G 170 25.88 -28.22 18.54
N ILE G 171 25.72 -29.51 18.20
CA ILE G 171 24.71 -29.88 17.20
C ILE G 171 23.31 -29.47 17.67
N GLY G 172 23.08 -29.44 18.98
CA GLY G 172 21.77 -29.02 19.45
C GLY G 172 21.56 -27.51 19.54
N ALA G 173 22.63 -26.72 19.43
CA ALA G 173 22.53 -25.26 19.42
C ALA G 173 22.25 -24.72 18.02
N GLY G 174 21.93 -25.59 17.07
CA GLY G 174 21.73 -25.17 15.69
C GLY G 174 23.00 -24.95 14.89
N TYR G 175 24.10 -25.60 15.25
CA TYR G 175 25.32 -25.59 14.45
C TYR G 175 25.33 -26.80 13.51
N ASP G 176 25.94 -26.61 12.34
CA ASP G 176 25.91 -27.60 11.26
C ASP G 176 27.08 -28.58 11.36
N VAL G 177 26.82 -29.85 11.05
CA VAL G 177 27.85 -30.89 11.05
C VAL G 177 28.47 -31.01 9.65
N GLN G 178 29.77 -30.81 9.55
CA GLN G 178 30.49 -31.27 8.38
C GLN G 178 31.07 -32.67 8.62
N TRP G 179 31.50 -33.32 7.53
CA TRP G 179 32.07 -34.66 7.57
C TRP G 179 33.32 -34.73 6.71
N TYR G 180 34.38 -35.31 7.28
CA TYR G 180 35.66 -35.43 6.59
C TYR G 180 36.06 -36.89 6.43
N GLN G 181 36.79 -37.15 5.34
CA GLN G 181 37.27 -38.48 5.01
C GLN G 181 38.79 -38.45 5.00
N GLN G 182 39.41 -39.45 5.64
CA GLN G 182 40.86 -39.51 5.72
C GLN G 182 41.30 -40.83 5.14
N LEU G 183 41.80 -40.77 3.91
CA LEU G 183 42.50 -41.90 3.33
C LEU G 183 43.85 -42.03 4.01
N PRO G 184 44.34 -43.24 4.29
CA PRO G 184 45.64 -43.37 4.97
C PRO G 184 46.76 -42.64 4.26
N GLY G 185 47.45 -41.73 4.97
CA GLY G 185 48.56 -41.00 4.39
C GLY G 185 48.27 -39.58 3.97
N THR G 186 47.07 -39.30 3.47
CA THR G 186 46.76 -37.94 3.06
C THR G 186 45.95 -37.19 4.11
N ALA G 187 45.81 -35.89 3.89
CA ALA G 187 45.03 -35.02 4.74
C ALA G 187 43.53 -35.33 4.59
N PRO G 188 42.72 -34.87 5.54
CA PRO G 188 41.26 -35.08 5.45
C PRO G 188 40.64 -34.37 4.24
N LYS G 189 39.52 -34.92 3.79
CA LYS G 189 38.85 -34.47 2.57
C LYS G 189 37.40 -34.13 2.93
N LEU G 190 36.95 -32.92 2.53
CA LEU G 190 35.59 -32.48 2.86
C LEU G 190 34.56 -33.33 2.13
N LEU G 191 33.74 -34.05 2.88
CA LEU G 191 32.77 -34.97 2.29
C LEU G 191 31.36 -34.37 2.21
N ILE G 192 30.81 -33.89 3.33
CA ILE G 192 29.59 -33.11 3.29
C ILE G 192 29.70 -31.96 4.31
N TYR G 193 29.22 -30.76 3.91
CA TYR G 193 29.03 -29.58 4.77
C TYR G 193 27.54 -29.30 4.85
N GLY G 194 27.19 -28.16 5.44
CA GLY G 194 25.79 -28.01 5.83
C GLY G 194 25.51 -29.11 6.81
N ASN G 195 24.35 -29.73 6.72
CA ASN G 195 24.24 -31.03 7.38
C ASN G 195 24.11 -32.16 6.39
N SER G 196 23.92 -31.82 5.14
CA SER G 196 23.59 -32.77 4.09
C SER G 196 24.03 -32.30 2.71
N ASN G 197 24.81 -31.23 2.60
CA ASN G 197 25.22 -30.71 1.30
C ASN G 197 26.49 -31.39 0.81
N ARG G 198 26.47 -31.86 -0.43
CA ARG G 198 27.64 -32.47 -1.05
C ARG G 198 28.47 -31.41 -1.77
N PRO G 199 29.78 -31.29 -1.46
CA PRO G 199 30.65 -30.42 -2.26
C PRO G 199 30.75 -30.90 -3.69
N SER G 200 31.32 -30.07 -4.56
CA SER G 200 31.45 -30.43 -5.97
C SER G 200 32.46 -31.56 -6.10
N GLY G 201 32.02 -32.69 -6.66
CA GLY G 201 32.86 -33.87 -6.76
C GLY G 201 32.38 -35.04 -5.92
N VAL G 202 31.79 -34.78 -4.77
CA VAL G 202 31.37 -35.87 -3.88
C VAL G 202 30.16 -36.57 -4.50
N PRO G 203 30.20 -37.88 -4.71
CA PRO G 203 29.10 -38.55 -5.40
C PRO G 203 27.84 -38.62 -4.54
N ASP G 204 26.75 -39.03 -5.20
CA ASP G 204 25.43 -39.11 -4.57
C ASP G 204 25.31 -40.27 -3.60
N ARG G 205 26.21 -41.25 -3.70
CA ARG G 205 26.21 -42.36 -2.75
C ARG G 205 26.35 -41.83 -1.33
N PHE G 206 27.10 -40.75 -1.15
CA PHE G 206 27.26 -40.13 0.15
C PHE G 206 26.08 -39.19 0.45
N SER G 207 25.72 -39.15 1.72
CA SER G 207 24.49 -38.53 2.19
C SER G 207 24.66 -38.12 3.64
N GLY G 208 23.90 -37.13 4.07
CA GLY G 208 24.06 -36.57 5.39
C GLY G 208 22.73 -36.16 5.98
N SER G 209 22.71 -36.09 7.30
CA SER G 209 21.47 -35.87 8.00
C SER G 209 21.79 -35.44 9.43
N LYS G 210 20.88 -34.63 9.99
CA LYS G 210 20.99 -34.09 11.34
C LYS G 210 19.62 -34.16 12.00
N SER G 211 19.57 -34.60 13.26
CA SER G 211 18.33 -34.67 14.02
C SER G 211 18.63 -34.42 15.50
N GLY G 212 18.24 -33.23 15.97
CA GLY G 212 18.34 -32.87 17.36
C GLY G 212 19.75 -32.64 17.79
N THR G 213 20.29 -33.62 18.53
CA THR G 213 21.63 -33.57 19.05
C THR G 213 22.55 -34.61 18.39
N SER G 214 22.06 -35.33 17.37
CA SER G 214 22.86 -36.32 16.65
C SER G 214 22.76 -36.08 15.14
N ALA G 215 23.85 -36.34 14.44
CA ALA G 215 23.93 -36.26 12.99
C ALA G 215 24.18 -37.66 12.44
N SER G 216 24.36 -37.77 11.12
CA SER G 216 24.69 -39.09 10.58
C SER G 216 25.07 -39.01 9.11
N LEU G 217 26.09 -39.79 8.75
CA LEU G 217 26.54 -39.96 7.37
C LEU G 217 26.11 -41.33 6.85
N ALA G 218 25.78 -41.42 5.56
CA ALA G 218 25.26 -42.66 5.00
C ALA G 218 25.84 -42.93 3.61
N ILE G 219 26.60 -44.03 3.48
CA ILE G 219 27.16 -44.47 2.20
C ILE G 219 26.34 -45.63 1.67
N THR G 220 25.93 -45.53 0.41
CA THR G 220 25.24 -46.55 -0.35
C THR G 220 26.22 -47.18 -1.36
N GLY G 221 25.94 -48.43 -1.73
CA GLY G 221 26.77 -49.15 -2.68
C GLY G 221 28.23 -49.16 -2.32
N LEU G 222 28.55 -49.76 -1.18
CA LEU G 222 29.89 -49.70 -0.61
C LEU G 222 30.92 -50.23 -1.59
N GLN G 223 31.83 -49.38 -1.99
CA GLN G 223 32.97 -49.76 -2.82
C GLN G 223 34.21 -49.90 -1.92
N ALA G 224 35.21 -50.65 -2.42
CA ALA G 224 36.38 -50.90 -1.60
C ALA G 224 37.18 -49.64 -1.33
N GLU G 225 37.05 -48.62 -2.17
CA GLU G 225 37.77 -47.36 -2.01
C GLU G 225 37.18 -46.47 -0.93
N ASP G 226 35.97 -46.79 -0.43
CA ASP G 226 35.36 -46.09 0.69
C ASP G 226 35.93 -46.52 2.04
N GLU G 227 36.82 -47.51 2.07
CA GLU G 227 37.55 -47.91 3.29
C GLU G 227 38.47 -46.78 3.71
N ALA G 228 38.12 -46.11 4.81
CA ALA G 228 38.91 -44.98 5.27
C ALA G 228 38.48 -44.63 6.69
N ASP G 229 38.99 -43.50 7.17
CA ASP G 229 38.66 -42.98 8.49
C ASP G 229 37.79 -41.74 8.32
N TYR G 230 36.63 -41.73 8.98
CA TYR G 230 35.61 -40.69 8.82
C TYR G 230 35.45 -39.90 10.11
N TYR G 231 35.45 -38.57 9.98
CA TYR G 231 35.24 -37.69 11.11
C TYR G 231 34.07 -36.74 10.83
N CYS G 232 33.37 -36.36 11.90
CA CYS G 232 32.45 -35.24 11.84
C CYS G 232 33.05 -34.05 12.56
N GLN G 233 32.50 -32.86 12.28
CA GLN G 233 32.98 -31.63 12.91
C GLN G 233 31.79 -30.71 13.17
N SER G 234 31.86 -29.96 14.25
CA SER G 234 30.85 -28.95 14.51
C SER G 234 31.44 -27.83 15.37
N TYR G 235 30.64 -26.80 15.62
CA TYR G 235 31.06 -25.65 16.39
C TYR G 235 30.42 -25.72 17.77
N ASP G 236 31.17 -25.35 18.80
CA ASP G 236 30.65 -25.38 20.16
C ASP G 236 30.65 -23.98 20.73
N SER G 237 29.44 -23.44 20.96
CA SER G 237 29.36 -22.07 21.48
C SER G 237 29.81 -21.97 22.94
N SER G 238 29.69 -23.06 23.71
CA SER G 238 30.18 -23.03 25.08
C SER G 238 31.69 -22.88 25.14
N LEU G 239 32.42 -23.73 24.43
CA LEU G 239 33.86 -23.57 24.45
C LEU G 239 34.38 -22.61 23.38
N SER G 240 33.52 -22.17 22.46
CA SER G 240 33.85 -21.13 21.48
C SER G 240 35.01 -21.58 20.58
N GLY G 241 34.80 -22.71 19.93
CA GLY G 241 35.77 -23.25 18.99
C GLY G 241 35.14 -24.41 18.23
N TRP G 242 35.94 -25.00 17.34
CA TRP G 242 35.50 -26.14 16.54
C TRP G 242 35.86 -27.43 17.24
N VAL G 243 34.94 -28.39 17.22
CA VAL G 243 35.18 -29.69 17.85
C VAL G 243 35.02 -30.80 16.84
N PHE G 244 35.82 -31.85 17.01
CA PHE G 244 35.85 -33.01 16.15
C PHE G 244 35.24 -34.21 16.88
N GLY G 245 34.88 -35.23 16.11
CA GLY G 245 34.46 -36.49 16.66
C GLY G 245 35.65 -37.39 16.98
N GLY G 246 35.35 -38.55 17.58
CA GLY G 246 36.40 -39.51 17.86
C GLY G 246 37.10 -39.99 16.60
N GLY G 247 36.32 -40.19 15.54
CA GLY G 247 36.72 -40.90 14.34
C GLY G 247 35.98 -42.23 14.21
N THR G 248 35.92 -42.72 12.98
CA THR G 248 35.33 -44.02 12.70
C THR G 248 36.10 -44.65 11.56
N LYS G 249 36.61 -45.87 11.77
CA LYS G 249 37.28 -46.63 10.72
C LYS G 249 36.24 -47.51 10.02
N LEU G 250 35.95 -47.19 8.76
CA LEU G 250 35.04 -48.00 7.96
C LEU G 250 35.86 -49.04 7.20
N THR G 251 35.58 -50.32 7.46
CA THR G 251 36.24 -51.42 6.76
C THR G 251 35.20 -52.11 5.88
N VAL G 252 35.51 -52.23 4.58
CA VAL G 252 34.64 -52.94 3.64
C VAL G 252 35.02 -54.42 3.64
N LEU G 253 34.09 -55.28 4.08
CA LEU G 253 34.28 -56.73 4.06
C LEU G 253 34.28 -57.24 2.61
N ALA G 254 34.26 -58.56 2.44
CA ALA G 254 33.95 -59.18 1.15
C ALA G 254 32.68 -60.01 1.28
N ALA G 255 32.10 -60.39 0.13
CA ALA G 255 30.82 -61.13 0.09
C ALA G 255 31.03 -62.63 -0.13
N ASN H 16 33.53 0.78 34.58
CA ASN H 16 34.25 1.77 33.79
C ASN H 16 33.32 2.44 32.75
N LEU H 17 33.75 2.45 31.48
CA LEU H 17 32.98 2.98 30.36
C LEU H 17 32.56 1.84 29.44
N CYS H 18 31.37 1.98 28.85
CA CYS H 18 30.86 0.90 28.00
C CYS H 18 31.70 0.78 26.74
N PRO H 19 31.93 -0.43 26.24
CA PRO H 19 32.69 -0.57 24.99
C PRO H 19 31.87 -0.21 23.75
N PHE H 20 31.11 0.88 23.81
CA PHE H 20 30.22 1.21 22.69
C PHE H 20 30.97 1.72 21.47
N ASP H 21 32.23 2.07 21.58
CA ASP H 21 33.01 2.37 20.39
C ASP H 21 33.34 1.13 19.58
N GLU H 22 33.09 -0.06 20.11
CA GLU H 22 33.36 -1.33 19.44
C GLU H 22 32.12 -1.97 18.83
N VAL H 23 30.91 -1.54 19.21
CA VAL H 23 29.70 -1.95 18.50
C VAL H 23 29.59 -1.14 17.22
N PHE H 24 29.41 0.18 17.37
CA PHE H 24 29.68 1.13 16.31
C PHE H 24 31.19 1.17 16.06
N ASN H 25 31.59 1.79 14.95
CA ASN H 25 33.00 1.85 14.55
C ASN H 25 33.76 0.53 14.71
N ALA H 26 33.06 -0.59 14.65
CA ALA H 26 33.74 -1.87 14.55
C ALA H 26 34.46 -1.93 13.21
N THR H 27 35.60 -2.62 13.21
CA THR H 27 36.33 -2.88 11.96
C THR H 27 35.40 -3.47 10.89
N ARG H 28 34.53 -4.41 11.27
CA ARG H 28 33.59 -5.06 10.36
C ARG H 28 32.22 -5.23 11.00
N PHE H 29 31.20 -5.32 10.15
CA PHE H 29 29.85 -5.67 10.59
C PHE H 29 29.52 -7.03 9.99
N ALA H 30 28.68 -7.81 10.67
CA ALA H 30 28.38 -9.17 10.20
C ALA H 30 27.11 -9.17 9.35
N SER H 31 26.95 -10.21 8.53
CA SER H 31 25.72 -10.44 7.75
C SER H 31 24.51 -10.57 8.67
N VAL H 32 23.34 -10.19 8.16
CA VAL H 32 22.18 -10.19 9.05
C VAL H 32 21.84 -11.60 9.50
N TYR H 33 22.10 -12.61 8.66
CA TYR H 33 21.74 -13.98 9.04
C TYR H 33 22.58 -14.47 10.19
N ALA H 34 23.78 -13.92 10.32
CA ALA H 34 24.74 -14.26 11.34
C ALA H 34 24.96 -13.07 12.26
N TRP H 35 23.86 -12.39 12.63
CA TRP H 35 23.98 -11.16 13.38
C TRP H 35 24.85 -11.36 14.61
N ASN H 36 25.64 -10.34 14.94
CA ASN H 36 26.54 -10.35 16.08
C ASN H 36 25.85 -9.80 17.33
N ARG H 37 25.93 -10.53 18.43
CA ARG H 37 25.52 -10.07 19.75
C ARG H 37 26.75 -9.77 20.59
N LYS H 38 26.79 -8.59 21.20
CA LYS H 38 27.81 -8.25 22.20
C LYS H 38 27.09 -7.89 23.49
N ARG H 39 27.59 -8.36 24.62
CA ARG H 39 26.97 -8.02 25.90
C ARG H 39 27.71 -6.84 26.53
N ILE H 40 26.96 -5.83 26.95
CA ILE H 40 27.51 -4.67 27.65
C ILE H 40 26.94 -4.70 29.05
N SER H 41 27.81 -4.73 30.06
CA SER H 41 27.39 -5.18 31.39
C SER H 41 27.18 -4.08 32.42
N ASN H 42 28.25 -3.58 33.01
CA ASN H 42 28.14 -2.59 34.09
C ASN H 42 29.07 -1.43 33.77
N CYS H 43 28.50 -0.37 33.23
CA CYS H 43 29.29 0.76 32.78
C CYS H 43 28.40 1.99 32.66
N VAL H 44 29.01 3.08 32.22
CA VAL H 44 28.31 4.30 31.85
C VAL H 44 28.53 4.53 30.36
N ALA H 45 27.49 4.98 29.68
CA ALA H 45 27.46 5.03 28.23
C ALA H 45 27.76 6.43 27.71
N ASP H 46 28.43 6.47 26.55
CA ASP H 46 28.63 7.70 25.80
C ASP H 46 28.41 7.35 24.33
N TYR H 47 27.33 7.84 23.74
CA TYR H 47 27.02 7.61 22.33
C TYR H 47 27.54 8.73 21.43
N SER H 48 28.50 9.53 21.92
CA SER H 48 29.11 10.58 21.09
C SER H 48 29.79 10.02 19.85
N VAL H 49 30.09 8.72 19.86
CA VAL H 49 30.71 8.11 18.69
C VAL H 49 29.75 8.16 17.51
N LEU H 50 28.43 8.09 17.77
CA LEU H 50 27.45 8.05 16.69
C LEU H 50 27.50 9.28 15.79
N TYR H 51 27.84 10.46 16.34
CA TYR H 51 27.83 11.67 15.53
C TYR H 51 28.94 11.65 14.49
N ASN H 52 30.07 11.02 14.81
CA ASN H 52 31.25 11.05 13.95
C ASN H 52 31.24 9.94 12.89
N LEU H 53 30.62 8.79 13.17
CA LEU H 53 30.41 7.80 12.11
C LEU H 53 29.31 8.26 11.16
N ALA H 54 28.16 8.63 11.70
CA ALA H 54 26.95 8.90 10.92
C ALA H 54 26.52 10.35 11.00
N PRO H 55 26.68 11.14 9.93
CA PRO H 55 26.05 12.47 9.92
C PRO H 55 24.56 12.44 10.23
N PHE H 56 23.81 11.50 9.66
CA PHE H 56 22.36 11.37 9.87
C PHE H 56 22.05 9.93 10.26
N PHE H 57 21.80 9.71 11.56
CA PHE H 57 21.42 8.40 12.07
C PHE H 57 20.02 8.49 12.72
N THR H 58 19.50 7.34 13.15
CA THR H 58 18.08 7.17 13.51
C THR H 58 18.00 6.31 14.78
N PHE H 59 17.97 6.97 15.93
CA PHE H 59 17.86 6.29 17.22
C PHE H 59 16.37 6.14 17.59
N LYS H 60 15.77 4.98 17.31
CA LYS H 60 14.35 4.73 17.54
C LYS H 60 14.21 3.76 18.73
N CYS H 61 13.63 4.25 19.84
CA CYS H 61 13.47 3.47 21.07
C CYS H 61 12.01 3.14 21.39
N TYR H 62 11.76 1.90 21.81
CA TYR H 62 10.40 1.39 22.07
C TYR H 62 10.31 0.98 23.53
N GLY H 63 9.33 1.52 24.25
CA GLY H 63 9.11 1.19 25.64
C GLY H 63 10.16 1.67 26.62
N VAL H 64 11.23 2.34 26.17
CA VAL H 64 12.29 2.76 27.06
C VAL H 64 12.70 4.19 26.77
N SER H 65 12.80 4.99 27.81
CA SER H 65 13.46 6.27 27.64
C SER H 65 14.91 6.01 27.32
N PRO H 66 15.40 6.46 26.16
CA PRO H 66 16.78 6.15 25.77
C PRO H 66 17.81 6.79 26.70
N THR H 67 17.33 7.59 27.65
CA THR H 67 18.12 8.17 28.72
C THR H 67 18.31 7.20 29.91
N LYS H 68 17.48 6.15 30.00
CA LYS H 68 17.88 4.94 30.72
C LYS H 68 19.05 4.24 30.05
N LEU H 69 19.27 4.51 28.76
CA LEU H 69 20.42 3.93 28.08
C LEU H 69 21.70 4.70 28.33
N ASN H 70 21.62 5.81 29.07
CA ASN H 70 22.82 6.47 29.54
C ASN H 70 23.30 5.91 30.89
N ASP H 71 22.37 5.52 31.76
CA ASP H 71 22.67 4.92 33.08
C ASP H 71 22.32 3.43 33.06
N LEU H 72 23.32 2.59 32.83
CA LEU H 72 23.16 1.14 32.86
C LEU H 72 24.25 0.50 33.72
N CYS H 73 24.48 1.09 34.90
CA CYS H 73 25.44 0.57 35.87
C CYS H 73 24.93 -0.64 36.62
N PHE H 74 23.66 -0.99 36.53
CA PHE H 74 23.19 -2.21 37.15
C PHE H 74 22.36 -3.06 36.21
N THR H 75 22.24 -2.64 34.96
CA THR H 75 21.47 -3.32 33.93
C THR H 75 22.44 -4.06 33.01
N ASN H 76 21.93 -5.07 32.30
CA ASN H 76 22.66 -5.79 31.27
C ASN H 76 22.06 -5.55 29.90
N VAL H 77 22.87 -5.06 28.97
CA VAL H 77 22.40 -4.66 27.65
C VAL H 77 23.00 -5.58 26.60
N TYR H 78 22.19 -5.96 25.61
CA TYR H 78 22.61 -6.73 24.46
C TYR H 78 22.66 -5.80 23.25
N ALA H 79 23.74 -5.88 22.48
CA ALA H 79 23.89 -5.06 21.27
C ALA H 79 24.03 -5.98 20.07
N ASP H 80 22.98 -6.10 19.28
CA ASP H 80 23.01 -6.92 18.09
C ASP H 80 23.31 -6.03 16.88
N SER H 81 24.36 -6.36 16.15
CA SER H 81 24.77 -5.56 15.00
C SER H 81 24.65 -6.36 13.71
N PHE H 82 24.33 -5.68 12.60
CA PHE H 82 24.32 -6.30 11.29
C PHE H 82 24.19 -5.23 10.23
N VAL H 83 24.11 -5.66 8.98
CA VAL H 83 23.92 -4.78 7.84
C VAL H 83 22.75 -5.30 7.04
N ILE H 84 21.83 -4.40 6.72
CA ILE H 84 20.75 -4.69 5.79
C ILE H 84 20.74 -3.52 4.82
N ARG H 85 19.75 -3.45 3.94
CA ARG H 85 19.60 -2.31 3.06
C ARG H 85 18.42 -1.46 3.53
N GLY H 86 18.37 -0.21 3.05
CA GLY H 86 17.47 0.79 3.62
C GLY H 86 15.99 0.41 3.60
N ASP H 87 15.53 -0.21 2.50
CA ASP H 87 14.18 -0.76 2.40
C ASP H 87 13.80 -1.64 3.56
N GLU H 88 14.79 -2.28 4.18
CA GLU H 88 14.52 -3.31 5.17
C GLU H 88 14.65 -2.80 6.61
N VAL H 89 15.24 -1.62 6.83
CA VAL H 89 15.37 -1.08 8.18
C VAL H 89 14.02 -0.94 8.86
N ARG H 90 12.94 -0.79 8.08
CA ARG H 90 11.61 -0.75 8.67
C ARG H 90 11.19 -2.09 9.28
N GLN H 91 11.89 -3.19 8.95
CA GLN H 91 11.58 -4.52 9.48
C GLN H 91 12.26 -4.80 10.82
N ILE H 92 13.26 -4.01 11.21
CA ILE H 92 13.83 -4.11 12.55
C ILE H 92 12.98 -3.26 13.48
N ALA H 93 11.83 -3.81 13.86
CA ALA H 93 10.76 -3.12 14.56
C ALA H 93 9.72 -4.13 15.01
N PRO H 94 9.08 -3.94 16.15
CA PRO H 94 8.06 -4.90 16.59
C PRO H 94 6.92 -4.98 15.58
N GLY H 95 6.43 -6.20 15.35
CA GLY H 95 5.26 -6.39 14.53
C GLY H 95 5.48 -6.39 13.03
N GLN H 96 6.70 -6.32 12.54
CA GLN H 96 6.93 -6.26 11.11
C GLN H 96 7.16 -7.63 10.49
N THR H 97 6.93 -7.71 9.19
CA THR H 97 7.21 -8.89 8.39
C THR H 97 7.97 -8.47 7.15
N GLY H 98 8.49 -9.46 6.43
CA GLY H 98 9.42 -9.24 5.34
C GLY H 98 10.40 -10.41 5.30
N ASN H 99 11.44 -10.26 4.51
CA ASN H 99 12.45 -11.32 4.46
C ASN H 99 13.49 -11.20 5.54
N ILE H 100 13.68 -10.00 6.10
CA ILE H 100 14.66 -9.80 7.17
C ILE H 100 13.99 -9.99 8.53
N ALA H 101 12.71 -9.68 8.64
CA ALA H 101 12.05 -9.95 9.91
C ALA H 101 11.67 -11.40 10.03
N ASP H 102 11.33 -12.05 8.91
CA ASP H 102 10.81 -13.42 8.99
C ASP H 102 11.93 -14.46 9.02
N TYR H 103 13.04 -14.20 8.31
CA TYR H 103 14.07 -15.22 8.13
C TYR H 103 15.42 -14.89 8.72
N ASN H 104 15.64 -13.68 9.25
CA ASN H 104 16.99 -13.30 9.63
C ASN H 104 17.09 -12.74 11.05
N TYR H 105 16.35 -11.68 11.36
CA TYR H 105 16.39 -11.05 12.68
C TYR H 105 14.98 -10.58 13.02
N LYS H 106 14.35 -11.19 14.04
CA LYS H 106 12.99 -10.89 14.45
C LYS H 106 12.98 -10.25 15.83
N LEU H 107 12.32 -9.08 15.95
CA LEU H 107 12.08 -8.41 17.23
C LEU H 107 10.70 -8.78 17.75
N PRO H 108 10.58 -9.01 19.06
CA PRO H 108 9.31 -9.47 19.62
C PRO H 108 8.25 -8.39 19.48
N ASP H 109 6.98 -8.80 19.47
CA ASP H 109 5.93 -7.80 19.38
C ASP H 109 5.92 -6.88 20.60
N ASP H 110 6.25 -7.41 21.79
CA ASP H 110 6.37 -6.61 23.00
C ASP H 110 7.77 -6.00 23.17
N PHE H 111 8.55 -5.84 22.08
CA PHE H 111 9.93 -5.39 22.17
C PHE H 111 10.09 -4.18 23.06
N THR H 112 11.13 -4.19 23.89
CA THR H 112 11.57 -3.00 24.61
C THR H 112 13.08 -2.84 24.45
N GLY H 113 13.49 -1.68 23.96
CA GLY H 113 14.88 -1.44 23.57
C GLY H 113 14.93 -0.44 22.42
N CYS H 114 16.06 -0.40 21.73
CA CYS H 114 16.33 0.66 20.77
C CYS H 114 16.93 0.11 19.48
N VAL H 115 16.75 0.86 18.40
CA VAL H 115 17.21 0.48 17.06
C VAL H 115 17.88 1.70 16.41
N ILE H 116 19.19 1.67 16.28
CA ILE H 116 19.99 2.69 15.64
C ILE H 116 20.38 2.17 14.26
N ALA H 117 20.16 2.99 13.22
CA ALA H 117 20.55 2.67 11.85
C ALA H 117 21.16 3.90 11.20
N TRP H 118 22.18 3.69 10.36
CA TRP H 118 22.73 4.79 9.59
C TRP H 118 23.21 4.29 8.24
N ASN H 119 23.33 5.20 7.29
CA ASN H 119 23.82 4.86 5.96
C ASN H 119 25.29 4.45 5.98
N SER H 120 25.61 3.37 5.26
CA SER H 120 27.00 2.94 5.16
C SER H 120 27.41 2.71 3.72
N ASN H 121 26.90 3.53 2.79
CA ASN H 121 27.34 3.45 1.39
C ASN H 121 28.85 3.66 1.25
N LYS H 122 29.43 4.53 2.08
CA LYS H 122 30.84 4.86 1.92
C LYS H 122 31.74 3.68 2.25
N LEU H 123 31.34 2.84 3.20
CA LEU H 123 32.16 1.74 3.68
C LEU H 123 31.78 0.40 3.08
N ASP H 124 30.49 0.13 2.90
CA ASP H 124 30.04 -1.20 2.51
C ASP H 124 29.58 -1.29 1.06
N SER H 125 29.95 -0.35 0.20
CA SER H 125 29.64 -0.49 -1.21
C SER H 125 30.89 -0.29 -2.05
N LYS H 126 31.07 -1.15 -3.04
CA LYS H 126 32.16 -1.07 -3.98
C LYS H 126 31.59 -0.94 -5.39
N VAL H 127 32.37 -0.31 -6.28
CA VAL H 127 31.92 -0.06 -7.65
C VAL H 127 31.63 -1.35 -8.39
N SER H 128 32.45 -2.37 -8.15
CA SER H 128 32.28 -3.69 -8.74
C SER H 128 31.17 -4.49 -8.08
N GLY H 129 30.70 -4.03 -6.90
CA GLY H 129 29.75 -4.77 -6.08
C GLY H 129 30.36 -5.34 -4.81
N ASN H 130 29.73 -5.09 -3.66
CA ASN H 130 30.07 -5.79 -2.43
C ASN H 130 29.16 -7.01 -2.34
N TYR H 131 29.74 -8.20 -2.54
CA TYR H 131 28.99 -9.43 -2.50
C TYR H 131 29.21 -10.20 -1.19
N ASN H 132 29.72 -9.52 -0.16
CA ASN H 132 30.17 -10.19 1.06
C ASN H 132 29.13 -10.20 2.18
N TYR H 133 28.14 -9.32 2.14
CA TYR H 133 27.04 -9.34 3.08
C TYR H 133 25.96 -10.25 2.49
N LEU H 134 25.46 -11.18 3.29
CA LEU H 134 24.45 -12.13 2.84
C LEU H 134 23.23 -12.08 3.74
N TYR H 135 22.14 -12.65 3.24
CA TYR H 135 20.88 -12.73 3.96
C TYR H 135 20.22 -14.05 3.60
N ARG H 136 19.31 -14.49 4.47
CA ARG H 136 18.58 -15.73 4.22
C ARG H 136 17.36 -15.43 3.34
N LEU H 137 17.18 -16.22 2.28
CA LEU H 137 16.07 -16.02 1.36
C LEU H 137 15.00 -17.10 1.45
N PHE H 138 15.32 -18.26 2.05
CA PHE H 138 14.40 -19.39 2.14
C PHE H 138 14.44 -20.02 3.52
N ARG H 139 13.27 -20.35 4.07
CA ARG H 139 13.20 -21.04 5.34
C ARG H 139 11.81 -21.67 5.46
N LYS H 140 11.74 -22.85 6.09
CA LYS H 140 10.46 -23.55 6.20
C LYS H 140 9.54 -22.84 7.19
N SER H 141 10.11 -22.25 8.23
CA SER H 141 9.40 -21.58 9.31
C SER H 141 9.94 -20.17 9.47
N ASN H 142 9.13 -19.31 10.09
CA ASN H 142 9.60 -17.98 10.47
C ASN H 142 10.36 -18.05 11.78
N LEU H 143 11.43 -17.26 11.84
CA LEU H 143 12.25 -17.12 13.03
C LEU H 143 11.39 -16.73 14.24
N LYS H 144 11.68 -17.34 15.40
CA LYS H 144 11.11 -16.83 16.64
C LYS H 144 11.90 -15.61 17.07
N PRO H 145 11.35 -14.76 17.96
CA PRO H 145 12.06 -13.52 18.28
C PRO H 145 13.43 -13.80 18.87
N PHE H 146 14.43 -13.08 18.37
CA PHE H 146 15.81 -13.15 18.81
C PHE H 146 16.49 -14.48 18.43
N GLU H 147 15.91 -15.22 17.49
CA GLU H 147 16.45 -16.49 17.00
C GLU H 147 17.56 -16.24 15.98
N ARG H 148 18.51 -17.17 15.90
CA ARG H 148 19.62 -17.06 14.95
C ARG H 148 19.76 -18.36 14.20
N ASP H 149 19.90 -18.27 12.88
CA ASP H 149 19.97 -19.44 12.00
C ASP H 149 21.13 -19.24 11.04
N ILE H 150 22.32 -19.67 11.43
CA ILE H 150 23.47 -19.65 10.54
C ILE H 150 23.64 -20.97 9.79
N SER H 151 22.58 -21.78 9.70
CA SER H 151 22.64 -23.01 8.93
C SER H 151 22.77 -22.70 7.45
N THR H 152 23.33 -23.66 6.72
CA THR H 152 23.60 -23.51 5.29
C THR H 152 22.99 -24.66 4.48
N GLU H 153 22.00 -25.36 5.03
CA GLU H 153 21.44 -26.57 4.41
C GLU H 153 20.46 -26.24 3.29
N ILE H 154 20.61 -26.93 2.15
CA ILE H 154 19.81 -26.67 0.96
C ILE H 154 18.31 -26.73 1.27
N TYR H 155 17.57 -25.76 0.74
CA TYR H 155 16.14 -25.63 1.00
C TYR H 155 15.32 -26.37 -0.05
N GLN H 156 14.30 -27.10 0.40
CA GLN H 156 13.47 -27.92 -0.47
C GLN H 156 12.19 -27.16 -0.79
N ALA H 157 12.15 -26.55 -1.97
CA ALA H 157 10.97 -25.83 -2.39
C ALA H 157 9.98 -26.70 -3.17
N GLY H 158 10.37 -27.94 -3.50
CA GLY H 158 9.57 -28.84 -4.30
C GLY H 158 9.09 -30.05 -3.54
N ASN H 159 8.45 -30.96 -4.30
CA ASN H 159 7.91 -32.23 -3.80
C ASN H 159 8.92 -33.36 -3.83
N LYS H 160 10.12 -33.12 -4.38
CA LYS H 160 11.14 -34.16 -4.51
C LYS H 160 12.31 -33.87 -3.57
N PRO H 161 13.13 -34.87 -3.22
CA PRO H 161 14.31 -34.61 -2.40
C PRO H 161 15.40 -33.87 -3.17
N CYS H 162 16.31 -33.25 -2.42
CA CYS H 162 17.37 -32.45 -3.01
C CYS H 162 18.73 -33.16 -3.05
N ASN H 163 18.86 -34.24 -2.29
CA ASN H 163 20.02 -35.10 -2.35
C ASN H 163 21.31 -34.30 -2.23
N GLY H 164 21.27 -33.28 -1.35
CA GLY H 164 22.45 -32.52 -0.96
C GLY H 164 23.09 -31.69 -2.04
N VAL H 165 22.40 -31.46 -3.17
CA VAL H 165 22.87 -30.52 -4.19
C VAL H 165 21.74 -29.55 -4.49
N ALA H 166 22.14 -28.38 -5.01
CA ALA H 166 21.16 -27.38 -5.39
C ALA H 166 20.69 -27.63 -6.82
N GLY H 167 19.66 -26.90 -7.23
CA GLY H 167 19.13 -27.00 -8.57
C GLY H 167 17.64 -26.67 -8.59
N PHE H 168 16.92 -27.30 -9.53
CA PHE H 168 15.49 -27.10 -9.65
C PHE H 168 14.81 -27.33 -8.29
N ASN H 169 14.08 -26.30 -7.82
CA ASN H 169 13.33 -26.26 -6.56
C ASN H 169 14.18 -26.59 -5.34
N CYS H 170 15.50 -26.43 -5.46
CA CYS H 170 16.44 -26.70 -4.38
C CYS H 170 17.43 -25.54 -4.32
N TYR H 171 17.42 -24.80 -3.21
CA TYR H 171 18.11 -23.51 -3.14
C TYR H 171 19.15 -23.51 -2.02
N PHE H 172 20.35 -23.07 -2.34
CA PHE H 172 21.24 -22.68 -1.27
C PHE H 172 20.60 -21.50 -0.55
N PRO H 173 20.38 -21.58 0.77
CA PRO H 173 19.42 -20.67 1.42
C PRO H 173 19.93 -19.26 1.65
N LEU H 174 21.18 -18.95 1.33
CA LEU H 174 21.70 -17.61 1.54
C LEU H 174 22.04 -16.97 0.20
N ARG H 175 21.85 -15.65 0.12
CA ARG H 175 22.15 -14.87 -1.08
C ARG H 175 23.05 -13.69 -0.71
N SER H 176 23.84 -13.23 -1.68
CA SER H 176 24.61 -12.01 -1.48
C SER H 176 23.76 -10.77 -1.74
N TYR H 177 24.24 -9.64 -1.24
CA TYR H 177 23.45 -8.43 -1.27
C TYR H 177 23.71 -7.54 -2.46
N SER H 178 24.92 -7.56 -3.01
CA SER H 178 25.23 -6.83 -4.26
C SER H 178 25.20 -5.31 -4.10
N PHE H 179 25.69 -4.78 -2.97
CA PHE H 179 25.73 -3.33 -2.76
C PHE H 179 26.73 -2.66 -3.70
N ARG H 180 26.28 -1.61 -4.39
CA ARG H 180 27.10 -0.73 -5.22
C ARG H 180 26.78 0.71 -4.88
N PRO H 181 27.74 1.64 -5.03
CA PRO H 181 27.49 3.02 -4.61
C PRO H 181 26.47 3.74 -5.46
N THR H 182 26.26 3.29 -6.69
CA THR H 182 25.39 3.97 -7.65
C THR H 182 23.91 3.68 -7.43
N TYR H 183 23.53 3.03 -6.33
CA TYR H 183 22.16 2.57 -6.10
C TYR H 183 21.33 3.70 -5.52
N GLY H 184 20.03 3.46 -5.36
CA GLY H 184 19.20 4.34 -4.58
C GLY H 184 19.57 4.27 -3.11
N VAL H 185 19.22 5.31 -2.37
CA VAL H 185 19.32 5.25 -0.91
C VAL H 185 18.58 4.03 -0.38
N GLY H 186 17.51 3.61 -1.05
CA GLY H 186 16.77 2.45 -0.59
C GLY H 186 17.57 1.17 -0.68
N HIS H 187 18.30 0.97 -1.78
CA HIS H 187 19.03 -0.25 -2.06
C HIS H 187 20.48 -0.21 -1.59
N GLN H 188 20.88 0.82 -0.74
CA GLN H 188 22.20 1.08 -0.20
C GLN H 188 22.39 0.38 1.15
N PRO H 189 23.65 0.14 1.54
CA PRO H 189 23.91 -0.49 2.84
C PRO H 189 23.59 0.42 4.02
N TYR H 190 22.96 -0.17 5.03
CA TYR H 190 22.73 0.48 6.31
C TYR H 190 23.31 -0.43 7.38
N ARG H 191 23.99 0.15 8.37
CA ARG H 191 24.45 -0.60 9.52
C ARG H 191 23.46 -0.40 10.65
N VAL H 192 23.03 -1.49 11.27
CA VAL H 192 22.04 -1.44 12.33
C VAL H 192 22.65 -1.99 13.62
N VAL H 193 22.29 -1.37 14.74
CA VAL H 193 22.61 -1.83 16.10
C VAL H 193 21.31 -1.85 16.87
N VAL H 194 20.98 -2.99 17.49
CA VAL H 194 19.78 -3.18 18.30
C VAL H 194 20.20 -3.35 19.76
N LEU H 195 19.99 -2.32 20.57
CA LEU H 195 20.18 -2.40 22.02
C LEU H 195 18.93 -3.00 22.65
N SER H 196 19.08 -4.07 23.41
CA SER H 196 17.96 -4.74 24.04
C SER H 196 18.35 -5.08 25.47
N PHE H 197 17.35 -5.38 26.30
CA PHE H 197 17.60 -5.59 27.72
C PHE H 197 17.40 -7.05 28.10
N GLU H 198 18.29 -7.55 28.97
CA GLU H 198 18.22 -8.92 29.45
C GLU H 198 17.32 -9.02 30.68
#